data_8RTJ
# 
_entry.id   8RTJ 
# 
_audit_conform.dict_name       mmcif_pdbx.dic 
_audit_conform.dict_version    5.404 
_audit_conform.dict_location   http://mmcif.pdb.org/dictionaries/ascii/mmcif_pdbx.dic 
# 
loop_
_database_2.database_id 
_database_2.database_code 
_database_2.pdbx_database_accession 
_database_2.pdbx_DOI 
PDB   8RTJ         pdb_00008rtj 10.2210/pdb8rtj/pdb 
WWPDB D_1292136187 ?            ?                   
# 
loop_
_pdbx_audit_revision_history.ordinal 
_pdbx_audit_revision_history.data_content_type 
_pdbx_audit_revision_history.major_revision 
_pdbx_audit_revision_history.minor_revision 
_pdbx_audit_revision_history.revision_date 
_pdbx_audit_revision_history.part_number 
1 'Structure model' 1 0 2025-02-12 ? 
2 'Structure model' 1 1 2025-07-16 ? 
# 
_pdbx_audit_revision_details.ordinal             1 
_pdbx_audit_revision_details.revision_ordinal    1 
_pdbx_audit_revision_details.data_content_type   'Structure model' 
_pdbx_audit_revision_details.provider            repository 
_pdbx_audit_revision_details.type                'Initial release' 
_pdbx_audit_revision_details.description         ? 
_pdbx_audit_revision_details.details             ? 
# 
_pdbx_audit_revision_group.ordinal             1 
_pdbx_audit_revision_group.revision_ordinal    2 
_pdbx_audit_revision_group.data_content_type   'Structure model' 
_pdbx_audit_revision_group.group               'Database references' 
# 
loop_
_pdbx_audit_revision_category.ordinal 
_pdbx_audit_revision_category.revision_ordinal 
_pdbx_audit_revision_category.data_content_type 
_pdbx_audit_revision_category.category 
1 2 'Structure model' citation        
2 2 'Structure model' citation_author 
# 
loop_
_pdbx_audit_revision_item.ordinal 
_pdbx_audit_revision_item.revision_ordinal 
_pdbx_audit_revision_item.data_content_type 
_pdbx_audit_revision_item.item 
1  2 'Structure model' '_citation.country'                 
2  2 'Structure model' '_citation.journal_abbrev'          
3  2 'Structure model' '_citation.journal_id_CSD'          
4  2 'Structure model' '_citation.journal_id_ISSN'         
5  2 'Structure model' '_citation.journal_volume'          
6  2 'Structure model' '_citation.page_first'              
7  2 'Structure model' '_citation.page_last'               
8  2 'Structure model' '_citation.pdbx_database_id_DOI'    
9  2 'Structure model' '_citation.pdbx_database_id_PubMed' 
10 2 'Structure model' '_citation.title'                   
11 2 'Structure model' '_citation.year'                    
# 
_pdbx_database_status.status_code                     REL 
_pdbx_database_status.status_code_sf                  REL 
_pdbx_database_status.status_code_mr                  ? 
_pdbx_database_status.entry_id                        8RTJ 
_pdbx_database_status.recvd_initial_deposition_date   2024-01-26 
_pdbx_database_status.SG_entry                        N 
_pdbx_database_status.deposit_site                    PDBE 
_pdbx_database_status.process_site                    PDBE 
_pdbx_database_status.status_code_cs                  ? 
_pdbx_database_status.status_code_nmr_data            ? 
_pdbx_database_status.methods_development_category    ? 
_pdbx_database_status.pdb_format_compatible           N 
# 
_pdbx_contact_author.id                 2 
_pdbx_contact_author.email              maddalena.paolillo@unina.it 
_pdbx_contact_author.name_first         Maddalena 
_pdbx_contact_author.name_last          Paolillo 
_pdbx_contact_author.name_mi            ? 
_pdbx_contact_author.role               'principal investigator/group leader' 
_pdbx_contact_author.identifier_ORCID   0000-0001-6289-8862 
# 
loop_
_audit_author.name 
_audit_author.pdbx_ordinal 
_audit_author.identifier_ORCID 
'Paolillo, M.' 1 0000-0001-6289-8862 
'Ferraro, G.'  2 0000-0001-9385-2429 
'Merlino, A.'  3 0000-0002-1045-7720 
# 
_citation.abstract                  ? 
_citation.abstract_id_CAS           ? 
_citation.book_id_ISBN              ? 
_citation.book_publisher            ? 
_citation.book_publisher_city       ? 
_citation.book_title                ? 
_citation.coordinate_linkage        ? 
_citation.country                   GE 
_citation.database_id_Medline       ? 
_citation.details                   ? 
_citation.id                        primary 
_citation.journal_abbrev            Chemistry 
_citation.journal_id_ASTM           ? 
_citation.journal_id_CSD            ? 
_citation.journal_id_ISSN           0947-6539 
_citation.journal_full              ? 
_citation.journal_issue             ? 
_citation.journal_volume            30 
_citation.language                  ? 
_citation.page_first                e202401712 
_citation.page_last                 e202401712 
_citation.title                     'Protein-Protein Stabilization in V IV O/8-Hydroxyquinoline-Lysozyme Adducts.' 
_citation.year                      2024 
_citation.database_id_CSD           ? 
_citation.pdbx_database_id_DOI      10.1002/chem.202401712 
_citation.pdbx_database_id_PubMed   38923243 
_citation.pdbx_database_id_patent   ? 
_citation.unpublished_flag          ? 
# 
loop_
_citation_author.citation_id 
_citation_author.name 
_citation_author.ordinal 
_citation_author.identifier_ORCID 
primary 'Paolillo, M.'   1 ?                   
primary 'Ferraro, G.'    2 ?                   
primary 'Pisanu, F.'     3 ?                   
primary 'Marechal, J.D.' 4 ?                   
primary 'Sciortino, G.'  5 ?                   
primary 'Garribba, E.'   6 0000-0002-7229-5966 
primary 'Merlino, A.'    7 ?                   
# 
loop_
_entity.id 
_entity.type 
_entity.src_method 
_entity.pdbx_description 
_entity.formula_weight 
_entity.pdbx_number_of_molecules 
_entity.pdbx_ec 
_entity.pdbx_mutation 
_entity.pdbx_fragment 
_entity.details 
1 polymer     nat 'Lysozyme C' 14331.160 1   3.2.1.17 ? ? ? 
2 non-polymer syn 'SODIUM ION' 22.990    1   ?        ? ? ? 
3 non-polymer syn 
'2,2-bis($l^{1}-oxidanyl)-3-oxa-1$l^{4}-aza-2$l^{4}-vanadatricyclo[6.3.1.0^{4,12}]dodeca-1(12),4,6,8,10-pentaene' 229.106   1   ? 
? ? ? 
4 non-polymer syn 'VANADIUM ION' 50.941    1   ?        ? ? ? 
5 non-polymer syn 'NITRATE ION' 62.005    9   ?        ? ? ? 
6 water       nat water 18.015    147 ?        ? ? ? 
# 
_entity_name_com.entity_id   1 
_entity_name_com.name        '1,4-beta-N-acetylmuramidase C,Allergen Gal d IV' 
# 
_entity_poly.entity_id                      1 
_entity_poly.type                           'polypeptide(L)' 
_entity_poly.nstd_linkage                   no 
_entity_poly.nstd_monomer                   no 
_entity_poly.pdbx_seq_one_letter_code       
;KVFGRCELAAAMKRHGLDNYRGYSLGNWVCAAKFESNFNTQATNRNTDGSTDYGILQINSRWWCNDGRTPGSRNLCNIPC
SALLSSDITASVNCAKKIVSDGNGMNAWVAWRNRCKGTDVQAWIRGCRL
;
_entity_poly.pdbx_seq_one_letter_code_can   
;KVFGRCELAAAMKRHGLDNYRGYSLGNWVCAAKFESNFNTQATNRNTDGSTDYGILQINSRWWCNDGRTPGSRNLCNIPC
SALLSSDITASVNCAKKIVSDGNGMNAWVAWRNRCKGTDVQAWIRGCRL
;
_entity_poly.pdbx_strand_id                 AAA 
_entity_poly.pdbx_target_identifier         ? 
# 
loop_
_pdbx_entity_nonpoly.entity_id 
_pdbx_entity_nonpoly.name 
_pdbx_entity_nonpoly.comp_id 
2 'SODIUM ION'                                                                                                      NA  
3 '2,2-bis($l^{1}-oxidanyl)-3-oxa-1$l^{4}-aza-2$l^{4}-vanadatricyclo[6.3.1.0^{4,12}]dodeca-1(12),4,6,8,10-pentaene' I3Y 
4 'VANADIUM ION'                                                                                                    V   
5 'NITRATE ION'                                                                                                     NO3 
6 water                                                                                                             HOH 
# 
loop_
_entity_poly_seq.entity_id 
_entity_poly_seq.num 
_entity_poly_seq.mon_id 
_entity_poly_seq.hetero 
1 1   LYS n 
1 2   VAL n 
1 3   PHE n 
1 4   GLY n 
1 5   ARG n 
1 6   CYS n 
1 7   GLU n 
1 8   LEU n 
1 9   ALA n 
1 10  ALA n 
1 11  ALA n 
1 12  MET n 
1 13  LYS n 
1 14  ARG n 
1 15  HIS n 
1 16  GLY n 
1 17  LEU n 
1 18  ASP n 
1 19  ASN n 
1 20  TYR n 
1 21  ARG n 
1 22  GLY n 
1 23  TYR n 
1 24  SER n 
1 25  LEU n 
1 26  GLY n 
1 27  ASN n 
1 28  TRP n 
1 29  VAL n 
1 30  CYS n 
1 31  ALA n 
1 32  ALA n 
1 33  LYS n 
1 34  PHE n 
1 35  GLU n 
1 36  SER n 
1 37  ASN n 
1 38  PHE n 
1 39  ASN n 
1 40  THR n 
1 41  GLN n 
1 42  ALA n 
1 43  THR n 
1 44  ASN n 
1 45  ARG n 
1 46  ASN n 
1 47  THR n 
1 48  ASP n 
1 49  GLY n 
1 50  SER n 
1 51  THR n 
1 52  ASP n 
1 53  TYR n 
1 54  GLY n 
1 55  ILE n 
1 56  LEU n 
1 57  GLN n 
1 58  ILE n 
1 59  ASN n 
1 60  SER n 
1 61  ARG n 
1 62  TRP n 
1 63  TRP n 
1 64  CYS n 
1 65  ASN n 
1 66  ASP n 
1 67  GLY n 
1 68  ARG n 
1 69  THR n 
1 70  PRO n 
1 71  GLY n 
1 72  SER n 
1 73  ARG n 
1 74  ASN n 
1 75  LEU n 
1 76  CYS n 
1 77  ASN n 
1 78  ILE n 
1 79  PRO n 
1 80  CYS n 
1 81  SER n 
1 82  ALA n 
1 83  LEU n 
1 84  LEU n 
1 85  SER n 
1 86  SER n 
1 87  ASP n 
1 88  ILE n 
1 89  THR n 
1 90  ALA n 
1 91  SER n 
1 92  VAL n 
1 93  ASN n 
1 94  CYS n 
1 95  ALA n 
1 96  LYS n 
1 97  LYS n 
1 98  ILE n 
1 99  VAL n 
1 100 SER n 
1 101 ASP n 
1 102 GLY n 
1 103 ASN n 
1 104 GLY n 
1 105 MET n 
1 106 ASN n 
1 107 ALA n 
1 108 TRP n 
1 109 VAL n 
1 110 ALA n 
1 111 TRP n 
1 112 ARG n 
1 113 ASN n 
1 114 ARG n 
1 115 CYS n 
1 116 LYS n 
1 117 GLY n 
1 118 THR n 
1 119 ASP n 
1 120 VAL n 
1 121 GLN n 
1 122 ALA n 
1 123 TRP n 
1 124 ILE n 
1 125 ARG n 
1 126 GLY n 
1 127 CYS n 
1 128 ARG n 
1 129 LEU n 
# 
_entity_src_nat.entity_id                  1 
_entity_src_nat.pdbx_src_id                1 
_entity_src_nat.pdbx_alt_source_flag       sample 
_entity_src_nat.pdbx_beg_seq_num           1 
_entity_src_nat.pdbx_end_seq_num           129 
_entity_src_nat.common_name                chicken 
_entity_src_nat.pdbx_organism_scientific   'Gallus gallus' 
_entity_src_nat.pdbx_ncbi_taxonomy_id      9031 
_entity_src_nat.genus                      ? 
_entity_src_nat.species                    ? 
_entity_src_nat.strain                     ? 
_entity_src_nat.tissue                     ? 
_entity_src_nat.tissue_fraction            ? 
_entity_src_nat.pdbx_secretion             ? 
_entity_src_nat.pdbx_fragment              ? 
_entity_src_nat.pdbx_variant               ? 
_entity_src_nat.pdbx_cell_line             ? 
_entity_src_nat.pdbx_atcc                  ? 
_entity_src_nat.pdbx_cellular_location     ? 
_entity_src_nat.pdbx_organ                 ? 
_entity_src_nat.pdbx_organelle             ? 
_entity_src_nat.pdbx_cell                  ? 
_entity_src_nat.pdbx_plasmid_name          ? 
_entity_src_nat.pdbx_plasmid_details       ? 
_entity_src_nat.details                    ? 
# 
loop_
_chem_comp.id 
_chem_comp.type 
_chem_comp.mon_nstd_flag 
_chem_comp.name 
_chem_comp.pdbx_synonyms 
_chem_comp.formula 
_chem_comp.formula_weight 
ALA 'L-peptide linking' y ALANINE ? 'C3 H7 N O2'     89.093  
ARG 'L-peptide linking' y ARGININE ? 'C6 H15 N4 O2 1' 175.209 
ASN 'L-peptide linking' y ASPARAGINE ? 'C4 H8 N2 O3'    132.118 
ASP 'L-peptide linking' y 'ASPARTIC ACID' ? 'C4 H7 N O4'     133.103 
CYS 'L-peptide linking' y CYSTEINE ? 'C3 H7 N O2 S'   121.158 
GLN 'L-peptide linking' y GLUTAMINE ? 'C5 H10 N2 O3'   146.144 
GLU 'L-peptide linking' y 'GLUTAMIC ACID' ? 'C5 H9 N O4'     147.129 
GLY 'peptide linking'   y GLYCINE ? 'C2 H5 N O2'     75.067  
HIS 'L-peptide linking' y HISTIDINE ? 'C6 H10 N3 O2 1' 156.162 
HOH non-polymer         . WATER ? 'H2 O'           18.015  
I3Y non-polymer         . 
'2,2-bis($l^{1}-oxidanyl)-3-oxa-1$l^{4}-aza-2$l^{4}-vanadatricyclo[6.3.1.0^{4,12}]dodeca-1(12),4,6,8,10-pentaene' ? 
'C9 H8 N O3 V 1' 229.106 
ILE 'L-peptide linking' y ISOLEUCINE ? 'C6 H13 N O2'    131.173 
LEU 'L-peptide linking' y LEUCINE ? 'C6 H13 N O2'    131.173 
LYS 'L-peptide linking' y LYSINE ? 'C6 H15 N2 O2 1' 147.195 
MET 'L-peptide linking' y METHIONINE ? 'C5 H11 N O2 S'  149.211 
NA  non-polymer         . 'SODIUM ION' ? 'Na 1'           22.990  
NO3 non-polymer         . 'NITRATE ION' ? 'N O3 -1'        62.005  
PHE 'L-peptide linking' y PHENYLALANINE ? 'C9 H11 N O2'    165.189 
PRO 'L-peptide linking' y PROLINE ? 'C5 H9 N O2'     115.130 
SER 'L-peptide linking' y SERINE ? 'C3 H7 N O3'     105.093 
THR 'L-peptide linking' y THREONINE ? 'C4 H9 N O3'     119.119 
TRP 'L-peptide linking' y TRYPTOPHAN ? 'C11 H12 N2 O2'  204.225 
TYR 'L-peptide linking' y TYROSINE ? 'C9 H11 N O3'    181.189 
V   non-polymer         . 'VANADIUM ION' ? 'V 3'            50.941  
VAL 'L-peptide linking' y VALINE ? 'C5 H11 N O2'    117.146 
# 
loop_
_pdbx_poly_seq_scheme.asym_id 
_pdbx_poly_seq_scheme.entity_id 
_pdbx_poly_seq_scheme.seq_id 
_pdbx_poly_seq_scheme.mon_id 
_pdbx_poly_seq_scheme.ndb_seq_num 
_pdbx_poly_seq_scheme.pdb_seq_num 
_pdbx_poly_seq_scheme.auth_seq_num 
_pdbx_poly_seq_scheme.pdb_mon_id 
_pdbx_poly_seq_scheme.auth_mon_id 
_pdbx_poly_seq_scheme.pdb_strand_id 
_pdbx_poly_seq_scheme.pdb_ins_code 
_pdbx_poly_seq_scheme.hetero 
A 1 1   LYS 1   1   1   LYS LYS AAA . n 
A 1 2   VAL 2   2   2   VAL VAL AAA . n 
A 1 3   PHE 3   3   3   PHE PHE AAA . n 
A 1 4   GLY 4   4   4   GLY GLY AAA . n 
A 1 5   ARG 5   5   5   ARG ARG AAA . n 
A 1 6   CYS 6   6   6   CYS CYS AAA . n 
A 1 7   GLU 7   7   7   GLU GLU AAA . n 
A 1 8   LEU 8   8   8   LEU LEU AAA . n 
A 1 9   ALA 9   9   9   ALA ALA AAA . n 
A 1 10  ALA 10  10  10  ALA ALA AAA . n 
A 1 11  ALA 11  11  11  ALA ALA AAA . n 
A 1 12  MET 12  12  12  MET MET AAA . n 
A 1 13  LYS 13  13  13  LYS LYS AAA . n 
A 1 14  ARG 14  14  14  ARG ARG AAA . n 
A 1 15  HIS 15  15  15  HIS HIS AAA . n 
A 1 16  GLY 16  16  16  GLY GLY AAA . n 
A 1 17  LEU 17  17  17  LEU LEU AAA . n 
A 1 18  ASP 18  18  18  ASP ASP AAA . n 
A 1 19  ASN 19  19  19  ASN ASN AAA . n 
A 1 20  TYR 20  20  20  TYR TYR AAA . n 
A 1 21  ARG 21  21  21  ARG ARG AAA . n 
A 1 22  GLY 22  22  22  GLY GLY AAA . n 
A 1 23  TYR 23  23  23  TYR TYR AAA . n 
A 1 24  SER 24  24  24  SER SER AAA . n 
A 1 25  LEU 25  25  25  LEU LEU AAA . n 
A 1 26  GLY 26  26  26  GLY GLY AAA . n 
A 1 27  ASN 27  27  27  ASN ASN AAA . n 
A 1 28  TRP 28  28  28  TRP TRP AAA . n 
A 1 29  VAL 29  29  29  VAL VAL AAA . n 
A 1 30  CYS 30  30  30  CYS CYS AAA . n 
A 1 31  ALA 31  31  31  ALA ALA AAA . n 
A 1 32  ALA 32  32  32  ALA ALA AAA . n 
A 1 33  LYS 33  33  33  LYS LYS AAA . n 
A 1 34  PHE 34  34  34  PHE PHE AAA . n 
A 1 35  GLU 35  35  35  GLU GLU AAA . n 
A 1 36  SER 36  36  36  SER SER AAA . n 
A 1 37  ASN 37  37  37  ASN ASN AAA . n 
A 1 38  PHE 38  38  38  PHE PHE AAA . n 
A 1 39  ASN 39  39  39  ASN ASN AAA . n 
A 1 40  THR 40  40  40  THR THR AAA . n 
A 1 41  GLN 41  41  41  GLN GLN AAA . n 
A 1 42  ALA 42  42  42  ALA ALA AAA . n 
A 1 43  THR 43  43  43  THR THR AAA . n 
A 1 44  ASN 44  44  44  ASN ASN AAA . n 
A 1 45  ARG 45  45  45  ARG ARG AAA . n 
A 1 46  ASN 46  46  46  ASN ASN AAA . n 
A 1 47  THR 47  47  47  THR THR AAA . n 
A 1 48  ASP 48  48  48  ASP ASP AAA . n 
A 1 49  GLY 49  49  49  GLY GLY AAA . n 
A 1 50  SER 50  50  50  SER SER AAA . n 
A 1 51  THR 51  51  51  THR THR AAA . n 
A 1 52  ASP 52  52  52  ASP ASP AAA . n 
A 1 53  TYR 53  53  53  TYR TYR AAA . n 
A 1 54  GLY 54  54  54  GLY GLY AAA . n 
A 1 55  ILE 55  55  55  ILE ILE AAA . n 
A 1 56  LEU 56  56  56  LEU LEU AAA . n 
A 1 57  GLN 57  57  57  GLN GLN AAA . n 
A 1 58  ILE 58  58  58  ILE ILE AAA . n 
A 1 59  ASN 59  59  59  ASN ASN AAA . n 
A 1 60  SER 60  60  60  SER SER AAA . n 
A 1 61  ARG 61  61  61  ARG ARG AAA . n 
A 1 62  TRP 62  62  62  TRP TRP AAA . n 
A 1 63  TRP 63  63  63  TRP TRP AAA . n 
A 1 64  CYS 64  64  64  CYS CYS AAA . n 
A 1 65  ASN 65  65  65  ASN ASN AAA . n 
A 1 66  ASP 66  66  66  ASP ASP AAA . n 
A 1 67  GLY 67  67  67  GLY GLY AAA . n 
A 1 68  ARG 68  68  68  ARG ARG AAA . n 
A 1 69  THR 69  69  69  THR THR AAA . n 
A 1 70  PRO 70  70  70  PRO PRO AAA . n 
A 1 71  GLY 71  71  71  GLY GLY AAA . n 
A 1 72  SER 72  72  72  SER SER AAA . n 
A 1 73  ARG 73  73  73  ARG ARG AAA . n 
A 1 74  ASN 74  74  74  ASN ASN AAA . n 
A 1 75  LEU 75  75  75  LEU LEU AAA . n 
A 1 76  CYS 76  76  76  CYS CYS AAA . n 
A 1 77  ASN 77  77  77  ASN ASN AAA . n 
A 1 78  ILE 78  78  78  ILE ILE AAA . n 
A 1 79  PRO 79  79  79  PRO PRO AAA . n 
A 1 80  CYS 80  80  80  CYS CYS AAA . n 
A 1 81  SER 81  81  81  SER SER AAA . n 
A 1 82  ALA 82  82  82  ALA ALA AAA . n 
A 1 83  LEU 83  83  83  LEU LEU AAA . n 
A 1 84  LEU 84  84  84  LEU LEU AAA . n 
A 1 85  SER 85  85  85  SER SER AAA . n 
A 1 86  SER 86  86  86  SER SER AAA . n 
A 1 87  ASP 87  87  87  ASP ASP AAA . n 
A 1 88  ILE 88  88  88  ILE ILE AAA . n 
A 1 89  THR 89  89  89  THR THR AAA . n 
A 1 90  ALA 90  90  90  ALA ALA AAA . n 
A 1 91  SER 91  91  91  SER SER AAA . n 
A 1 92  VAL 92  92  92  VAL VAL AAA . n 
A 1 93  ASN 93  93  93  ASN ASN AAA . n 
A 1 94  CYS 94  94  94  CYS CYS AAA . n 
A 1 95  ALA 95  95  95  ALA ALA AAA . n 
A 1 96  LYS 96  96  96  LYS LYS AAA . n 
A 1 97  LYS 97  97  97  LYS LYS AAA . n 
A 1 98  ILE 98  98  98  ILE ILE AAA . n 
A 1 99  VAL 99  99  99  VAL VAL AAA . n 
A 1 100 SER 100 100 100 SER SER AAA . n 
A 1 101 ASP 101 101 101 ASP ASP AAA . n 
A 1 102 GLY 102 102 102 GLY GLY AAA . n 
A 1 103 ASN 103 103 103 ASN ASN AAA . n 
A 1 104 GLY 104 104 104 GLY GLY AAA . n 
A 1 105 MET 105 105 105 MET MET AAA . n 
A 1 106 ASN 106 106 106 ASN ASN AAA . n 
A 1 107 ALA 107 107 107 ALA ALA AAA . n 
A 1 108 TRP 108 108 108 TRP TRP AAA . n 
A 1 109 VAL 109 109 109 VAL VAL AAA . n 
A 1 110 ALA 110 110 110 ALA ALA AAA . n 
A 1 111 TRP 111 111 111 TRP TRP AAA . n 
A 1 112 ARG 112 112 112 ARG ARG AAA . n 
A 1 113 ASN 113 113 113 ASN ASN AAA . n 
A 1 114 ARG 114 114 114 ARG ARG AAA . n 
A 1 115 CYS 115 115 115 CYS CYS AAA . n 
A 1 116 LYS 116 116 116 LYS LYS AAA . n 
A 1 117 GLY 117 117 117 GLY GLY AAA . n 
A 1 118 THR 118 118 118 THR THR AAA . n 
A 1 119 ASP 119 119 119 ASP ASP AAA . n 
A 1 120 VAL 120 120 120 VAL VAL AAA . n 
A 1 121 GLN 121 121 121 GLN GLN AAA . n 
A 1 122 ALA 122 122 122 ALA ALA AAA . n 
A 1 123 TRP 123 123 123 TRP TRP AAA . n 
A 1 124 ILE 124 124 124 ILE ILE AAA . n 
A 1 125 ARG 125 125 125 ARG ARG AAA . n 
A 1 126 GLY 126 126 126 GLY GLY AAA . n 
A 1 127 CYS 127 127 127 CYS CYS AAA . n 
A 1 128 ARG 128 128 128 ARG ARG AAA . n 
A 1 129 LEU 129 129 129 LEU LEU AAA . n 
# 
_pdbx_entity_instance_feature.ordinal        1 
_pdbx_entity_instance_feature.comp_id        I3Y 
_pdbx_entity_instance_feature.asym_id        ? 
_pdbx_entity_instance_feature.seq_num        ? 
_pdbx_entity_instance_feature.auth_comp_id   I3Y 
_pdbx_entity_instance_feature.auth_asym_id   ? 
_pdbx_entity_instance_feature.auth_seq_num   ? 
_pdbx_entity_instance_feature.feature_type   'SUBJECT OF INVESTIGATION' 
_pdbx_entity_instance_feature.details        ? 
# 
loop_
_pdbx_nonpoly_scheme.asym_id 
_pdbx_nonpoly_scheme.entity_id 
_pdbx_nonpoly_scheme.mon_id 
_pdbx_nonpoly_scheme.ndb_seq_num 
_pdbx_nonpoly_scheme.pdb_seq_num 
_pdbx_nonpoly_scheme.auth_seq_num 
_pdbx_nonpoly_scheme.pdb_mon_id 
_pdbx_nonpoly_scheme.auth_mon_id 
_pdbx_nonpoly_scheme.pdb_strand_id 
_pdbx_nonpoly_scheme.pdb_ins_code 
B 2 NA  1   201 131 NA  NA  AAA . 
C 3 I3Y 1   202 1   I3Y HQ1 AAA . 
D 4 V   1   203 2   V   V   AAA . 
E 5 NO3 1   204 1   NO3 NO3 AAA . 
F 5 NO3 1   205 2   NO3 NO3 AAA . 
G 5 NO3 1   206 3   NO3 NO3 AAA . 
H 5 NO3 1   207 4   NO3 NO3 AAA . 
I 5 NO3 1   208 5   NO3 NO3 AAA . 
J 5 NO3 1   209 6   NO3 NO3 AAA . 
K 5 NO3 1   210 7   NO3 NO3 AAA . 
L 5 NO3 1   211 8   NO3 NO3 AAA . 
M 5 NO3 1   212 9   NO3 NO3 AAA . 
N 6 HOH 1   301 241 HOH HOH AAA . 
N 6 HOH 2   302 271 HOH HOH AAA . 
N 6 HOH 3   303 231 HOH HOH AAA . 
N 6 HOH 4   304 194 HOH HOH AAA . 
N 6 HOH 5   305 1   HOH HOH AAA . 
N 6 HOH 6   306 155 HOH HOH AAA . 
N 6 HOH 7   307 272 HOH HOH AAA . 
N 6 HOH 8   308 223 HOH HOH AAA . 
N 6 HOH 9   309 200 HOH HOH AAA . 
N 6 HOH 10  310 218 HOH HOH AAA . 
N 6 HOH 11  311 254 HOH HOH AAA . 
N 6 HOH 12  312 257 HOH HOH AAA . 
N 6 HOH 13  313 151 HOH HOH AAA . 
N 6 HOH 14  314 179 HOH HOH AAA . 
N 6 HOH 15  315 185 HOH HOH AAA . 
N 6 HOH 16  316 229 HOH HOH AAA . 
N 6 HOH 17  317 192 HOH HOH AAA . 
N 6 HOH 18  318 171 HOH HOH AAA . 
N 6 HOH 19  319 205 HOH HOH AAA . 
N 6 HOH 20  320 227 HOH HOH AAA . 
N 6 HOH 21  321 69  HOH HOH AAA . 
N 6 HOH 22  322 188 HOH HOH AAA . 
N 6 HOH 23  323 56  HOH HOH AAA . 
N 6 HOH 24  324 152 HOH HOH AAA . 
N 6 HOH 25  325 5   HOH HOH AAA . 
N 6 HOH 26  326 144 HOH HOH AAA . 
N 6 HOH 27  327 273 HOH HOH AAA . 
N 6 HOH 28  328 201 HOH HOH AAA . 
N 6 HOH 29  329 132 HOH HOH AAA . 
N 6 HOH 30  330 190 HOH HOH AAA . 
N 6 HOH 31  331 9   HOH HOH AAA . 
N 6 HOH 32  332 43  HOH HOH AAA . 
N 6 HOH 33  333 180 HOH HOH AAA . 
N 6 HOH 34  334 189 HOH HOH AAA . 
N 6 HOH 35  335 42  HOH HOH AAA . 
N 6 HOH 36  336 170 HOH HOH AAA . 
N 6 HOH 37  337 138 HOH HOH AAA . 
N 6 HOH 38  338 237 HOH HOH AAA . 
N 6 HOH 39  339 217 HOH HOH AAA . 
N 6 HOH 40  340 15  HOH HOH AAA . 
N 6 HOH 41  341 186 HOH HOH AAA . 
N 6 HOH 42  342 48  HOH HOH AAA . 
N 6 HOH 43  343 145 HOH HOH AAA . 
N 6 HOH 44  344 147 HOH HOH AAA . 
N 6 HOH 45  345 207 HOH HOH AAA . 
N 6 HOH 46  346 150 HOH HOH AAA . 
N 6 HOH 47  347 146 HOH HOH AAA . 
N 6 HOH 48  348 158 HOH HOH AAA . 
N 6 HOH 49  349 134 HOH HOH AAA . 
N 6 HOH 50  350 166 HOH HOH AAA . 
N 6 HOH 51  351 184 HOH HOH AAA . 
N 6 HOH 52  352 149 HOH HOH AAA . 
N 6 HOH 53  353 59  HOH HOH AAA . 
N 6 HOH 54  354 172 HOH HOH AAA . 
N 6 HOH 55  355 267 HOH HOH AAA . 
N 6 HOH 56  356 167 HOH HOH AAA . 
N 6 HOH 57  357 169 HOH HOH AAA . 
N 6 HOH 58  358 2   HOH HOH AAA . 
N 6 HOH 59  359 142 HOH HOH AAA . 
N 6 HOH 60  360 163 HOH HOH AAA . 
N 6 HOH 61  361 141 HOH HOH AAA . 
N 6 HOH 62  362 253 HOH HOH AAA . 
N 6 HOH 63  363 39  HOH HOH AAA . 
N 6 HOH 64  364 157 HOH HOH AAA . 
N 6 HOH 65  365 29  HOH HOH AAA . 
N 6 HOH 66  366 176 HOH HOH AAA . 
N 6 HOH 67  367 196 HOH HOH AAA . 
N 6 HOH 68  368 12  HOH HOH AAA . 
N 6 HOH 69  369 156 HOH HOH AAA . 
N 6 HOH 70  370 212 HOH HOH AAA . 
N 6 HOH 71  371 203 HOH HOH AAA . 
N 6 HOH 72  372 136 HOH HOH AAA . 
N 6 HOH 73  373 262 HOH HOH AAA . 
N 6 HOH 74  374 219 HOH HOH AAA . 
N 6 HOH 75  375 232 HOH HOH AAA . 
N 6 HOH 76  376 243 HOH HOH AAA . 
N 6 HOH 77  377 234 HOH HOH AAA . 
N 6 HOH 78  378 213 HOH HOH AAA . 
N 6 HOH 79  379 160 HOH HOH AAA . 
N 6 HOH 80  380 198 HOH HOH AAA . 
N 6 HOH 81  381 140 HOH HOH AAA . 
N 6 HOH 82  382 148 HOH HOH AAA . 
N 6 HOH 83  383 222 HOH HOH AAA . 
N 6 HOH 84  384 168 HOH HOH AAA . 
N 6 HOH 85  385 177 HOH HOH AAA . 
N 6 HOH 86  386 238 HOH HOH AAA . 
N 6 HOH 87  387 52  HOH HOH AAA . 
N 6 HOH 88  388 175 HOH HOH AAA . 
N 6 HOH 89  389 193 HOH HOH AAA . 
N 6 HOH 90  390 199 HOH HOH AAA . 
N 6 HOH 91  391 259 HOH HOH AAA . 
N 6 HOH 92  392 45  HOH HOH AAA . 
N 6 HOH 93  393 211 HOH HOH AAA . 
N 6 HOH 94  394 165 HOH HOH AAA . 
N 6 HOH 95  395 266 HOH HOH AAA . 
N 6 HOH 96  396 226 HOH HOH AAA . 
N 6 HOH 97  397 242 HOH HOH AAA . 
N 6 HOH 98  398 187 HOH HOH AAA . 
N 6 HOH 99  399 24  HOH HOH AAA . 
N 6 HOH 100 400 183 HOH HOH AAA . 
N 6 HOH 101 401 137 HOH HOH AAA . 
N 6 HOH 102 402 54  HOH HOH AAA . 
N 6 HOH 103 403 233 HOH HOH AAA . 
N 6 HOH 104 404 197 HOH HOH AAA . 
N 6 HOH 105 405 4   HOH HOH AAA . 
N 6 HOH 106 406 191 HOH HOH AAA . 
N 6 HOH 107 407 31  HOH HOH AAA . 
N 6 HOH 108 408 21  HOH HOH AAA . 
N 6 HOH 109 409 61  HOH HOH AAA . 
N 6 HOH 110 410 57  HOH HOH AAA . 
N 6 HOH 111 411 250 HOH HOH AAA . 
N 6 HOH 112 412 3   HOH HOH AAA . 
N 6 HOH 113 413 251 HOH HOH AAA . 
N 6 HOH 114 414 178 HOH HOH AAA . 
N 6 HOH 115 415 16  HOH HOH AAA . 
N 6 HOH 116 416 58  HOH HOH AAA . 
N 6 HOH 117 417 60  HOH HOH AAA . 
N 6 HOH 118 418 174 HOH HOH AAA . 
N 6 HOH 119 419 209 HOH HOH AAA . 
N 6 HOH 120 420 247 HOH HOH AAA . 
N 6 HOH 121 421 249 HOH HOH AAA . 
N 6 HOH 122 422 68  HOH HOH AAA . 
N 6 HOH 123 423 6   HOH HOH AAA . 
N 6 HOH 124 424 33  HOH HOH AAA . 
N 6 HOH 125 425 252 HOH HOH AAA . 
N 6 HOH 126 426 13  HOH HOH AAA . 
N 6 HOH 127 427 23  HOH HOH AAA . 
N 6 HOH 128 428 47  HOH HOH AAA . 
N 6 HOH 129 429 215 HOH HOH AAA . 
N 6 HOH 130 430 53  HOH HOH AAA . 
N 6 HOH 131 431 64  HOH HOH AAA . 
N 6 HOH 132 432 258 HOH HOH AAA . 
N 6 HOH 133 433 239 HOH HOH AAA . 
N 6 HOH 134 434 10  HOH HOH AAA . 
N 6 HOH 135 435 25  HOH HOH AAA . 
N 6 HOH 136 436 44  HOH HOH AAA . 
N 6 HOH 137 437 67  HOH HOH AAA . 
N 6 HOH 138 438 269 HOH HOH AAA . 
N 6 HOH 139 439 263 HOH HOH AAA . 
N 6 HOH 140 440 202 HOH HOH AAA . 
N 6 HOH 141 441 37  HOH HOH AAA . 
N 6 HOH 142 442 34  HOH HOH AAA . 
N 6 HOH 143 443 62  HOH HOH AAA . 
N 6 HOH 144 444 195 HOH HOH AAA . 
N 6 HOH 145 445 264 HOH HOH AAA . 
N 6 HOH 146 446 17  HOH HOH AAA . 
N 6 HOH 147 447 19  HOH HOH AAA . 
# 
loop_
_software.citation_id 
_software.classification 
_software.compiler_name 
_software.compiler_version 
_software.contact_author 
_software.contact_author_email 
_software.date 
_software.description 
_software.dependencies 
_software.hardware 
_software.language 
_software.location 
_software.mods 
_software.name 
_software.os 
_software.os_version 
_software.type 
_software.version 
_software.pdbx_ordinal 
? refinement       ? ? ? ? ? ? ? ? ? ? ? REFMAC   ? ? ? 5.8.0267 1 
? 'data reduction' ? ? ? ? ? ? ? ? ? ? ? autoPROC ? ? ? .        2 
? 'data scaling'   ? ? ? ? ? ? ? ? ? ? ? autoPROC ? ? ? .        3 
? phasing          ? ? ? ? ? ? ? ? ? ? ? PHASER   ? ? ? .        4 
# 
_cell.angle_alpha                  90.000 
_cell.angle_alpha_esd              ? 
_cell.angle_beta                   90.000 
_cell.angle_beta_esd               ? 
_cell.angle_gamma                  90.000 
_cell.angle_gamma_esd              ? 
_cell.entry_id                     8RTJ 
_cell.details                      ? 
_cell.formula_units_Z              ? 
_cell.length_a                     78.140 
_cell.length_a_esd                 ? 
_cell.length_b                     78.140 
_cell.length_b_esd                 ? 
_cell.length_c                     37.520 
_cell.length_c_esd                 ? 
_cell.volume                       ? 
_cell.volume_esd                   ? 
_cell.Z_PDB                        8 
_cell.reciprocal_angle_alpha       ? 
_cell.reciprocal_angle_beta        ? 
_cell.reciprocal_angle_gamma       ? 
_cell.reciprocal_angle_alpha_esd   ? 
_cell.reciprocal_angle_beta_esd    ? 
_cell.reciprocal_angle_gamma_esd   ? 
_cell.reciprocal_length_a          ? 
_cell.reciprocal_length_b          ? 
_cell.reciprocal_length_c          ? 
_cell.reciprocal_length_a_esd      ? 
_cell.reciprocal_length_b_esd      ? 
_cell.reciprocal_length_c_esd      ? 
_cell.pdbx_unique_axis             ? 
_cell.pdbx_esd_method              ? 
# 
_symmetry.entry_id                         8RTJ 
_symmetry.cell_setting                     ? 
_symmetry.Int_Tables_number                96 
_symmetry.space_group_name_Hall            ? 
_symmetry.space_group_name_H-M             'P 43 21 2' 
_symmetry.pdbx_full_space_group_name_H-M   ? 
# 
_exptl.absorpt_coefficient_mu     ? 
_exptl.absorpt_correction_T_max   ? 
_exptl.absorpt_correction_T_min   ? 
_exptl.absorpt_correction_type    ? 
_exptl.absorpt_process_details    ? 
_exptl.entry_id                   8RTJ 
_exptl.crystals_number            1 
_exptl.details                    ? 
_exptl.method                     'X-RAY DIFFRACTION' 
_exptl.method_details             ? 
# 
_exptl_crystal.colour                       ? 
_exptl_crystal.density_diffrn               ? 
_exptl_crystal.density_Matthews             2.00 
_exptl_crystal.density_method               ? 
_exptl_crystal.density_percent_sol          38.44 
_exptl_crystal.description                  ? 
_exptl_crystal.F_000                        ? 
_exptl_crystal.id                           1 
_exptl_crystal.preparation                  ? 
_exptl_crystal.size_max                     ? 
_exptl_crystal.size_mid                     ? 
_exptl_crystal.size_min                     ? 
_exptl_crystal.size_rad                     ? 
_exptl_crystal.colour_lustre                ? 
_exptl_crystal.colour_modifier              ? 
_exptl_crystal.colour_primary               ? 
_exptl_crystal.density_meas                 ? 
_exptl_crystal.density_meas_esd             ? 
_exptl_crystal.density_meas_gt              ? 
_exptl_crystal.density_meas_lt              ? 
_exptl_crystal.density_meas_temp            ? 
_exptl_crystal.density_meas_temp_esd        ? 
_exptl_crystal.density_meas_temp_gt         ? 
_exptl_crystal.density_meas_temp_lt         ? 
_exptl_crystal.pdbx_crystal_image_url       ? 
_exptl_crystal.pdbx_crystal_image_format    ? 
_exptl_crystal.pdbx_mosaicity               ? 
_exptl_crystal.pdbx_mosaicity_esd           ? 
_exptl_crystal.pdbx_mosaic_method           ? 
_exptl_crystal.pdbx_mosaic_block_size       ? 
_exptl_crystal.pdbx_mosaic_block_size_esd   ? 
# 
_exptl_crystal_grow.apparatus       ? 
_exptl_crystal_grow.atmosphere      ? 
_exptl_crystal_grow.crystal_id      1 
_exptl_crystal_grow.details         ? 
_exptl_crystal_grow.method          'VAPOR DIFFUSION, HANGING DROP' 
_exptl_crystal_grow.method_ref      ? 
_exptl_crystal_grow.pH              4.5 
_exptl_crystal_grow.pressure        ? 
_exptl_crystal_grow.pressure_esd    ? 
_exptl_crystal_grow.seeding         ? 
_exptl_crystal_grow.seeding_ref     ? 
_exptl_crystal_grow.temp_details    ? 
_exptl_crystal_grow.temp_esd        ? 
_exptl_crystal_grow.time            ? 
_exptl_crystal_grow.pdbx_details    
;20% ethylene glycol, 0.6 M sodium nitrate,
0.1 M sodium acetate at pH 4.5
;
_exptl_crystal_grow.pdbx_pH_range   ? 
_exptl_crystal_grow.temp            293 
# 
_diffrn.ambient_environment              ? 
_diffrn.ambient_temp                     100 
_diffrn.ambient_temp_details             ? 
_diffrn.ambient_temp_esd                 ? 
_diffrn.crystal_id                       1 
_diffrn.crystal_support                  ? 
_diffrn.crystal_treatment                ? 
_diffrn.details                          ? 
_diffrn.id                               1 
_diffrn.ambient_pressure                 ? 
_diffrn.ambient_pressure_esd             ? 
_diffrn.ambient_pressure_gt              ? 
_diffrn.ambient_pressure_lt              ? 
_diffrn.ambient_temp_gt                  ? 
_diffrn.ambient_temp_lt                  ? 
_diffrn.pdbx_serial_crystal_experiment   N 
# 
_diffrn_detector.details                      ? 
_diffrn_detector.detector                     PIXEL 
_diffrn_detector.diffrn_id                    1 
_diffrn_detector.type                         'DECTRIS PILATUS 6M' 
_diffrn_detector.area_resol_mean              ? 
_diffrn_detector.dtime                        ? 
_diffrn_detector.pdbx_frames_total            ? 
_diffrn_detector.pdbx_collection_time_total   ? 
_diffrn_detector.pdbx_collection_date         2021-07-13 
_diffrn_detector.pdbx_frequency               ? 
_diffrn_detector.id                           ? 
_diffrn_detector.number_of_axes               ? 
# 
_diffrn_radiation.collimation                      ? 
_diffrn_radiation.diffrn_id                        1 
_diffrn_radiation.filter_edge                      ? 
_diffrn_radiation.inhomogeneity                    ? 
_diffrn_radiation.monochromator                    ? 
_diffrn_radiation.polarisn_norm                    ? 
_diffrn_radiation.polarisn_ratio                   ? 
_diffrn_radiation.probe                            ? 
_diffrn_radiation.type                             ? 
_diffrn_radiation.xray_symbol                      ? 
_diffrn_radiation.wavelength_id                    1 
_diffrn_radiation.pdbx_monochromatic_or_laue_m_l   M 
_diffrn_radiation.pdbx_wavelength_list             ? 
_diffrn_radiation.pdbx_wavelength                  ? 
_diffrn_radiation.pdbx_diffrn_protocol             'SINGLE WAVELENGTH' 
_diffrn_radiation.pdbx_analyzer                    ? 
_diffrn_radiation.pdbx_scattering_type             x-ray 
# 
_diffrn_radiation_wavelength.id           1 
_diffrn_radiation_wavelength.wavelength   1.00 
_diffrn_radiation_wavelength.wt           1.0 
# 
_diffrn_source.current                     ? 
_diffrn_source.details                     ? 
_diffrn_source.diffrn_id                   1 
_diffrn_source.power                       ? 
_diffrn_source.size                        ? 
_diffrn_source.source                      SYNCHROTRON 
_diffrn_source.target                      ? 
_diffrn_source.type                        'ELETTRA BEAMLINE 5.2R' 
_diffrn_source.voltage                     ? 
_diffrn_source.take-off_angle              ? 
_diffrn_source.pdbx_wavelength_list        1.00 
_diffrn_source.pdbx_wavelength             ? 
_diffrn_source.pdbx_synchrotron_beamline   5.2R 
_diffrn_source.pdbx_synchrotron_site       ELETTRA 
# 
_reflns.B_iso_Wilson_estimate                          ? 
_reflns.entry_id                                       8RTJ 
_reflns.data_reduction_details                         ? 
_reflns.data_reduction_method                          ? 
_reflns.d_resolution_high                              1.27 
_reflns.d_resolution_low                               55.25 
_reflns.details                                        ? 
_reflns.limit_h_max                                    ? 
_reflns.limit_h_min                                    ? 
_reflns.limit_k_max                                    ? 
_reflns.limit_k_min                                    ? 
_reflns.limit_l_max                                    ? 
_reflns.limit_l_min                                    ? 
_reflns.number_all                                     ? 
_reflns.number_obs                                     31889 
_reflns.observed_criterion                             ? 
_reflns.observed_criterion_F_max                       ? 
_reflns.observed_criterion_F_min                       ? 
_reflns.observed_criterion_I_max                       ? 
_reflns.observed_criterion_I_min                       ? 
_reflns.observed_criterion_sigma_F                     ? 
_reflns.observed_criterion_sigma_I                     ? 
_reflns.percent_possible_obs                           99.9 
_reflns.R_free_details                                 ? 
_reflns.Rmerge_F_all                                   ? 
_reflns.Rmerge_F_obs                                   ? 
_reflns.Friedel_coverage                               ? 
_reflns.number_gt                                      ? 
_reflns.threshold_expression                           ? 
_reflns.pdbx_redundancy                                23.7 
_reflns.pdbx_netI_over_av_sigmaI                       ? 
_reflns.pdbx_netI_over_sigmaI                          36.5 
_reflns.pdbx_res_netI_over_av_sigmaI_2                 ? 
_reflns.pdbx_res_netI_over_sigmaI_2                    ? 
_reflns.pdbx_chi_squared                               ? 
_reflns.pdbx_scaling_rejects                           ? 
_reflns.pdbx_d_res_high_opt                            ? 
_reflns.pdbx_d_res_low_opt                             ? 
_reflns.pdbx_d_res_opt_method                          ? 
_reflns.phase_calculation_details                      ? 
_reflns.pdbx_Rrim_I_all                                ? 
_reflns.pdbx_Rpim_I_all                                ? 
_reflns.pdbx_d_opt                                     ? 
_reflns.pdbx_number_measured_all                       ? 
_reflns.pdbx_diffrn_id                                 1 
_reflns.pdbx_ordinal                                   1 
_reflns.pdbx_CC_half                                   1.00 
_reflns.pdbx_CC_star                                   ? 
_reflns.pdbx_R_split                                   ? 
_reflns.pdbx_Rmerge_I_obs                              ? 
_reflns.pdbx_Rmerge_I_all                              ? 
_reflns.pdbx_Rsym_value                                ? 
_reflns.pdbx_CC_split_method                           ? 
_reflns.pdbx_aniso_diffraction_limit_axis_1_ortho[1]   ? 
_reflns.pdbx_aniso_diffraction_limit_axis_1_ortho[2]   ? 
_reflns.pdbx_aniso_diffraction_limit_axis_1_ortho[3]   ? 
_reflns.pdbx_aniso_diffraction_limit_axis_2_ortho[1]   ? 
_reflns.pdbx_aniso_diffraction_limit_axis_2_ortho[2]   ? 
_reflns.pdbx_aniso_diffraction_limit_axis_2_ortho[3]   ? 
_reflns.pdbx_aniso_diffraction_limit_axis_3_ortho[1]   ? 
_reflns.pdbx_aniso_diffraction_limit_axis_3_ortho[2]   ? 
_reflns.pdbx_aniso_diffraction_limit_axis_3_ortho[3]   ? 
_reflns.pdbx_aniso_diffraction_limit_1                 ? 
_reflns.pdbx_aniso_diffraction_limit_2                 ? 
_reflns.pdbx_aniso_diffraction_limit_3                 ? 
_reflns.pdbx_aniso_B_tensor_eigenvector_1_ortho[1]     ? 
_reflns.pdbx_aniso_B_tensor_eigenvector_1_ortho[2]     ? 
_reflns.pdbx_aniso_B_tensor_eigenvector_1_ortho[3]     ? 
_reflns.pdbx_aniso_B_tensor_eigenvector_2_ortho[1]     ? 
_reflns.pdbx_aniso_B_tensor_eigenvector_2_ortho[2]     ? 
_reflns.pdbx_aniso_B_tensor_eigenvector_2_ortho[3]     ? 
_reflns.pdbx_aniso_B_tensor_eigenvector_3_ortho[1]     ? 
_reflns.pdbx_aniso_B_tensor_eigenvector_3_ortho[2]     ? 
_reflns.pdbx_aniso_B_tensor_eigenvector_3_ortho[3]     ? 
_reflns.pdbx_aniso_B_tensor_eigenvalue_1               ? 
_reflns.pdbx_aniso_B_tensor_eigenvalue_2               ? 
_reflns.pdbx_aniso_B_tensor_eigenvalue_3               ? 
_reflns.pdbx_orthogonalization_convention              ? 
_reflns.pdbx_percent_possible_ellipsoidal              ? 
_reflns.pdbx_percent_possible_spherical                ? 
_reflns.pdbx_percent_possible_ellipsoidal_anomalous    ? 
_reflns.pdbx_percent_possible_spherical_anomalous      ? 
_reflns.pdbx_redundancy_anomalous                      ? 
_reflns.pdbx_CC_half_anomalous                         ? 
_reflns.pdbx_absDiff_over_sigma_anomalous              ? 
_reflns.pdbx_percent_possible_anomalous                ? 
_reflns.pdbx_observed_signal_threshold                 ? 
_reflns.pdbx_signal_type                               ? 
_reflns.pdbx_signal_details                            ? 
_reflns.pdbx_signal_software_id                        ? 
# 
_reflns_shell.d_res_high                                    1.27 
_reflns_shell.d_res_low                                     1.30 
_reflns_shell.meanI_over_sigI_all                           ? 
_reflns_shell.meanI_over_sigI_obs                           ? 
_reflns_shell.number_measured_all                           ? 
_reflns_shell.number_measured_obs                           ? 
_reflns_shell.number_possible                               ? 
_reflns_shell.number_unique_all                             ? 
_reflns_shell.number_unique_obs                             1522 
_reflns_shell.percent_possible_obs                          ? 
_reflns_shell.Rmerge_F_all                                  ? 
_reflns_shell.Rmerge_F_obs                                  ? 
_reflns_shell.meanI_over_sigI_gt                            ? 
_reflns_shell.meanI_over_uI_all                             ? 
_reflns_shell.meanI_over_uI_gt                              ? 
_reflns_shell.number_measured_gt                            ? 
_reflns_shell.number_unique_gt                              ? 
_reflns_shell.percent_possible_gt                           ? 
_reflns_shell.Rmerge_F_gt                                   ? 
_reflns_shell.Rmerge_I_gt                                   ? 
_reflns_shell.pdbx_redundancy                               ? 
_reflns_shell.pdbx_chi_squared                              ? 
_reflns_shell.pdbx_netI_over_sigmaI_all                     ? 
_reflns_shell.pdbx_netI_over_sigmaI_obs                     ? 
_reflns_shell.pdbx_Rrim_I_all                               ? 
_reflns_shell.pdbx_Rpim_I_all                               ? 
_reflns_shell.pdbx_rejects                                  ? 
_reflns_shell.pdbx_ordinal                                  1 
_reflns_shell.pdbx_diffrn_id                                1 
_reflns_shell.pdbx_CC_half                                  0.844 
_reflns_shell.pdbx_CC_star                                  ? 
_reflns_shell.pdbx_R_split                                  ? 
_reflns_shell.percent_possible_all                          ? 
_reflns_shell.Rmerge_I_all                                  ? 
_reflns_shell.Rmerge_I_obs                                  1.629 
_reflns_shell.pdbx_Rsym_value                               ? 
_reflns_shell.pdbx_percent_possible_ellipsoidal             ? 
_reflns_shell.pdbx_percent_possible_spherical               ? 
_reflns_shell.pdbx_percent_possible_ellipsoidal_anomalous   ? 
_reflns_shell.pdbx_percent_possible_spherical_anomalous     ? 
_reflns_shell.pdbx_redundancy_anomalous                     ? 
_reflns_shell.pdbx_CC_half_anomalous                        ? 
_reflns_shell.pdbx_absDiff_over_sigma_anomalous             ? 
_reflns_shell.pdbx_percent_possible_anomalous               ? 
# 
_refine.aniso_B[1][1]                            -0.022 
_refine.aniso_B[1][2]                            0.000 
_refine.aniso_B[1][3]                            0.000 
_refine.aniso_B[2][2]                            -0.022 
_refine.aniso_B[2][3]                            0.000 
_refine.aniso_B[3][3]                            0.044 
_refine.B_iso_max                                ? 
_refine.B_iso_mean                               23.328 
_refine.B_iso_min                                ? 
_refine.correlation_coeff_Fo_to_Fc               0.976 
_refine.correlation_coeff_Fo_to_Fc_free          0.965 
_refine.details                                  'Hydrogens have been added in their riding positions' 
_refine.diff_density_max                         ? 
_refine.diff_density_max_esd                     ? 
_refine.diff_density_min                         ? 
_refine.diff_density_min_esd                     ? 
_refine.diff_density_rms                         ? 
_refine.diff_density_rms_esd                     ? 
_refine.entry_id                                 8RTJ 
_refine.pdbx_refine_id                           'X-RAY DIFFRACTION' 
_refine.ls_abs_structure_details                 ? 
_refine.ls_abs_structure_Flack                   ? 
_refine.ls_abs_structure_Flack_esd               ? 
_refine.ls_abs_structure_Rogers                  ? 
_refine.ls_abs_structure_Rogers_esd              ? 
_refine.ls_d_res_high                            1.270 
_refine.ls_d_res_low                             55.236 
_refine.ls_extinction_coef                       ? 
_refine.ls_extinction_coef_esd                   ? 
_refine.ls_extinction_expression                 ? 
_refine.ls_extinction_method                     ? 
_refine.ls_goodness_of_fit_all                   ? 
_refine.ls_goodness_of_fit_all_esd               ? 
_refine.ls_goodness_of_fit_obs                   ? 
_refine.ls_goodness_of_fit_obs_esd               ? 
_refine.ls_hydrogen_treatment                    ? 
_refine.ls_matrix_type                           ? 
_refine.ls_number_constraints                    ? 
_refine.ls_number_parameters                     ? 
_refine.ls_number_reflns_all                     ? 
_refine.ls_number_reflns_obs                     31030 
_refine.ls_number_reflns_R_free                  1532 
_refine.ls_number_reflns_R_work                  29498 
_refine.ls_number_restraints                     ? 
_refine.ls_percent_reflns_obs                    99.309 
_refine.ls_percent_reflns_R_free                 4.937 
_refine.ls_R_factor_all                          0.175 
_refine.ls_R_factor_obs                          ? 
_refine.ls_R_factor_R_free                       0.1968 
_refine.ls_R_factor_R_free_error                 ? 
_refine.ls_R_factor_R_free_error_details         ? 
_refine.ls_R_factor_R_work                       0.1736 
_refine.ls_R_Fsqd_factor_obs                     ? 
_refine.ls_R_I_factor_obs                        ? 
_refine.ls_redundancy_reflns_all                 ? 
_refine.ls_redundancy_reflns_obs                 ? 
_refine.ls_restrained_S_all                      ? 
_refine.ls_restrained_S_obs                      ? 
_refine.ls_shift_over_esd_max                    ? 
_refine.ls_shift_over_esd_mean                   ? 
_refine.ls_structure_factor_coef                 ? 
_refine.ls_weighting_details                     ? 
_refine.ls_weighting_scheme                      ? 
_refine.ls_wR_factor_all                         ? 
_refine.ls_wR_factor_obs                         ? 
_refine.ls_wR_factor_R_free                      ? 
_refine.ls_wR_factor_R_work                      ? 
_refine.occupancy_max                            ? 
_refine.occupancy_min                            ? 
_refine.solvent_model_details                    'MASK BULK SOLVENT' 
_refine.solvent_model_param_bsol                 ? 
_refine.solvent_model_param_ksol                 ? 
_refine.pdbx_R_complete                          ? 
_refine.ls_R_factor_gt                           ? 
_refine.ls_goodness_of_fit_gt                    ? 
_refine.ls_goodness_of_fit_ref                   ? 
_refine.ls_shift_over_su_max                     ? 
_refine.ls_shift_over_su_max_lt                  ? 
_refine.ls_shift_over_su_mean                    ? 
_refine.ls_shift_over_su_mean_lt                 ? 
_refine.pdbx_ls_sigma_I                          ? 
_refine.pdbx_ls_sigma_F                          ? 
_refine.pdbx_ls_sigma_Fsqd                       ? 
_refine.pdbx_data_cutoff_high_absF               ? 
_refine.pdbx_data_cutoff_high_rms_absF           ? 
_refine.pdbx_data_cutoff_low_absF                ? 
_refine.pdbx_isotropic_thermal_model             ? 
_refine.pdbx_ls_cross_valid_method               'FREE R-VALUE' 
_refine.pdbx_method_to_determine_struct          'MOLECULAR REPLACEMENT' 
_refine.pdbx_starting_model                      ? 
_refine.pdbx_stereochemistry_target_values       ? 
_refine.pdbx_R_Free_selection_details            ? 
_refine.pdbx_stereochem_target_val_spec_case     ? 
_refine.pdbx_overall_ESU_R                       0.051 
_refine.pdbx_overall_ESU_R_Free                  0.052 
_refine.pdbx_solvent_vdw_probe_radii             1.200 
_refine.pdbx_solvent_ion_probe_radii             0.800 
_refine.pdbx_solvent_shrinkage_radii             0.800 
_refine.pdbx_real_space_R                        ? 
_refine.pdbx_density_correlation                 ? 
_refine.pdbx_pd_number_of_powder_patterns        ? 
_refine.pdbx_pd_number_of_points                 ? 
_refine.pdbx_pd_meas_number_of_points            ? 
_refine.pdbx_pd_proc_ls_prof_R_factor            ? 
_refine.pdbx_pd_proc_ls_prof_wR_factor           ? 
_refine.pdbx_pd_Marquardt_correlation_coeff      ? 
_refine.pdbx_pd_Fsqrd_R_factor                   ? 
_refine.pdbx_pd_ls_matrix_band_width             ? 
_refine.pdbx_overall_phase_error                 ? 
_refine.pdbx_overall_SU_R_free_Cruickshank_DPI   ? 
_refine.pdbx_overall_SU_R_free_Blow_DPI          ? 
_refine.pdbx_overall_SU_R_Blow_DPI               ? 
_refine.pdbx_TLS_residual_ADP_flag               ? 
_refine.pdbx_diffrn_id                           1 
_refine.overall_SU_B                             0.878 
_refine.overall_SU_ML                            0.037 
_refine.overall_SU_R_Cruickshank_DPI             ? 
_refine.overall_SU_R_free                        ? 
_refine.overall_FOM_free_R_set                   ? 
_refine.overall_FOM_work_R_set                   ? 
_refine.pdbx_average_fsc_overall                 ? 
_refine.pdbx_average_fsc_work                    ? 
_refine.pdbx_average_fsc_free                    ? 
# 
_refine_hist.pdbx_refine_id                   'X-RAY DIFFRACTION' 
_refine_hist.cycle_id                         LAST 
_refine_hist.pdbx_number_atoms_protein        1001 
_refine_hist.pdbx_number_atoms_nucleic_acid   0 
_refine_hist.pdbx_number_atoms_ligand         52 
_refine_hist.number_atoms_solvent             147 
_refine_hist.number_atoms_total               1200 
_refine_hist.d_res_high                       1.270 
_refine_hist.d_res_low                        55.236 
# 
loop_
_refine_ls_restr.pdbx_refine_id 
_refine_ls_restr.criterion 
_refine_ls_restr.dev_ideal 
_refine_ls_restr.dev_ideal_target 
_refine_ls_restr.number 
_refine_ls_restr.rejects 
_refine_ls_restr.type 
_refine_ls_restr.weight 
_refine_ls_restr.pdbx_restraint_function 
'X-RAY DIFFRACTION' ? 0.015  0.013  1116 ? r_bond_refined_d               ? ? 
'X-RAY DIFFRACTION' ? 0.001  0.014  990  ? r_bond_other_d                 ? ? 
'X-RAY DIFFRACTION' ? 2.010  1.634  1504 ? r_angle_refined_deg            ? ? 
'X-RAY DIFFRACTION' ? 1.610  1.599  2262 ? r_angle_other_deg              ? ? 
'X-RAY DIFFRACTION' ? 6.730  5.000  136  ? r_dihedral_angle_1_deg         ? ? 
'X-RAY DIFFRACTION' ? 31.044 20.615 65   ? r_dihedral_angle_2_deg         ? ? 
'X-RAY DIFFRACTION' ? 13.818 15.000 180  ? r_dihedral_angle_3_deg         ? ? 
'X-RAY DIFFRACTION' ? 17.161 15.000 12   ? r_dihedral_angle_4_deg         ? ? 
'X-RAY DIFFRACTION' ? 0.106  0.200  136  ? r_chiral_restr                 ? ? 
'X-RAY DIFFRACTION' ? 0.011  0.020  1334 ? r_gen_planes_refined           ? ? 
'X-RAY DIFFRACTION' ? 0.001  0.020  295  ? r_gen_planes_other             ? ? 
'X-RAY DIFFRACTION' ? 0.234  0.200  262  ? r_nbd_refined                  ? ? 
'X-RAY DIFFRACTION' ? 0.198  0.200  951  ? r_symmetry_nbd_other           ? ? 
'X-RAY DIFFRACTION' ? 0.180  0.200  539  ? r_nbtor_refined                ? ? 
'X-RAY DIFFRACTION' ? 0.090  0.200  485  ? r_symmetry_nbtor_other         ? ? 
'X-RAY DIFFRACTION' ? 0.200  0.200  87   ? r_xyhbond_nbd_refined          ? ? 
'X-RAY DIFFRACTION' ? 0.197  0.200  3    ? r_symmetry_xyhbond_nbd_other   ? ? 
'X-RAY DIFFRACTION' ? 0.068  0.200  4    ? r_metal_ion_refined            ? ? 
'X-RAY DIFFRACTION' ? 0.204  0.200  7    ? r_symmetry_nbd_refined         ? ? 
'X-RAY DIFFRACTION' ? 0.217  0.200  33   ? r_nbd_other                    ? ? 
'X-RAY DIFFRACTION' ? 0.194  0.200  25   ? r_symmetry_xyhbond_nbd_refined ? ? 
'X-RAY DIFFRACTION' ? 1.901  2.010  535  ? r_mcbond_it                    ? ? 
'X-RAY DIFFRACTION' ? 1.871  2.004  534  ? r_mcbond_other                 ? ? 
'X-RAY DIFFRACTION' ? 2.641  3.016  674  ? r_mcangle_it                   ? ? 
'X-RAY DIFFRACTION' ? 2.647  3.023  675  ? r_mcangle_other                ? ? 
'X-RAY DIFFRACTION' ? 3.519  2.574  581  ? r_scbond_it                    ? ? 
'X-RAY DIFFRACTION' ? 3.246  2.433  538  ? r_scbond_other                 ? ? 
'X-RAY DIFFRACTION' ? 5.310  3.656  830  ? r_scangle_it                   ? ? 
'X-RAY DIFFRACTION' ? 5.085  3.497  785  ? r_scangle_other                ? ? 
'X-RAY DIFFRACTION' ? 7.366  26.557 1371 ? r_lrange_it                    ? ? 
'X-RAY DIFFRACTION' ? 7.138  25.311 1309 ? r_lrange_other                 ? ? 
# 
loop_
_refine_ls_shell.pdbx_refine_id 
_refine_ls_shell.d_res_high 
_refine_ls_shell.d_res_low 
_refine_ls_shell.number_reflns_all 
_refine_ls_shell.number_reflns_obs 
_refine_ls_shell.number_reflns_R_free 
_refine_ls_shell.number_reflns_R_work 
_refine_ls_shell.percent_reflns_obs 
_refine_ls_shell.percent_reflns_R_free 
_refine_ls_shell.R_factor_all 
_refine_ls_shell.R_factor_obs 
_refine_ls_shell.R_factor_R_free_error 
_refine_ls_shell.R_factor_R_work 
_refine_ls_shell.redundancy_reflns_all 
_refine_ls_shell.redundancy_reflns_obs 
_refine_ls_shell.wR_factor_all 
_refine_ls_shell.wR_factor_obs 
_refine_ls_shell.wR_factor_R_free 
_refine_ls_shell.wR_factor_R_work 
_refine_ls_shell.pdbx_R_complete 
_refine_ls_shell.pdbx_total_number_of_bins_used 
_refine_ls_shell.pdbx_phase_error 
_refine_ls_shell.pdbx_fsc_work 
_refine_ls_shell.pdbx_fsc_free 
_refine_ls_shell.R_factor_R_free 
'X-RAY DIFFRACTION' 1.270 1.303  2286 . 89  2012 91.9073  . 0.276 . . 0.277 . . . . . 0.254 . 20 . 0.876 0.888 0.263 
'X-RAY DIFFRACTION' 1.303 1.339  2208 . 112 2091 99.7736  . 0.271 . . 0.271 . . . . . 0.242 . 20 . 0.884 0.883 0.277 
'X-RAY DIFFRACTION' 1.339 1.377  2148 . 93  2052 99.8603  . 0.264 . . 0.262 . . . . . 0.222 . 20 . 0.893 0.878 0.312 
'X-RAY DIFFRACTION' 1.377 1.420  2103 . 98  2005 100.0000 . 0.238 . . 0.239 . . . . . 0.198 . 20 . 0.923 0.928 0.228 
'X-RAY DIFFRACTION' 1.420 1.466  2005 . 95  1910 100.0000 . 0.240 . . 0.238 . . . . . 0.193 . 20 . 0.920 0.904 0.291 
'X-RAY DIFFRACTION' 1.466 1.518  1978 . 105 1871 99.8989  . 0.220 . . 0.220 . . . . . 0.176 . 20 . 0.938 0.943 0.215 
'X-RAY DIFFRACTION' 1.518 1.575  1916 . 102 1812 99.8956  . 0.223 . . 0.221 . . . . . 0.178 . 20 . 0.939 0.930 0.259 
'X-RAY DIFFRACTION' 1.575 1.639  1829 . 91  1737 99.9453  . 0.200 . . 0.200 . . . . . 0.162 . 20 . 0.944 0.946 0.207 
'X-RAY DIFFRACTION' 1.639 1.712  1752 . 95  1652 99.7146  . 0.195 . . 0.193 . . . . . 0.158 . 20 . 0.948 0.937 0.241 
'X-RAY DIFFRACTION' 1.712 1.796  1684 . 86  1597 99.9406  . 0.191 . . 0.188 . . . . . 0.159 . 20 . 0.951 0.928 0.250 
'X-RAY DIFFRACTION' 1.796 1.893  1604 . 87  1513 99.7506  . 0.183 . . 0.183 . . . . . 0.161 . 20 . 0.957 0.957 0.186 
'X-RAY DIFFRACTION' 1.893 2.007  1540 . 71  1469 100.0000 . 0.172 . . 0.172 . . . . . 0.161 . 20 . 0.962 0.965 0.173 
'X-RAY DIFFRACTION' 2.007 2.146  1428 . 71  1354 99.7899  . 0.165 . . 0.162 . . . . . 0.160 . 20 . 0.968 0.964 0.205 
'X-RAY DIFFRACTION' 2.146 2.317  1357 . 69  1287 99.9263  . 0.150 . . 0.151 . . . . . 0.158 . 20 . 0.974 0.975 0.134 
'X-RAY DIFFRACTION' 2.317 2.538  1261 . 69  1192 100.0000 . 0.152 . . 0.150 . . . . . 0.164 . 20 . 0.971 0.964 0.177 
'X-RAY DIFFRACTION' 2.538 2.837  1124 . 59  1064 99.9110  . 0.146 . . 0.145 . . . . . 0.163 . 20 . 0.974 0.971 0.151 
'X-RAY DIFFRACTION' 2.837 3.274  1018 . 44  974  100.0000 . 0.158 . . 0.158 . . . . . 0.187 . 20 . 0.971 0.967 0.167 
'X-RAY DIFFRACTION' 3.274 4.007  875  . 46  828  99.8857  . 0.153 . . 0.151 . . . . . 0.188 . 20 . 0.972 0.966 0.203 
'X-RAY DIFFRACTION' 4.007 5.651  698  . 31  667  100.0000 . 0.154 . . 0.153 . . . . . 0.204 . 20 . 0.976 0.970 0.185 
'X-RAY DIFFRACTION' 5.651 55.236 427  . 19  407  99.7658  . 0.241 . . 0.239 . . . . . 0.315 . 20 . 0.950 0.953 0.279 
# 
_struct.entry_id                     8RTJ 
_struct.title                        'X-ray structure of lysozyme obtained upon reaction with [VIVO(8-HQ)2] in ethylene glycol' 
_struct.pdbx_model_details           ? 
_struct.pdbx_formula_weight          ? 
_struct.pdbx_formula_weight_method   ? 
_struct.pdbx_model_type_details      ? 
_struct.pdbx_CASP_flag               N 
# 
_struct_keywords.entry_id        8RTJ 
_struct_keywords.text            'Vanadium compound, lysozyme, protein metalation, HYDROLASE' 
_struct_keywords.pdbx_keywords   HYDROLASE 
# 
loop_
_struct_asym.id 
_struct_asym.pdbx_blank_PDB_chainid_flag 
_struct_asym.pdbx_modified 
_struct_asym.entity_id 
_struct_asym.details 
A N N 1 ? 
B N N 2 ? 
C N N 3 ? 
D N N 4 ? 
E N N 5 ? 
F N N 5 ? 
G N N 5 ? 
H N N 5 ? 
I N N 5 ? 
J N N 5 ? 
K N N 5 ? 
L N N 5 ? 
M N N 5 ? 
N N N 6 ? 
# 
_struct_ref.id                         1 
_struct_ref.db_name                    UNP 
_struct_ref.db_code                    LYSC_CHICK 
_struct_ref.pdbx_db_accession          P00698 
_struct_ref.pdbx_db_isoform            ? 
_struct_ref.entity_id                  1 
_struct_ref.pdbx_seq_one_letter_code   
;KVFGRCELAAAMKRHGLDNYRGYSLGNWVCAAKFESNFNTQATNRNTDGSTDYGILQINSRWWCNDGRTPGSRNLCNIPC
SALLSSDITASVNCAKKIVSDGNGMNAWVAWRNRCKGTDVQAWIRGCRL
;
_struct_ref.pdbx_align_begin           19 
# 
_struct_ref_seq.align_id                      1 
_struct_ref_seq.ref_id                        1 
_struct_ref_seq.pdbx_PDB_id_code              8RTJ 
_struct_ref_seq.pdbx_strand_id                AAA 
_struct_ref_seq.seq_align_beg                 1 
_struct_ref_seq.pdbx_seq_align_beg_ins_code   ? 
_struct_ref_seq.seq_align_end                 129 
_struct_ref_seq.pdbx_seq_align_end_ins_code   ? 
_struct_ref_seq.pdbx_db_accession             P00698 
_struct_ref_seq.db_align_beg                  19 
_struct_ref_seq.pdbx_db_align_beg_ins_code    ? 
_struct_ref_seq.db_align_end                  147 
_struct_ref_seq.pdbx_db_align_end_ins_code    ? 
_struct_ref_seq.pdbx_auth_seq_align_beg       1 
_struct_ref_seq.pdbx_auth_seq_align_end       129 
# 
_pdbx_struct_assembly.id                   1 
_pdbx_struct_assembly.details              author_defined_assembly 
_pdbx_struct_assembly.method_details       ? 
_pdbx_struct_assembly.oligomeric_details   monomeric 
_pdbx_struct_assembly.oligomeric_count     1 
# 
loop_
_pdbx_struct_assembly_prop.biol_id 
_pdbx_struct_assembly_prop.type 
_pdbx_struct_assembly_prop.value 
_pdbx_struct_assembly_prop.details 
1 'ABSA (A^2)' 1900 ? 
1 MORE         -7   ? 
1 'SSA (A^2)'  6550 ? 
# 
_pdbx_struct_assembly_gen.assembly_id       1 
_pdbx_struct_assembly_gen.oper_expression   1 
_pdbx_struct_assembly_gen.asym_id_list      A,B,C,D,E,F,G,H,I,J,K,L,M,N 
# 
_pdbx_struct_assembly_auth_evidence.id                     1 
_pdbx_struct_assembly_auth_evidence.assembly_id            1 
_pdbx_struct_assembly_auth_evidence.experimental_support   none 
_pdbx_struct_assembly_auth_evidence.details                ? 
# 
_pdbx_struct_oper_list.id                   1 
_pdbx_struct_oper_list.type                 'identity operation' 
_pdbx_struct_oper_list.name                 1_555 
_pdbx_struct_oper_list.symmetry_operation   x,y,z 
_pdbx_struct_oper_list.matrix[1][1]         1.0000000000 
_pdbx_struct_oper_list.matrix[1][2]         0.0000000000 
_pdbx_struct_oper_list.matrix[1][3]         0.0000000000 
_pdbx_struct_oper_list.vector[1]            0.0000000000 
_pdbx_struct_oper_list.matrix[2][1]         0.0000000000 
_pdbx_struct_oper_list.matrix[2][2]         1.0000000000 
_pdbx_struct_oper_list.matrix[2][3]         0.0000000000 
_pdbx_struct_oper_list.vector[2]            0.0000000000 
_pdbx_struct_oper_list.matrix[3][1]         0.0000000000 
_pdbx_struct_oper_list.matrix[3][2]         0.0000000000 
_pdbx_struct_oper_list.matrix[3][3]         1.0000000000 
_pdbx_struct_oper_list.vector[3]            0.0000000000 
# 
loop_
_struct_conf.conf_type_id 
_struct_conf.id 
_struct_conf.pdbx_PDB_helix_id 
_struct_conf.beg_label_comp_id 
_struct_conf.beg_label_asym_id 
_struct_conf.beg_label_seq_id 
_struct_conf.pdbx_beg_PDB_ins_code 
_struct_conf.end_label_comp_id 
_struct_conf.end_label_asym_id 
_struct_conf.end_label_seq_id 
_struct_conf.pdbx_end_PDB_ins_code 
_struct_conf.beg_auth_comp_id 
_struct_conf.beg_auth_asym_id 
_struct_conf.beg_auth_seq_id 
_struct_conf.end_auth_comp_id 
_struct_conf.end_auth_asym_id 
_struct_conf.end_auth_seq_id 
_struct_conf.pdbx_PDB_helix_class 
_struct_conf.details 
_struct_conf.pdbx_PDB_helix_length 
HELX_P HELX_P1 AA1 GLY A 4   ? HIS A 15  ? GLY AAA 4   HIS AAA 15  1 ? 12 
HELX_P HELX_P2 AA2 ASN A 19  ? TYR A 23  ? ASN AAA 19  TYR AAA 23  5 ? 5  
HELX_P HELX_P3 AA3 SER A 24  ? ASN A 37  ? SER AAA 24  ASN AAA 37  1 ? 14 
HELX_P HELX_P4 AA4 PRO A 79  ? SER A 85  ? PRO AAA 79  SER AAA 85  5 ? 7  
HELX_P HELX_P5 AA5 ILE A 88  ? SER A 100 ? ILE AAA 88  SER AAA 100 1 ? 13 
HELX_P HELX_P6 AA6 ASN A 103 ? ALA A 107 ? ASN AAA 103 ALA AAA 107 5 ? 5  
HELX_P HELX_P7 AA7 TRP A 108 ? CYS A 115 ? TRP AAA 108 CYS AAA 115 1 ? 8  
HELX_P HELX_P8 AA8 ASP A 119 ? ARG A 125 ? ASP AAA 119 ARG AAA 125 5 ? 7  
# 
_struct_conf_type.id          HELX_P 
_struct_conf_type.criteria    ? 
_struct_conf_type.reference   ? 
# 
loop_
_struct_conn.id 
_struct_conn.conn_type_id 
_struct_conn.pdbx_leaving_atom_flag 
_struct_conn.pdbx_PDB_id 
_struct_conn.ptnr1_label_asym_id 
_struct_conn.ptnr1_label_comp_id 
_struct_conn.ptnr1_label_seq_id 
_struct_conn.ptnr1_label_atom_id 
_struct_conn.pdbx_ptnr1_label_alt_id 
_struct_conn.pdbx_ptnr1_PDB_ins_code 
_struct_conn.pdbx_ptnr1_standard_comp_id 
_struct_conn.ptnr1_symmetry 
_struct_conn.ptnr2_label_asym_id 
_struct_conn.ptnr2_label_comp_id 
_struct_conn.ptnr2_label_seq_id 
_struct_conn.ptnr2_label_atom_id 
_struct_conn.pdbx_ptnr2_label_alt_id 
_struct_conn.pdbx_ptnr2_PDB_ins_code 
_struct_conn.ptnr1_auth_asym_id 
_struct_conn.ptnr1_auth_comp_id 
_struct_conn.ptnr1_auth_seq_id 
_struct_conn.ptnr2_auth_asym_id 
_struct_conn.ptnr2_auth_comp_id 
_struct_conn.ptnr2_auth_seq_id 
_struct_conn.ptnr2_symmetry 
_struct_conn.pdbx_ptnr3_label_atom_id 
_struct_conn.pdbx_ptnr3_label_seq_id 
_struct_conn.pdbx_ptnr3_label_comp_id 
_struct_conn.pdbx_ptnr3_label_asym_id 
_struct_conn.pdbx_ptnr3_label_alt_id 
_struct_conn.pdbx_ptnr3_PDB_ins_code 
_struct_conn.details 
_struct_conn.pdbx_dist_value 
_struct_conn.pdbx_value_order 
_struct_conn.pdbx_role 
disulf1 disulf ? ? A CYS 6   SG  ? ? ? 1_555 A CYS 127 SG ? ? AAA CYS 6   AAA CYS 127 1_555 ? ? ? ? ? ? ? 2.024 ? ? 
disulf2 disulf ? ? A CYS 30  SG  ? ? ? 1_555 A CYS 115 SG ? ? AAA CYS 30  AAA CYS 115 1_555 ? ? ? ? ? ? ? 2.046 ? ? 
disulf3 disulf ? ? A CYS 64  SG  ? ? ? 1_555 A CYS 80  SG ? ? AAA CYS 64  AAA CYS 80  1_555 ? ? ? ? ? ? ? 2.025 ? ? 
disulf4 disulf ? ? A CYS 76  SG  ? ? ? 1_555 A CYS 94  SG ? ? AAA CYS 76  AAA CYS 94  1_555 ? ? ? ? ? ? ? 2.021 ? ? 
metalc1 metalc ? ? A ASP 48  OD2 ? ? ? 1_555 D V   .   V  ? ? AAA ASP 48  AAA V   203 1_555 ? ? ? ? ? ? ? 2.393 ? ? 
metalc2 metalc ? ? A SER 60  O   ? ? ? 1_555 B NA  .   NA ? ? AAA SER 60  AAA NA  201 1_555 ? ? ? ? ? ? ? 2.277 ? ? 
metalc3 metalc ? ? A CYS 64  O   ? ? ? 1_555 B NA  .   NA ? ? AAA CYS 64  AAA NA  201 1_555 ? ? ? ? ? ? ? 2.393 ? ? 
metalc4 metalc ? ? A SER 72  OG  ? ? ? 1_555 B NA  .   NA ? ? AAA SER 72  AAA NA  201 1_555 ? ? ? ? ? ? ? 2.397 ? ? 
metalc5 metalc ? ? A ARG 73  O   ? ? ? 1_555 B NA  .   NA ? ? AAA ARG 73  AAA NA  201 1_555 ? ? ? ? ? ? ? 2.411 ? ? 
metalc6 metalc ? ? A ASP 119 OD2 ? ? ? 1_555 C I3Y .   V1 ? ? AAA ASP 119 AAA I3Y 202 1_555 ? ? ? ? ? ? ? 2.254 ? ? 
metalc7 metalc ? ? B NA  .   NA  ? ? ? 1_555 G NO3 .   O2 ? ? AAA NA  201 AAA NO3 206 1_555 ? ? ? ? ? ? ? 2.723 ? ? 
metalc8 metalc ? ? B NA  .   NA  ? ? ? 1_555 N HOH .   O  ? ? AAA NA  201 AAA HOH 326 1_555 ? ? ? ? ? ? ? 2.392 ? ? 
metalc9 metalc ? ? D V   .   V   ? ? ? 1_555 N HOH .   O  ? ? AAA V   203 AAA HOH 308 1_555 ? ? ? ? ? ? ? 2.582 ? ? 
# 
loop_
_struct_conn_type.id 
_struct_conn_type.criteria 
_struct_conn_type.reference 
disulf ? ? 
metalc ? ? 
# 
loop_
_pdbx_struct_conn_angle.id 
_pdbx_struct_conn_angle.ptnr1_label_atom_id 
_pdbx_struct_conn_angle.ptnr1_label_alt_id 
_pdbx_struct_conn_angle.ptnr1_label_asym_id 
_pdbx_struct_conn_angle.ptnr1_label_comp_id 
_pdbx_struct_conn_angle.ptnr1_label_seq_id 
_pdbx_struct_conn_angle.ptnr1_auth_atom_id 
_pdbx_struct_conn_angle.ptnr1_auth_asym_id 
_pdbx_struct_conn_angle.ptnr1_auth_comp_id 
_pdbx_struct_conn_angle.ptnr1_auth_seq_id 
_pdbx_struct_conn_angle.ptnr1_PDB_ins_code 
_pdbx_struct_conn_angle.ptnr1_symmetry 
_pdbx_struct_conn_angle.ptnr2_label_atom_id 
_pdbx_struct_conn_angle.ptnr2_label_alt_id 
_pdbx_struct_conn_angle.ptnr2_label_asym_id 
_pdbx_struct_conn_angle.ptnr2_label_comp_id 
_pdbx_struct_conn_angle.ptnr2_label_seq_id 
_pdbx_struct_conn_angle.ptnr2_auth_atom_id 
_pdbx_struct_conn_angle.ptnr2_auth_asym_id 
_pdbx_struct_conn_angle.ptnr2_auth_comp_id 
_pdbx_struct_conn_angle.ptnr2_auth_seq_id 
_pdbx_struct_conn_angle.ptnr2_PDB_ins_code 
_pdbx_struct_conn_angle.ptnr2_symmetry 
_pdbx_struct_conn_angle.ptnr3_label_atom_id 
_pdbx_struct_conn_angle.ptnr3_label_alt_id 
_pdbx_struct_conn_angle.ptnr3_label_asym_id 
_pdbx_struct_conn_angle.ptnr3_label_comp_id 
_pdbx_struct_conn_angle.ptnr3_label_seq_id 
_pdbx_struct_conn_angle.ptnr3_auth_atom_id 
_pdbx_struct_conn_angle.ptnr3_auth_asym_id 
_pdbx_struct_conn_angle.ptnr3_auth_comp_id 
_pdbx_struct_conn_angle.ptnr3_auth_seq_id 
_pdbx_struct_conn_angle.ptnr3_PDB_ins_code 
_pdbx_struct_conn_angle.ptnr3_symmetry 
_pdbx_struct_conn_angle.value 
_pdbx_struct_conn_angle.value_esd 
1  OD2 ? A ASP 48  ? AAA ASP 48  ? 1_555 V  ? D V   . ? AAA V   203 ? 1_555 O   ? N HOH .  ? AAA HOH 308 ? 1_555 60.3  ? 
2  O   ? A SER 60  ? AAA SER 60  ? 1_555 NA ? B NA  . ? AAA NA  201 ? 1_555 O   ? A CYS 64 ? AAA CYS 64  ? 1_555 87.9  ? 
3  O   ? A SER 60  ? AAA SER 60  ? 1_555 NA ? B NA  . ? AAA NA  201 ? 1_555 OG  ? A SER 72 ? AAA SER 72  ? 1_555 87.2  ? 
4  O   ? A CYS 64  ? AAA CYS 64  ? 1_555 NA ? B NA  . ? AAA NA  201 ? 1_555 OG  ? A SER 72 ? AAA SER 72  ? 1_555 162.1 ? 
5  O   ? A SER 60  ? AAA SER 60  ? 1_555 NA ? B NA  . ? AAA NA  201 ? 1_555 O   ? A ARG 73 ? AAA ARG 73  ? 1_555 94.9  ? 
6  O   ? A CYS 64  ? AAA CYS 64  ? 1_555 NA ? B NA  . ? AAA NA  201 ? 1_555 O   ? A ARG 73 ? AAA ARG 73  ? 1_555 96.1  ? 
7  OG  ? A SER 72  ? AAA SER 72  ? 1_555 NA ? B NA  . ? AAA NA  201 ? 1_555 O   ? A ARG 73 ? AAA ARG 73  ? 1_555 101.4 ? 
8  O   ? A SER 60  ? AAA SER 60  ? 1_555 NA ? B NA  . ? AAA NA  201 ? 1_555 O2  ? G NO3 .  ? AAA NO3 206 ? 1_555 102.7 ? 
9  O   ? A CYS 64  ? AAA CYS 64  ? 1_555 NA ? B NA  . ? AAA NA  201 ? 1_555 O2  ? G NO3 .  ? AAA NO3 206 ? 1_555 86.5  ? 
10 OG  ? A SER 72  ? AAA SER 72  ? 1_555 NA ? B NA  . ? AAA NA  201 ? 1_555 O2  ? G NO3 .  ? AAA NO3 206 ? 1_555 77.9  ? 
11 O   ? A ARG 73  ? AAA ARG 73  ? 1_555 NA ? B NA  . ? AAA NA  201 ? 1_555 O2  ? G NO3 .  ? AAA NO3 206 ? 1_555 162.3 ? 
12 O   ? A SER 60  ? AAA SER 60  ? 1_555 NA ? B NA  . ? AAA NA  201 ? 1_555 O   ? N HOH .  ? AAA HOH 326 ? 1_555 174.7 ? 
13 O   ? A CYS 64  ? AAA CYS 64  ? 1_555 NA ? B NA  . ? AAA NA  201 ? 1_555 O   ? N HOH .  ? AAA HOH 326 ? 1_555 97.2  ? 
14 OG  ? A SER 72  ? AAA SER 72  ? 1_555 NA ? B NA  . ? AAA NA  201 ? 1_555 O   ? N HOH .  ? AAA HOH 326 ? 1_555 87.5  ? 
15 O   ? A ARG 73  ? AAA ARG 73  ? 1_555 NA ? B NA  . ? AAA NA  201 ? 1_555 O   ? N HOH .  ? AAA HOH 326 ? 1_555 85.8  ? 
16 O2  ? G NO3 .   ? AAA NO3 206 ? 1_555 NA ? B NA  . ? AAA NA  201 ? 1_555 O   ? N HOH .  ? AAA HOH 326 ? 1_555 76.5  ? 
17 OD2 ? A ASP 119 ? AAA ASP 119 ? 1_555 V1 ? C I3Y . ? AAA I3Y 202 ? 1_555 OA2 ? C I3Y .  ? AAA I3Y 202 ? 1_555 86.2  ? 
18 OD2 ? A ASP 119 ? AAA ASP 119 ? 1_555 V1 ? C I3Y . ? AAA I3Y 202 ? 1_555 NAH ? C I3Y .  ? AAA I3Y 202 ? 1_555 120.7 ? 
19 OA2 ? C I3Y .   ? AAA I3Y 202 ? 1_555 V1 ? C I3Y . ? AAA I3Y 202 ? 1_555 NAH ? C I3Y .  ? AAA I3Y 202 ? 1_555 80.5  ? 
20 OD2 ? A ASP 119 ? AAA ASP 119 ? 1_555 V1 ? C I3Y . ? AAA I3Y 202 ? 1_555 OA1 ? C I3Y .  ? AAA I3Y 202 ? 1_555 89.9  ? 
21 OA2 ? C I3Y .   ? AAA I3Y 202 ? 1_555 V1 ? C I3Y . ? AAA I3Y 202 ? 1_555 OA1 ? C I3Y .  ? AAA I3Y 202 ? 1_555 176.2 ? 
22 NAH ? C I3Y .   ? AAA I3Y 202 ? 1_555 V1 ? C I3Y . ? AAA I3Y 202 ? 1_555 OA1 ? C I3Y .  ? AAA I3Y 202 ? 1_555 101.7 ? 
23 OD2 ? A ASP 119 ? AAA ASP 119 ? 1_555 V1 ? C I3Y . ? AAA I3Y 202 ? 1_555 OAA ? C I3Y .  ? AAA I3Y 202 ? 1_555 144.3 ? 
24 OA2 ? C I3Y .   ? AAA I3Y 202 ? 1_555 V1 ? C I3Y . ? AAA I3Y 202 ? 1_555 OAA ? C I3Y .  ? AAA I3Y 202 ? 1_555 97.2  ? 
25 NAH ? C I3Y .   ? AAA I3Y 202 ? 1_555 V1 ? C I3Y . ? AAA I3Y 202 ? 1_555 OAA ? C I3Y .  ? AAA I3Y 202 ? 1_555 94.8  ? 
26 OA1 ? C I3Y .   ? AAA I3Y 202 ? 1_555 V1 ? C I3Y . ? AAA I3Y 202 ? 1_555 OAA ? C I3Y .  ? AAA I3Y 202 ? 1_555 85.8  ? 
# 
loop_
_pdbx_modification_feature.ordinal 
_pdbx_modification_feature.label_comp_id 
_pdbx_modification_feature.label_asym_id 
_pdbx_modification_feature.label_seq_id 
_pdbx_modification_feature.label_alt_id 
_pdbx_modification_feature.modified_residue_label_comp_id 
_pdbx_modification_feature.modified_residue_label_asym_id 
_pdbx_modification_feature.modified_residue_label_seq_id 
_pdbx_modification_feature.modified_residue_label_alt_id 
_pdbx_modification_feature.auth_comp_id 
_pdbx_modification_feature.auth_asym_id 
_pdbx_modification_feature.auth_seq_id 
_pdbx_modification_feature.PDB_ins_code 
_pdbx_modification_feature.symmetry 
_pdbx_modification_feature.modified_residue_auth_comp_id 
_pdbx_modification_feature.modified_residue_auth_asym_id 
_pdbx_modification_feature.modified_residue_auth_seq_id 
_pdbx_modification_feature.modified_residue_PDB_ins_code 
_pdbx_modification_feature.modified_residue_symmetry 
_pdbx_modification_feature.comp_id_linking_atom 
_pdbx_modification_feature.modified_residue_id_linking_atom 
_pdbx_modification_feature.modified_residue_id 
_pdbx_modification_feature.ref_pcm_id 
_pdbx_modification_feature.ref_comp_id 
_pdbx_modification_feature.type 
_pdbx_modification_feature.category 
1 CYS A 6  ? CYS A 127 ? CYS AAA 6  ? 1_555 CYS AAA 127 ? 1_555 SG SG . . . None 'Disulfide bridge' 
2 CYS A 30 ? CYS A 115 ? CYS AAA 30 ? 1_555 CYS AAA 115 ? 1_555 SG SG . . . None 'Disulfide bridge' 
3 CYS A 64 ? CYS A 80  ? CYS AAA 64 ? 1_555 CYS AAA 80  ? 1_555 SG SG . . . None 'Disulfide bridge' 
4 CYS A 76 ? CYS A 94  ? CYS AAA 76 ? 1_555 CYS AAA 94  ? 1_555 SG SG . . . None 'Disulfide bridge' 
# 
_struct_sheet.id               AA1 
_struct_sheet.type             ? 
_struct_sheet.number_strands   3 
_struct_sheet.details          ? 
# 
loop_
_struct_sheet_order.sheet_id 
_struct_sheet_order.range_id_1 
_struct_sheet_order.range_id_2 
_struct_sheet_order.offset 
_struct_sheet_order.sense 
AA1 1 2 ? anti-parallel 
AA1 2 3 ? anti-parallel 
# 
loop_
_struct_sheet_range.sheet_id 
_struct_sheet_range.id 
_struct_sheet_range.beg_label_comp_id 
_struct_sheet_range.beg_label_asym_id 
_struct_sheet_range.beg_label_seq_id 
_struct_sheet_range.pdbx_beg_PDB_ins_code 
_struct_sheet_range.end_label_comp_id 
_struct_sheet_range.end_label_asym_id 
_struct_sheet_range.end_label_seq_id 
_struct_sheet_range.pdbx_end_PDB_ins_code 
_struct_sheet_range.beg_auth_comp_id 
_struct_sheet_range.beg_auth_asym_id 
_struct_sheet_range.beg_auth_seq_id 
_struct_sheet_range.end_auth_comp_id 
_struct_sheet_range.end_auth_asym_id 
_struct_sheet_range.end_auth_seq_id 
AA1 1 THR A 43 ? ARG A 45 ? THR AAA 43 ARG AAA 45 
AA1 2 THR A 51 ? TYR A 53 ? THR AAA 51 TYR AAA 53 
AA1 3 ILE A 58 ? ASN A 59 ? ILE AAA 58 ASN AAA 59 
# 
loop_
_pdbx_struct_sheet_hbond.sheet_id 
_pdbx_struct_sheet_hbond.range_id_1 
_pdbx_struct_sheet_hbond.range_id_2 
_pdbx_struct_sheet_hbond.range_1_label_atom_id 
_pdbx_struct_sheet_hbond.range_1_label_comp_id 
_pdbx_struct_sheet_hbond.range_1_label_asym_id 
_pdbx_struct_sheet_hbond.range_1_label_seq_id 
_pdbx_struct_sheet_hbond.range_1_PDB_ins_code 
_pdbx_struct_sheet_hbond.range_1_auth_atom_id 
_pdbx_struct_sheet_hbond.range_1_auth_comp_id 
_pdbx_struct_sheet_hbond.range_1_auth_asym_id 
_pdbx_struct_sheet_hbond.range_1_auth_seq_id 
_pdbx_struct_sheet_hbond.range_2_label_atom_id 
_pdbx_struct_sheet_hbond.range_2_label_comp_id 
_pdbx_struct_sheet_hbond.range_2_label_asym_id 
_pdbx_struct_sheet_hbond.range_2_label_seq_id 
_pdbx_struct_sheet_hbond.range_2_PDB_ins_code 
_pdbx_struct_sheet_hbond.range_2_auth_atom_id 
_pdbx_struct_sheet_hbond.range_2_auth_comp_id 
_pdbx_struct_sheet_hbond.range_2_auth_asym_id 
_pdbx_struct_sheet_hbond.range_2_auth_seq_id 
AA1 1 2 N ASN A 44 ? N ASN AAA 44 O ASP A 52 ? O ASP AAA 52 
AA1 2 3 N TYR A 53 ? N TYR AAA 53 O ILE A 58 ? O ILE AAA 58 
# 
_pdbx_entry_details.entry_id                   8RTJ 
_pdbx_entry_details.has_ligand_of_interest     Y 
_pdbx_entry_details.compound_details           ? 
_pdbx_entry_details.source_details             ? 
_pdbx_entry_details.nonpolymer_details         ? 
_pdbx_entry_details.sequence_details           ? 
_pdbx_entry_details.has_protein_modification   Y 
# 
_pdbx_validate_rmsd_angle.id                         1 
_pdbx_validate_rmsd_angle.PDB_model_num              1 
_pdbx_validate_rmsd_angle.auth_atom_id_1             NE 
_pdbx_validate_rmsd_angle.auth_asym_id_1             AAA 
_pdbx_validate_rmsd_angle.auth_comp_id_1             ARG 
_pdbx_validate_rmsd_angle.auth_seq_id_1              112 
_pdbx_validate_rmsd_angle.PDB_ins_code_1             ? 
_pdbx_validate_rmsd_angle.label_alt_id_1             ? 
_pdbx_validate_rmsd_angle.auth_atom_id_2             CZ 
_pdbx_validate_rmsd_angle.auth_asym_id_2             AAA 
_pdbx_validate_rmsd_angle.auth_comp_id_2             ARG 
_pdbx_validate_rmsd_angle.auth_seq_id_2              112 
_pdbx_validate_rmsd_angle.PDB_ins_code_2             ? 
_pdbx_validate_rmsd_angle.label_alt_id_2             ? 
_pdbx_validate_rmsd_angle.auth_atom_id_3             NH1 
_pdbx_validate_rmsd_angle.auth_asym_id_3             AAA 
_pdbx_validate_rmsd_angle.auth_comp_id_3             ARG 
_pdbx_validate_rmsd_angle.auth_seq_id_3              112 
_pdbx_validate_rmsd_angle.PDB_ins_code_3             ? 
_pdbx_validate_rmsd_angle.label_alt_id_3             ? 
_pdbx_validate_rmsd_angle.angle_value                124.25 
_pdbx_validate_rmsd_angle.angle_target_value         120.30 
_pdbx_validate_rmsd_angle.angle_deviation            3.95 
_pdbx_validate_rmsd_angle.angle_standard_deviation   0.50 
_pdbx_validate_rmsd_angle.linker_flag                N 
# 
_pdbx_validate_torsion.id              1 
_pdbx_validate_torsion.PDB_model_num   1 
_pdbx_validate_torsion.auth_comp_id    ARG 
_pdbx_validate_torsion.auth_asym_id    AAA 
_pdbx_validate_torsion.auth_seq_id     68 
_pdbx_validate_torsion.PDB_ins_code    ? 
_pdbx_validate_torsion.label_alt_id    ? 
_pdbx_validate_torsion.phi             -142.73 
_pdbx_validate_torsion.psi             23.33 
# 
loop_
_pdbx_struct_special_symmetry.id 
_pdbx_struct_special_symmetry.PDB_model_num 
_pdbx_struct_special_symmetry.auth_asym_id 
_pdbx_struct_special_symmetry.auth_comp_id 
_pdbx_struct_special_symmetry.auth_seq_id 
_pdbx_struct_special_symmetry.PDB_ins_code 
_pdbx_struct_special_symmetry.label_asym_id 
_pdbx_struct_special_symmetry.label_comp_id 
_pdbx_struct_special_symmetry.label_seq_id 
1 1 AAA HOH 327 ? N HOH . 
2 1 AAA HOH 405 ? N HOH . 
3 1 AAA HOH 427 ? N HOH . 
4 1 AAA HOH 446 ? N HOH . 
# 
loop_
_chem_comp_atom.comp_id 
_chem_comp_atom.atom_id 
_chem_comp_atom.type_symbol 
_chem_comp_atom.pdbx_aromatic_flag 
_chem_comp_atom.pdbx_stereo_config 
_chem_comp_atom.pdbx_ordinal 
ALA N    N  N N 1   
ALA CA   C  N S 2   
ALA C    C  N N 3   
ALA O    O  N N 4   
ALA CB   C  N N 5   
ALA OXT  O  N N 6   
ALA H    H  N N 7   
ALA H2   H  N N 8   
ALA HA   H  N N 9   
ALA HB1  H  N N 10  
ALA HB2  H  N N 11  
ALA HB3  H  N N 12  
ALA HXT  H  N N 13  
ARG N    N  N N 14  
ARG CA   C  N S 15  
ARG C    C  N N 16  
ARG O    O  N N 17  
ARG CB   C  N N 18  
ARG CG   C  N N 19  
ARG CD   C  N N 20  
ARG NE   N  N N 21  
ARG CZ   C  N N 22  
ARG NH1  N  N N 23  
ARG NH2  N  N N 24  
ARG OXT  O  N N 25  
ARG H    H  N N 26  
ARG H2   H  N N 27  
ARG HA   H  N N 28  
ARG HB2  H  N N 29  
ARG HB3  H  N N 30  
ARG HG2  H  N N 31  
ARG HG3  H  N N 32  
ARG HD2  H  N N 33  
ARG HD3  H  N N 34  
ARG HE   H  N N 35  
ARG HH11 H  N N 36  
ARG HH12 H  N N 37  
ARG HH21 H  N N 38  
ARG HH22 H  N N 39  
ARG HXT  H  N N 40  
ASN N    N  N N 41  
ASN CA   C  N S 42  
ASN C    C  N N 43  
ASN O    O  N N 44  
ASN CB   C  N N 45  
ASN CG   C  N N 46  
ASN OD1  O  N N 47  
ASN ND2  N  N N 48  
ASN OXT  O  N N 49  
ASN H    H  N N 50  
ASN H2   H  N N 51  
ASN HA   H  N N 52  
ASN HB2  H  N N 53  
ASN HB3  H  N N 54  
ASN HD21 H  N N 55  
ASN HD22 H  N N 56  
ASN HXT  H  N N 57  
ASP N    N  N N 58  
ASP CA   C  N S 59  
ASP C    C  N N 60  
ASP O    O  N N 61  
ASP CB   C  N N 62  
ASP CG   C  N N 63  
ASP OD1  O  N N 64  
ASP OD2  O  N N 65  
ASP OXT  O  N N 66  
ASP H    H  N N 67  
ASP H2   H  N N 68  
ASP HA   H  N N 69  
ASP HB2  H  N N 70  
ASP HB3  H  N N 71  
ASP HD2  H  N N 72  
ASP HXT  H  N N 73  
CYS N    N  N N 74  
CYS CA   C  N R 75  
CYS C    C  N N 76  
CYS O    O  N N 77  
CYS CB   C  N N 78  
CYS SG   S  N N 79  
CYS OXT  O  N N 80  
CYS H    H  N N 81  
CYS H2   H  N N 82  
CYS HA   H  N N 83  
CYS HB2  H  N N 84  
CYS HB3  H  N N 85  
CYS HG   H  N N 86  
CYS HXT  H  N N 87  
GLN N    N  N N 88  
GLN CA   C  N S 89  
GLN C    C  N N 90  
GLN O    O  N N 91  
GLN CB   C  N N 92  
GLN CG   C  N N 93  
GLN CD   C  N N 94  
GLN OE1  O  N N 95  
GLN NE2  N  N N 96  
GLN OXT  O  N N 97  
GLN H    H  N N 98  
GLN H2   H  N N 99  
GLN HA   H  N N 100 
GLN HB2  H  N N 101 
GLN HB3  H  N N 102 
GLN HG2  H  N N 103 
GLN HG3  H  N N 104 
GLN HE21 H  N N 105 
GLN HE22 H  N N 106 
GLN HXT  H  N N 107 
GLU N    N  N N 108 
GLU CA   C  N S 109 
GLU C    C  N N 110 
GLU O    O  N N 111 
GLU CB   C  N N 112 
GLU CG   C  N N 113 
GLU CD   C  N N 114 
GLU OE1  O  N N 115 
GLU OE2  O  N N 116 
GLU OXT  O  N N 117 
GLU H    H  N N 118 
GLU H2   H  N N 119 
GLU HA   H  N N 120 
GLU HB2  H  N N 121 
GLU HB3  H  N N 122 
GLU HG2  H  N N 123 
GLU HG3  H  N N 124 
GLU HE2  H  N N 125 
GLU HXT  H  N N 126 
GLY N    N  N N 127 
GLY CA   C  N N 128 
GLY C    C  N N 129 
GLY O    O  N N 130 
GLY OXT  O  N N 131 
GLY H    H  N N 132 
GLY H2   H  N N 133 
GLY HA2  H  N N 134 
GLY HA3  H  N N 135 
GLY HXT  H  N N 136 
HIS N    N  N N 137 
HIS CA   C  N S 138 
HIS C    C  N N 139 
HIS O    O  N N 140 
HIS CB   C  N N 141 
HIS CG   C  Y N 142 
HIS ND1  N  Y N 143 
HIS CD2  C  Y N 144 
HIS CE1  C  Y N 145 
HIS NE2  N  Y N 146 
HIS OXT  O  N N 147 
HIS H    H  N N 148 
HIS H2   H  N N 149 
HIS HA   H  N N 150 
HIS HB2  H  N N 151 
HIS HB3  H  N N 152 
HIS HD1  H  N N 153 
HIS HD2  H  N N 154 
HIS HE1  H  N N 155 
HIS HE2  H  N N 156 
HIS HXT  H  N N 157 
HOH O    O  N N 158 
HOH H1   H  N N 159 
HOH H2   H  N N 160 
I3Y V1   V  N N 161 
I3Y OAA  O  N N 162 
I3Y CAD  C  Y N 163 
I3Y CAE  C  Y N 164 
I3Y CAF  C  Y N 165 
I3Y CAG  C  Y N 166 
I3Y NAH  N  Y N 167 
I3Y CAI  C  Y N 168 
I3Y CAJ  C  Y N 169 
I3Y CAK  C  Y N 170 
I3Y CAL  C  Y N 171 
I3Y CAM  C  Y N 172 
I3Y OA1  O  N N 173 
I3Y OA2  O  N N 174 
I3Y H1   H  N N 175 
I3Y H2   H  N N 176 
I3Y H3   H  N N 177 
I3Y H4   H  N N 178 
I3Y H5   H  N N 179 
I3Y H6   H  N N 180 
I3Y H7   H  N N 181 
I3Y H8   H  N N 182 
ILE N    N  N N 183 
ILE CA   C  N S 184 
ILE C    C  N N 185 
ILE O    O  N N 186 
ILE CB   C  N S 187 
ILE CG1  C  N N 188 
ILE CG2  C  N N 189 
ILE CD1  C  N N 190 
ILE OXT  O  N N 191 
ILE H    H  N N 192 
ILE H2   H  N N 193 
ILE HA   H  N N 194 
ILE HB   H  N N 195 
ILE HG12 H  N N 196 
ILE HG13 H  N N 197 
ILE HG21 H  N N 198 
ILE HG22 H  N N 199 
ILE HG23 H  N N 200 
ILE HD11 H  N N 201 
ILE HD12 H  N N 202 
ILE HD13 H  N N 203 
ILE HXT  H  N N 204 
LEU N    N  N N 205 
LEU CA   C  N S 206 
LEU C    C  N N 207 
LEU O    O  N N 208 
LEU CB   C  N N 209 
LEU CG   C  N N 210 
LEU CD1  C  N N 211 
LEU CD2  C  N N 212 
LEU OXT  O  N N 213 
LEU H    H  N N 214 
LEU H2   H  N N 215 
LEU HA   H  N N 216 
LEU HB2  H  N N 217 
LEU HB3  H  N N 218 
LEU HG   H  N N 219 
LEU HD11 H  N N 220 
LEU HD12 H  N N 221 
LEU HD13 H  N N 222 
LEU HD21 H  N N 223 
LEU HD22 H  N N 224 
LEU HD23 H  N N 225 
LEU HXT  H  N N 226 
LYS N    N  N N 227 
LYS CA   C  N S 228 
LYS C    C  N N 229 
LYS O    O  N N 230 
LYS CB   C  N N 231 
LYS CG   C  N N 232 
LYS CD   C  N N 233 
LYS CE   C  N N 234 
LYS NZ   N  N N 235 
LYS OXT  O  N N 236 
LYS H    H  N N 237 
LYS H2   H  N N 238 
LYS HA   H  N N 239 
LYS HB2  H  N N 240 
LYS HB3  H  N N 241 
LYS HG2  H  N N 242 
LYS HG3  H  N N 243 
LYS HD2  H  N N 244 
LYS HD3  H  N N 245 
LYS HE2  H  N N 246 
LYS HE3  H  N N 247 
LYS HZ1  H  N N 248 
LYS HZ2  H  N N 249 
LYS HZ3  H  N N 250 
LYS HXT  H  N N 251 
MET N    N  N N 252 
MET CA   C  N S 253 
MET C    C  N N 254 
MET O    O  N N 255 
MET CB   C  N N 256 
MET CG   C  N N 257 
MET SD   S  N N 258 
MET CE   C  N N 259 
MET OXT  O  N N 260 
MET H    H  N N 261 
MET H2   H  N N 262 
MET HA   H  N N 263 
MET HB2  H  N N 264 
MET HB3  H  N N 265 
MET HG2  H  N N 266 
MET HG3  H  N N 267 
MET HE1  H  N N 268 
MET HE2  H  N N 269 
MET HE3  H  N N 270 
MET HXT  H  N N 271 
NA  NA   NA N N 272 
NO3 N    N  N N 273 
NO3 O1   O  N N 274 
NO3 O2   O  N N 275 
NO3 O3   O  N N 276 
PHE N    N  N N 277 
PHE CA   C  N S 278 
PHE C    C  N N 279 
PHE O    O  N N 280 
PHE CB   C  N N 281 
PHE CG   C  Y N 282 
PHE CD1  C  Y N 283 
PHE CD2  C  Y N 284 
PHE CE1  C  Y N 285 
PHE CE2  C  Y N 286 
PHE CZ   C  Y N 287 
PHE OXT  O  N N 288 
PHE H    H  N N 289 
PHE H2   H  N N 290 
PHE HA   H  N N 291 
PHE HB2  H  N N 292 
PHE HB3  H  N N 293 
PHE HD1  H  N N 294 
PHE HD2  H  N N 295 
PHE HE1  H  N N 296 
PHE HE2  H  N N 297 
PHE HZ   H  N N 298 
PHE HXT  H  N N 299 
PRO N    N  N N 300 
PRO CA   C  N S 301 
PRO C    C  N N 302 
PRO O    O  N N 303 
PRO CB   C  N N 304 
PRO CG   C  N N 305 
PRO CD   C  N N 306 
PRO OXT  O  N N 307 
PRO H    H  N N 308 
PRO HA   H  N N 309 
PRO HB2  H  N N 310 
PRO HB3  H  N N 311 
PRO HG2  H  N N 312 
PRO HG3  H  N N 313 
PRO HD2  H  N N 314 
PRO HD3  H  N N 315 
PRO HXT  H  N N 316 
SER N    N  N N 317 
SER CA   C  N S 318 
SER C    C  N N 319 
SER O    O  N N 320 
SER CB   C  N N 321 
SER OG   O  N N 322 
SER OXT  O  N N 323 
SER H    H  N N 324 
SER H2   H  N N 325 
SER HA   H  N N 326 
SER HB2  H  N N 327 
SER HB3  H  N N 328 
SER HG   H  N N 329 
SER HXT  H  N N 330 
THR N    N  N N 331 
THR CA   C  N S 332 
THR C    C  N N 333 
THR O    O  N N 334 
THR CB   C  N R 335 
THR OG1  O  N N 336 
THR CG2  C  N N 337 
THR OXT  O  N N 338 
THR H    H  N N 339 
THR H2   H  N N 340 
THR HA   H  N N 341 
THR HB   H  N N 342 
THR HG1  H  N N 343 
THR HG21 H  N N 344 
THR HG22 H  N N 345 
THR HG23 H  N N 346 
THR HXT  H  N N 347 
TRP N    N  N N 348 
TRP CA   C  N S 349 
TRP C    C  N N 350 
TRP O    O  N N 351 
TRP CB   C  N N 352 
TRP CG   C  Y N 353 
TRP CD1  C  Y N 354 
TRP CD2  C  Y N 355 
TRP NE1  N  Y N 356 
TRP CE2  C  Y N 357 
TRP CE3  C  Y N 358 
TRP CZ2  C  Y N 359 
TRP CZ3  C  Y N 360 
TRP CH2  C  Y N 361 
TRP OXT  O  N N 362 
TRP H    H  N N 363 
TRP H2   H  N N 364 
TRP HA   H  N N 365 
TRP HB2  H  N N 366 
TRP HB3  H  N N 367 
TRP HD1  H  N N 368 
TRP HE1  H  N N 369 
TRP HE3  H  N N 370 
TRP HZ2  H  N N 371 
TRP HZ3  H  N N 372 
TRP HH2  H  N N 373 
TRP HXT  H  N N 374 
TYR N    N  N N 375 
TYR CA   C  N S 376 
TYR C    C  N N 377 
TYR O    O  N N 378 
TYR CB   C  N N 379 
TYR CG   C  Y N 380 
TYR CD1  C  Y N 381 
TYR CD2  C  Y N 382 
TYR CE1  C  Y N 383 
TYR CE2  C  Y N 384 
TYR CZ   C  Y N 385 
TYR OH   O  N N 386 
TYR OXT  O  N N 387 
TYR H    H  N N 388 
TYR H2   H  N N 389 
TYR HA   H  N N 390 
TYR HB2  H  N N 391 
TYR HB3  H  N N 392 
TYR HD1  H  N N 393 
TYR HD2  H  N N 394 
TYR HE1  H  N N 395 
TYR HE2  H  N N 396 
TYR HH   H  N N 397 
TYR HXT  H  N N 398 
V   V    V  N N 399 
VAL N    N  N N 400 
VAL CA   C  N S 401 
VAL C    C  N N 402 
VAL O    O  N N 403 
VAL CB   C  N N 404 
VAL CG1  C  N N 405 
VAL CG2  C  N N 406 
VAL OXT  O  N N 407 
VAL H    H  N N 408 
VAL H2   H  N N 409 
VAL HA   H  N N 410 
VAL HB   H  N N 411 
VAL HG11 H  N N 412 
VAL HG12 H  N N 413 
VAL HG13 H  N N 414 
VAL HG21 H  N N 415 
VAL HG22 H  N N 416 
VAL HG23 H  N N 417 
VAL HXT  H  N N 418 
# 
loop_
_chem_comp_bond.comp_id 
_chem_comp_bond.atom_id_1 
_chem_comp_bond.atom_id_2 
_chem_comp_bond.value_order 
_chem_comp_bond.pdbx_aromatic_flag 
_chem_comp_bond.pdbx_stereo_config 
_chem_comp_bond.pdbx_ordinal 
ALA N   CA   sing N N 1   
ALA N   H    sing N N 2   
ALA N   H2   sing N N 3   
ALA CA  C    sing N N 4   
ALA CA  CB   sing N N 5   
ALA CA  HA   sing N N 6   
ALA C   O    doub N N 7   
ALA C   OXT  sing N N 8   
ALA CB  HB1  sing N N 9   
ALA CB  HB2  sing N N 10  
ALA CB  HB3  sing N N 11  
ALA OXT HXT  sing N N 12  
ARG N   CA   sing N N 13  
ARG N   H    sing N N 14  
ARG N   H2   sing N N 15  
ARG CA  C    sing N N 16  
ARG CA  CB   sing N N 17  
ARG CA  HA   sing N N 18  
ARG C   O    doub N N 19  
ARG C   OXT  sing N N 20  
ARG CB  CG   sing N N 21  
ARG CB  HB2  sing N N 22  
ARG CB  HB3  sing N N 23  
ARG CG  CD   sing N N 24  
ARG CG  HG2  sing N N 25  
ARG CG  HG3  sing N N 26  
ARG CD  NE   sing N N 27  
ARG CD  HD2  sing N N 28  
ARG CD  HD3  sing N N 29  
ARG NE  CZ   sing N N 30  
ARG NE  HE   sing N N 31  
ARG CZ  NH1  sing N N 32  
ARG CZ  NH2  doub N N 33  
ARG NH1 HH11 sing N N 34  
ARG NH1 HH12 sing N N 35  
ARG NH2 HH21 sing N N 36  
ARG NH2 HH22 sing N N 37  
ARG OXT HXT  sing N N 38  
ASN N   CA   sing N N 39  
ASN N   H    sing N N 40  
ASN N   H2   sing N N 41  
ASN CA  C    sing N N 42  
ASN CA  CB   sing N N 43  
ASN CA  HA   sing N N 44  
ASN C   O    doub N N 45  
ASN C   OXT  sing N N 46  
ASN CB  CG   sing N N 47  
ASN CB  HB2  sing N N 48  
ASN CB  HB3  sing N N 49  
ASN CG  OD1  doub N N 50  
ASN CG  ND2  sing N N 51  
ASN ND2 HD21 sing N N 52  
ASN ND2 HD22 sing N N 53  
ASN OXT HXT  sing N N 54  
ASP N   CA   sing N N 55  
ASP N   H    sing N N 56  
ASP N   H2   sing N N 57  
ASP CA  C    sing N N 58  
ASP CA  CB   sing N N 59  
ASP CA  HA   sing N N 60  
ASP C   O    doub N N 61  
ASP C   OXT  sing N N 62  
ASP CB  CG   sing N N 63  
ASP CB  HB2  sing N N 64  
ASP CB  HB3  sing N N 65  
ASP CG  OD1  doub N N 66  
ASP CG  OD2  sing N N 67  
ASP OD2 HD2  sing N N 68  
ASP OXT HXT  sing N N 69  
CYS N   CA   sing N N 70  
CYS N   H    sing N N 71  
CYS N   H2   sing N N 72  
CYS CA  C    sing N N 73  
CYS CA  CB   sing N N 74  
CYS CA  HA   sing N N 75  
CYS C   O    doub N N 76  
CYS C   OXT  sing N N 77  
CYS CB  SG   sing N N 78  
CYS CB  HB2  sing N N 79  
CYS CB  HB3  sing N N 80  
CYS SG  HG   sing N N 81  
CYS OXT HXT  sing N N 82  
GLN N   CA   sing N N 83  
GLN N   H    sing N N 84  
GLN N   H2   sing N N 85  
GLN CA  C    sing N N 86  
GLN CA  CB   sing N N 87  
GLN CA  HA   sing N N 88  
GLN C   O    doub N N 89  
GLN C   OXT  sing N N 90  
GLN CB  CG   sing N N 91  
GLN CB  HB2  sing N N 92  
GLN CB  HB3  sing N N 93  
GLN CG  CD   sing N N 94  
GLN CG  HG2  sing N N 95  
GLN CG  HG3  sing N N 96  
GLN CD  OE1  doub N N 97  
GLN CD  NE2  sing N N 98  
GLN NE2 HE21 sing N N 99  
GLN NE2 HE22 sing N N 100 
GLN OXT HXT  sing N N 101 
GLU N   CA   sing N N 102 
GLU N   H    sing N N 103 
GLU N   H2   sing N N 104 
GLU CA  C    sing N N 105 
GLU CA  CB   sing N N 106 
GLU CA  HA   sing N N 107 
GLU C   O    doub N N 108 
GLU C   OXT  sing N N 109 
GLU CB  CG   sing N N 110 
GLU CB  HB2  sing N N 111 
GLU CB  HB3  sing N N 112 
GLU CG  CD   sing N N 113 
GLU CG  HG2  sing N N 114 
GLU CG  HG3  sing N N 115 
GLU CD  OE1  doub N N 116 
GLU CD  OE2  sing N N 117 
GLU OE2 HE2  sing N N 118 
GLU OXT HXT  sing N N 119 
GLY N   CA   sing N N 120 
GLY N   H    sing N N 121 
GLY N   H2   sing N N 122 
GLY CA  C    sing N N 123 
GLY CA  HA2  sing N N 124 
GLY CA  HA3  sing N N 125 
GLY C   O    doub N N 126 
GLY C   OXT  sing N N 127 
GLY OXT HXT  sing N N 128 
HIS N   CA   sing N N 129 
HIS N   H    sing N N 130 
HIS N   H2   sing N N 131 
HIS CA  C    sing N N 132 
HIS CA  CB   sing N N 133 
HIS CA  HA   sing N N 134 
HIS C   O    doub N N 135 
HIS C   OXT  sing N N 136 
HIS CB  CG   sing N N 137 
HIS CB  HB2  sing N N 138 
HIS CB  HB3  sing N N 139 
HIS CG  ND1  sing Y N 140 
HIS CG  CD2  doub Y N 141 
HIS ND1 CE1  doub Y N 142 
HIS ND1 HD1  sing N N 143 
HIS CD2 NE2  sing Y N 144 
HIS CD2 HD2  sing N N 145 
HIS CE1 NE2  sing Y N 146 
HIS CE1 HE1  sing N N 147 
HIS NE2 HE2  sing N N 148 
HIS OXT HXT  sing N N 149 
HOH O   H1   sing N N 150 
HOH O   H2   sing N N 151 
I3Y OA2 V1   sing N N 152 
I3Y CAE CAD  doub Y N 153 
I3Y CAE NAH  sing Y N 154 
I3Y CAD CAF  sing Y N 155 
I3Y V1  NAH  sing N N 156 
I3Y V1  OA1  sing N N 157 
I3Y V1  OAA  sing N N 158 
I3Y NAH CAM  doub Y N 159 
I3Y CAF CAL  doub Y N 160 
I3Y CAM CAL  sing Y N 161 
I3Y CAM CAJ  sing Y N 162 
I3Y CAL CAI  sing Y N 163 
I3Y OAA CAJ  sing N N 164 
I3Y CAJ CAK  doub Y N 165 
I3Y CAI CAG  doub Y N 166 
I3Y CAK CAG  sing Y N 167 
I3Y CAD H1   sing N N 168 
I3Y CAE H2   sing N N 169 
I3Y CAF H3   sing N N 170 
I3Y CAG H4   sing N N 171 
I3Y CAI H5   sing N N 172 
I3Y CAK H6   sing N N 173 
I3Y H7  OA2  sing N N 174 
I3Y H8  OA1  sing N N 175 
ILE N   CA   sing N N 176 
ILE N   H    sing N N 177 
ILE N   H2   sing N N 178 
ILE CA  C    sing N N 179 
ILE CA  CB   sing N N 180 
ILE CA  HA   sing N N 181 
ILE C   O    doub N N 182 
ILE C   OXT  sing N N 183 
ILE CB  CG1  sing N N 184 
ILE CB  CG2  sing N N 185 
ILE CB  HB   sing N N 186 
ILE CG1 CD1  sing N N 187 
ILE CG1 HG12 sing N N 188 
ILE CG1 HG13 sing N N 189 
ILE CG2 HG21 sing N N 190 
ILE CG2 HG22 sing N N 191 
ILE CG2 HG23 sing N N 192 
ILE CD1 HD11 sing N N 193 
ILE CD1 HD12 sing N N 194 
ILE CD1 HD13 sing N N 195 
ILE OXT HXT  sing N N 196 
LEU N   CA   sing N N 197 
LEU N   H    sing N N 198 
LEU N   H2   sing N N 199 
LEU CA  C    sing N N 200 
LEU CA  CB   sing N N 201 
LEU CA  HA   sing N N 202 
LEU C   O    doub N N 203 
LEU C   OXT  sing N N 204 
LEU CB  CG   sing N N 205 
LEU CB  HB2  sing N N 206 
LEU CB  HB3  sing N N 207 
LEU CG  CD1  sing N N 208 
LEU CG  CD2  sing N N 209 
LEU CG  HG   sing N N 210 
LEU CD1 HD11 sing N N 211 
LEU CD1 HD12 sing N N 212 
LEU CD1 HD13 sing N N 213 
LEU CD2 HD21 sing N N 214 
LEU CD2 HD22 sing N N 215 
LEU CD2 HD23 sing N N 216 
LEU OXT HXT  sing N N 217 
LYS N   CA   sing N N 218 
LYS N   H    sing N N 219 
LYS N   H2   sing N N 220 
LYS CA  C    sing N N 221 
LYS CA  CB   sing N N 222 
LYS CA  HA   sing N N 223 
LYS C   O    doub N N 224 
LYS C   OXT  sing N N 225 
LYS CB  CG   sing N N 226 
LYS CB  HB2  sing N N 227 
LYS CB  HB3  sing N N 228 
LYS CG  CD   sing N N 229 
LYS CG  HG2  sing N N 230 
LYS CG  HG3  sing N N 231 
LYS CD  CE   sing N N 232 
LYS CD  HD2  sing N N 233 
LYS CD  HD3  sing N N 234 
LYS CE  NZ   sing N N 235 
LYS CE  HE2  sing N N 236 
LYS CE  HE3  sing N N 237 
LYS NZ  HZ1  sing N N 238 
LYS NZ  HZ2  sing N N 239 
LYS NZ  HZ3  sing N N 240 
LYS OXT HXT  sing N N 241 
MET N   CA   sing N N 242 
MET N   H    sing N N 243 
MET N   H2   sing N N 244 
MET CA  C    sing N N 245 
MET CA  CB   sing N N 246 
MET CA  HA   sing N N 247 
MET C   O    doub N N 248 
MET C   OXT  sing N N 249 
MET CB  CG   sing N N 250 
MET CB  HB2  sing N N 251 
MET CB  HB3  sing N N 252 
MET CG  SD   sing N N 253 
MET CG  HG2  sing N N 254 
MET CG  HG3  sing N N 255 
MET SD  CE   sing N N 256 
MET CE  HE1  sing N N 257 
MET CE  HE2  sing N N 258 
MET CE  HE3  sing N N 259 
MET OXT HXT  sing N N 260 
NO3 N   O1   doub N N 261 
NO3 N   O2   sing N N 262 
NO3 N   O3   sing N N 263 
PHE N   CA   sing N N 264 
PHE N   H    sing N N 265 
PHE N   H2   sing N N 266 
PHE CA  C    sing N N 267 
PHE CA  CB   sing N N 268 
PHE CA  HA   sing N N 269 
PHE C   O    doub N N 270 
PHE C   OXT  sing N N 271 
PHE CB  CG   sing N N 272 
PHE CB  HB2  sing N N 273 
PHE CB  HB3  sing N N 274 
PHE CG  CD1  doub Y N 275 
PHE CG  CD2  sing Y N 276 
PHE CD1 CE1  sing Y N 277 
PHE CD1 HD1  sing N N 278 
PHE CD2 CE2  doub Y N 279 
PHE CD2 HD2  sing N N 280 
PHE CE1 CZ   doub Y N 281 
PHE CE1 HE1  sing N N 282 
PHE CE2 CZ   sing Y N 283 
PHE CE2 HE2  sing N N 284 
PHE CZ  HZ   sing N N 285 
PHE OXT HXT  sing N N 286 
PRO N   CA   sing N N 287 
PRO N   CD   sing N N 288 
PRO N   H    sing N N 289 
PRO CA  C    sing N N 290 
PRO CA  CB   sing N N 291 
PRO CA  HA   sing N N 292 
PRO C   O    doub N N 293 
PRO C   OXT  sing N N 294 
PRO CB  CG   sing N N 295 
PRO CB  HB2  sing N N 296 
PRO CB  HB3  sing N N 297 
PRO CG  CD   sing N N 298 
PRO CG  HG2  sing N N 299 
PRO CG  HG3  sing N N 300 
PRO CD  HD2  sing N N 301 
PRO CD  HD3  sing N N 302 
PRO OXT HXT  sing N N 303 
SER N   CA   sing N N 304 
SER N   H    sing N N 305 
SER N   H2   sing N N 306 
SER CA  C    sing N N 307 
SER CA  CB   sing N N 308 
SER CA  HA   sing N N 309 
SER C   O    doub N N 310 
SER C   OXT  sing N N 311 
SER CB  OG   sing N N 312 
SER CB  HB2  sing N N 313 
SER CB  HB3  sing N N 314 
SER OG  HG   sing N N 315 
SER OXT HXT  sing N N 316 
THR N   CA   sing N N 317 
THR N   H    sing N N 318 
THR N   H2   sing N N 319 
THR CA  C    sing N N 320 
THR CA  CB   sing N N 321 
THR CA  HA   sing N N 322 
THR C   O    doub N N 323 
THR C   OXT  sing N N 324 
THR CB  OG1  sing N N 325 
THR CB  CG2  sing N N 326 
THR CB  HB   sing N N 327 
THR OG1 HG1  sing N N 328 
THR CG2 HG21 sing N N 329 
THR CG2 HG22 sing N N 330 
THR CG2 HG23 sing N N 331 
THR OXT HXT  sing N N 332 
TRP N   CA   sing N N 333 
TRP N   H    sing N N 334 
TRP N   H2   sing N N 335 
TRP CA  C    sing N N 336 
TRP CA  CB   sing N N 337 
TRP CA  HA   sing N N 338 
TRP C   O    doub N N 339 
TRP C   OXT  sing N N 340 
TRP CB  CG   sing N N 341 
TRP CB  HB2  sing N N 342 
TRP CB  HB3  sing N N 343 
TRP CG  CD1  doub Y N 344 
TRP CG  CD2  sing Y N 345 
TRP CD1 NE1  sing Y N 346 
TRP CD1 HD1  sing N N 347 
TRP CD2 CE2  doub Y N 348 
TRP CD2 CE3  sing Y N 349 
TRP NE1 CE2  sing Y N 350 
TRP NE1 HE1  sing N N 351 
TRP CE2 CZ2  sing Y N 352 
TRP CE3 CZ3  doub Y N 353 
TRP CE3 HE3  sing N N 354 
TRP CZ2 CH2  doub Y N 355 
TRP CZ2 HZ2  sing N N 356 
TRP CZ3 CH2  sing Y N 357 
TRP CZ3 HZ3  sing N N 358 
TRP CH2 HH2  sing N N 359 
TRP OXT HXT  sing N N 360 
TYR N   CA   sing N N 361 
TYR N   H    sing N N 362 
TYR N   H2   sing N N 363 
TYR CA  C    sing N N 364 
TYR CA  CB   sing N N 365 
TYR CA  HA   sing N N 366 
TYR C   O    doub N N 367 
TYR C   OXT  sing N N 368 
TYR CB  CG   sing N N 369 
TYR CB  HB2  sing N N 370 
TYR CB  HB3  sing N N 371 
TYR CG  CD1  doub Y N 372 
TYR CG  CD2  sing Y N 373 
TYR CD1 CE1  sing Y N 374 
TYR CD1 HD1  sing N N 375 
TYR CD2 CE2  doub Y N 376 
TYR CD2 HD2  sing N N 377 
TYR CE1 CZ   doub Y N 378 
TYR CE1 HE1  sing N N 379 
TYR CE2 CZ   sing Y N 380 
TYR CE2 HE2  sing N N 381 
TYR CZ  OH   sing N N 382 
TYR OH  HH   sing N N 383 
TYR OXT HXT  sing N N 384 
VAL N   CA   sing N N 385 
VAL N   H    sing N N 386 
VAL N   H2   sing N N 387 
VAL CA  C    sing N N 388 
VAL CA  CB   sing N N 389 
VAL CA  HA   sing N N 390 
VAL C   O    doub N N 391 
VAL C   OXT  sing N N 392 
VAL CB  CG1  sing N N 393 
VAL CB  CG2  sing N N 394 
VAL CB  HB   sing N N 395 
VAL CG1 HG11 sing N N 396 
VAL CG1 HG12 sing N N 397 
VAL CG1 HG13 sing N N 398 
VAL CG2 HG21 sing N N 399 
VAL CG2 HG22 sing N N 400 
VAL CG2 HG23 sing N N 401 
VAL OXT HXT  sing N N 402 
# 
_pdbx_audit_support.funding_organization   'University of Naples Federico II' 
_pdbx_audit_support.country                Italy 
_pdbx_audit_support.grant_number           ? 
_pdbx_audit_support.ordinal                1 
# 
_pdbx_initial_refinement_model.id               1 
_pdbx_initial_refinement_model.entity_id_list   ? 
_pdbx_initial_refinement_model.type             'experimental model' 
_pdbx_initial_refinement_model.source_name      PDB 
_pdbx_initial_refinement_model.accession_code   193L 
_pdbx_initial_refinement_model.details          ? 
# 
_atom_sites.entry_id                    8RTJ 
_atom_sites.Cartn_transf_matrix[1][1]   ? 
_atom_sites.Cartn_transf_matrix[1][2]   ? 
_atom_sites.Cartn_transf_matrix[1][3]   ? 
_atom_sites.Cartn_transf_matrix[2][1]   ? 
_atom_sites.Cartn_transf_matrix[2][2]   ? 
_atom_sites.Cartn_transf_matrix[2][3]   ? 
_atom_sites.Cartn_transf_matrix[3][1]   ? 
_atom_sites.Cartn_transf_matrix[3][2]   ? 
_atom_sites.Cartn_transf_matrix[3][3]   ? 
_atom_sites.Cartn_transf_vector[1]      ? 
_atom_sites.Cartn_transf_vector[2]      ? 
_atom_sites.Cartn_transf_vector[3]      ? 
_atom_sites.Cartn_transform_axes        ? 
_atom_sites.fract_transf_matrix[1][1]   -0.01150260 
_atom_sites.fract_transf_matrix[1][2]   0.00481113 
_atom_sites.fract_transf_matrix[1][3]   -0.00288653 
_atom_sites.fract_transf_matrix[2][1]   0.00276195 
_atom_sites.fract_transf_matrix[2][2]   0.01058677 
_atom_sites.fract_transf_matrix[2][3]   0.00663933 
_atom_sites.fract_transf_matrix[3][1]   0.01017039 
_atom_sites.fract_transf_matrix[3][2]   0.01112968 
_atom_sites.fract_transf_matrix[3][3]   -0.02197777 
_atom_sites.fract_transf_vector[1]      -0.006798 
_atom_sites.fract_transf_vector[2]      0.255591 
_atom_sites.fract_transf_vector[3]      0.515911 
_atom_sites.solution_primary            ? 
_atom_sites.solution_secondary          ? 
_atom_sites.solution_hydrogens          ? 
_atom_sites.special_details             ? 
# 
loop_
_atom_type.symbol 
_atom_type.pdbx_scat_Z 
_atom_type.pdbx_N_electrons 
_atom_type.scat_Cromer_Mann_a1 
_atom_type.scat_Cromer_Mann_b1 
_atom_type.scat_Cromer_Mann_a2 
_atom_type.scat_Cromer_Mann_b2 
_atom_type.scat_Cromer_Mann_a3 
_atom_type.scat_Cromer_Mann_b3 
_atom_type.scat_Cromer_Mann_a4 
_atom_type.scat_Cromer_Mann_b4 
_atom_type.scat_Cromer_Mann_c 
C  6  6  2.310  20.844 1.020 10.208 1.589 0.569  0.865 51.651  0.216   
H  1  1  0.493  10.511 0.323 26.126 0.140 3.142  0.041 57.800  0.003   
N  7  7  12.222 0.006  3.135 9.893  2.014 28.997 1.167 0.583   -11.538 
NA 11 11 4.766  3.285  3.176 8.842  1.268 0.314  1.114 129.424 0.736   
O  8  8  3.049  13.277 2.287 5.701  1.546 0.324  0.867 32.909  0.251   
S  16 16 6.905  1.468  5.203 22.215 1.438 0.254  1.586 56.172  1.056   
V  23 23 10.299 6.866  7.353 0.438  2.071 26.894 2.058 102.478 1.552   
# 
loop_
_atom_site.group_PDB 
_atom_site.id 
_atom_site.type_symbol 
_atom_site.label_atom_id 
_atom_site.label_alt_id 
_atom_site.label_comp_id 
_atom_site.label_asym_id 
_atom_site.label_entity_id 
_atom_site.label_seq_id 
_atom_site.pdbx_PDB_ins_code 
_atom_site.Cartn_x 
_atom_site.Cartn_y 
_atom_site.Cartn_z 
_atom_site.occupancy 
_atom_site.B_iso_or_equiv 
_atom_site.pdbx_formal_charge 
_atom_site.auth_seq_id 
_atom_site.auth_comp_id 
_atom_site.auth_asym_id 
_atom_site.auth_atom_id 
_atom_site.pdbx_PDB_model_num 
_atom_site.calc_flag 
ATOM   1    N  N   . LYS A 1 1   ? -8.873  -10.973 1.575   1.000 21.921 0 1   LYS AAA N   1 ? 
ATOM   2    C  CA  . LYS A 1 1   ? -8.384  -11.494 2.908   1.000 23.099 0 1   LYS AAA CA  1 ? 
ATOM   3    C  C   . LYS A 1 1   ? -8.235  -10.316 3.847   1.000 21.063 0 1   LYS AAA C   1 ? 
ATOM   4    O  O   . LYS A 1 1   ? -7.693  -9.266  3.412   1.000 20.312 0 1   LYS AAA O   1 ? 
ATOM   5    C  CB  . LYS A 1 1   ? -7.041  -12.201 2.720   1.000 23.560 0 1   LYS AAA CB  1 ? 
ATOM   6    C  CG  . LYS A 1 1   ? -6.385  -12.711 4.007   1.000 26.885 0 1   LYS AAA CG  1 ? 
ATOM   7    C  CD  A LYS A 1 1   ? -5.021  -13.310 3.700   0.450 28.523 0 1   LYS AAA CD  1 ? 
ATOM   8    C  CD  B LYS A 1 1   ? -5.022  -13.323 3.809   0.550 28.290 0 1   LYS AAA CD  1 ? 
ATOM   9    C  CE  A LYS A 1 1   ? -4.448  -14.162 4.812   0.450 30.620 0 1   LYS AAA CE  1 ? 
ATOM   10   C  CE  B LYS A 1 1   ? -4.306  -13.520 5.130   0.550 28.964 0 1   LYS AAA CE  1 ? 
ATOM   11   N  NZ  A LYS A 1 1   ? -3.124  -14.721 4.443   0.450 30.382 0 1   LYS AAA NZ  1 ? 
ATOM   12   N  NZ  B LYS A 1 1   ? -4.962  -14.566 5.957   0.550 31.652 0 1   LYS AAA NZ  1 ? 
ATOM   13   N  N   . VAL A 1 2   ? -8.730  -10.406 5.062   1.000 21.017 0 2   VAL AAA N   1 ? 
ATOM   14   C  CA  . VAL A 1 2   ? -8.521  -9.388  6.116   1.000 21.419 0 2   VAL AAA CA  1 ? 
ATOM   15   C  C   . VAL A 1 2   ? -7.391  -9.897  6.991   1.000 22.069 0 2   VAL AAA C   1 ? 
ATOM   16   O  O   . VAL A 1 2   ? -7.572  -10.927 7.660   1.000 23.500 0 2   VAL AAA O   1 ? 
ATOM   17   C  CB  . VAL A 1 2   ? -9.785  -9.022  6.900   1.000 21.359 0 2   VAL AAA CB  1 ? 
ATOM   18   C  CG1 . VAL A 1 2   ? -9.471  -7.986  7.967   1.000 25.124 0 2   VAL AAA CG1 1 ? 
ATOM   19   C  CG2 . VAL A 1 2   ? -10.891 -8.519  5.966   1.000 21.911 0 2   VAL AAA CG2 1 ? 
ATOM   20   N  N   . PHE A 1 3   ? -6.211  -9.305  6.925   1.000 19.698 0 3   PHE AAA N   1 ? 
ATOM   21   C  CA  . PHE A 1 3   ? -5.046  -9.724  7.743   1.000 20.096 0 3   PHE AAA CA  1 ? 
ATOM   22   C  C   . PHE A 1 3   ? -5.262  -9.264  9.169   1.000 19.898 0 3   PHE AAA C   1 ? 
ATOM   23   O  O   . PHE A 1 3   ? -5.796  -8.231  9.459   1.000 19.977 0 3   PHE AAA O   1 ? 
ATOM   24   C  CB  . PHE A 1 3   ? -3.776  -9.074  7.229   1.000 20.118 0 3   PHE AAA CB  1 ? 
ATOM   25   C  CG  . PHE A 1 3   ? -3.135  -9.745  6.069   1.000 19.676 0 3   PHE AAA CG  1 ? 
ATOM   26   C  CD1 . PHE A 1 3   ? -3.641  -9.593  4.773   1.000 21.731 0 3   PHE AAA CD1 1 ? 
ATOM   27   C  CD2 . PHE A 1 3   ? -2.021  -10.576 6.241   1.000 21.666 0 3   PHE AAA CD2 1 ? 
ATOM   28   C  CE1 . PHE A 1 3   ? -3.008  -10.202 3.704   1.000 23.820 0 3   PHE AAA CE1 1 ? 
ATOM   29   C  CE2 . PHE A 1 3   ? -1.404  -11.181 5.181   1.000 22.048 0 3   PHE AAA CE2 1 ? 
ATOM   30   C  CZ  . PHE A 1 3   ? -1.903  -11.005 3.907   1.000 24.197 0 3   PHE AAA CZ  1 ? 
ATOM   31   N  N   . GLY A 1 4   ? -4.716  -10.066 10.109  1.000 23.177 0 4   GLY AAA N   1 ? 
ATOM   32   C  CA  . GLY A 1 4   ? -4.344  -9.558  11.431  1.000 24.121 0 4   GLY AAA CA  1 ? 
ATOM   33   C  C   . GLY A 1 4   ? -3.111  -8.666  11.345  1.000 18.988 0 4   GLY AAA C   1 ? 
ATOM   34   O  O   . GLY A 1 4   ? -2.275  -8.800  10.427  1.000 19.910 0 4   GLY AAA O   1 ? 
ATOM   35   N  N   . ARG A 1 5   ? -2.952  -7.834  12.344  1.000 23.011 0 5   ARG AAA N   1 ? 
ATOM   36   C  CA  . ARG A 1 5   ? -1.856  -6.847  12.396  1.000 21.950 0 5   ARG AAA CA  1 ? 
ATOM   37   C  C   . ARG A 1 5   ? -0.491  -7.545  12.320  1.000 20.392 0 5   ARG AAA C   1 ? 
ATOM   38   O  O   . ARG A 1 5   ? 0.400   -7.218  11.530  1.000 20.119 0 5   ARG AAA O   1 ? 
ATOM   39   C  CB  . ARG A 1 5   ? -1.990  -6.109  13.726  1.000 25.286 0 5   ARG AAA CB  1 ? 
ATOM   40   C  CG  . ARG A 1 5   ? -0.887  -5.119  14.038  1.000 25.840 0 5   ARG AAA CG  1 ? 
ATOM   41   C  CD  . ARG A 1 5   ? -1.170  -4.387  15.360  1.000 25.363 0 5   ARG AAA CD  1 ? 
ATOM   42   N  NE  . ARG A 1 5   ? -1.261  -5.176  16.592  1.000 28.550 0 5   ARG AAA NE  1 ? 
ATOM   43   C  CZ  . ARG A 1 5   ? -0.217  -5.509  17.334  1.000 28.525 0 5   ARG AAA CZ  1 ? 
ATOM   44   N  NH1 . ARG A 1 5   ? 1.001   -5.166  16.967  1.000 26.418 0 5   ARG AAA NH1 1 ? 
ATOM   45   N  NH2 . ARG A 1 5   ? -0.371  -6.242  18.415  1.000 32.642 0 5   ARG AAA NH2 1 ? 
ATOM   46   N  N   . CYS A 1 6   ? -0.277  -8.534  13.214  1.000 21.811 0 6   CYS AAA N   1 ? 
ATOM   47   C  CA  . CYS A 1 6   ? 1.037   -9.204  13.232  1.000 20.513 0 6   CYS AAA CA  1 ? 
ATOM   48   C  C   . CYS A 1 6   ? 1.227   -10.113 12.026  1.000 18.970 0 6   CYS AAA C   1 ? 
ATOM   49   O  O   . CYS A 1 6   ? 2.324   -10.239 11.556  1.000 19.490 0 6   CYS AAA O   1 ? 
ATOM   50   C  CB  . CYS A 1 6   ? 1.260   -10.027 14.504  1.000 22.425 0 6   CYS AAA CB  1 ? 
ATOM   51   S  SG  . CYS A 1 6   ? 1.384   -8.971  15.971  1.000 25.645 0 6   CYS AAA SG  1 ? 
ATOM   52   N  N   . GLU A 1 7   ? 0.153   -10.701 11.495  1.000 20.209 0 7   GLU AAA N   1 ? 
ATOM   53   C  CA  . GLU A 1 7   ? 0.252   -11.545 10.289  1.000 20.770 0 7   GLU AAA CA  1 ? 
ATOM   54   C  C   . GLU A 1 7   ? 0.679   -10.670 9.091   1.000 18.515 0 7   GLU AAA C   1 ? 
ATOM   55   O  O   . GLU A 1 7   ? 1.589   -11.045 8.348   1.000 18.875 0 7   GLU AAA O   1 ? 
ATOM   56   C  CB  . GLU A 1 7   ? -1.140  -12.131 10.052  1.000 22.769 0 7   GLU AAA CB  1 ? 
ATOM   57   C  CG  . GLU A 1 7   ? -1.234  -13.033 8.869   1.000 28.255 0 7   GLU AAA CG  1 ? 
ATOM   58   C  CD  . GLU A 1 7   ? -2.663  -13.397 8.473   1.000 29.939 0 7   GLU AAA CD  1 ? 
ATOM   59   O  OE1 . GLU A 1 7   ? -3.662  -12.753 8.959   1.000 28.443 0 7   GLU AAA OE1 1 ? 
ATOM   60   O  OE2 . GLU A 1 7   ? -2.764  -14.350 7.655   1.000 34.672 0 7   GLU AAA OE2 1 ? 
ATOM   61   N  N   . LEU A 1 8   ? 0.112   -9.439  8.997   1.000 18.123 0 8   LEU AAA N   1 ? 
ATOM   62   C  CA  . LEU A 1 8   ? 0.551   -8.534  7.910   1.000 19.060 0 8   LEU AAA CA  1 ? 
ATOM   63   C  C   . LEU A 1 8   ? 1.988   -8.072  8.119   1.000 15.629 0 8   LEU AAA C   1 ? 
ATOM   64   O  O   . LEU A 1 8   ? 2.738   -8.008  7.171   1.000 17.299 0 8   LEU AAA O   1 ? 
ATOM   65   C  CB  . LEU A 1 8   ? -0.388  -7.341  7.836   1.000 18.301 0 8   LEU AAA CB  1 ? 
ATOM   66   C  CG  . LEU A 1 8   ? -0.090  -6.399  6.681   1.000 18.754 0 8   LEU AAA CG  1 ? 
ATOM   67   C  CD1 . LEU A 1 8   ? -0.206  -7.125  5.349   1.000 19.669 0 8   LEU AAA CD1 1 ? 
ATOM   68   C  CD2 . LEU A 1 8   ? -0.987  -5.173  6.698   1.000 20.031 0 8   LEU AAA CD2 1 ? 
ATOM   69   N  N   . ALA A 1 9   ? 2.368   -7.741  9.357   1.000 18.426 0 9   ALA AAA N   1 ? 
ATOM   70   C  CA  . ALA A 1 9   ? 3.745   -7.292  9.652   1.000 18.106 0 9   ALA AAA CA  1 ? 
ATOM   71   C  C   . ALA A 1 9   ? 4.730   -8.370  9.168   1.000 18.202 0 9   ALA AAA C   1 ? 
ATOM   72   O  O   . ALA A 1 9   ? 5.712   -8.080  8.488   1.000 18.850 0 9   ALA AAA O   1 ? 
ATOM   73   C  CB  . ALA A 1 9   ? 3.924   -6.990  11.111  1.000 19.129 0 9   ALA AAA CB  1 ? 
ATOM   74   N  N   . ALA A 1 10  ? 4.421   -9.651  9.458   1.000 18.805 0 10  ALA AAA N   1 ? 
ATOM   75   C  CA  . ALA A 1 10  ? 5.286   -10.785 9.063   1.000 20.480 0 10  ALA AAA CA  1 ? 
ATOM   76   C  C   . ALA A 1 10  ? 5.326   -10.923 7.552   1.000 19.699 0 10  ALA AAA C   1 ? 
ATOM   77   O  O   . ALA A 1 10  ? 6.430   -11.071 6.960   1.000 21.614 0 10  ALA AAA O   1 ? 
ATOM   78   C  CB  . ALA A 1 10  ? 4.848   -12.069 9.749   1.000 22.995 0 10  ALA AAA CB  1 ? 
ATOM   79   N  N   . ALA A 1 11  ? 4.167   -10.820 6.893   1.000 19.315 0 11  ALA AAA N   1 ? 
ATOM   80   C  CA  . ALA A 1 11  ? 4.142   -10.893 5.421   1.000 21.132 0 11  ALA AAA CA  1 ? 
ATOM   81   C  C   . ALA A 1 11  ? 4.946   -9.744  4.808   1.000 20.076 0 11  ALA AAA C   1 ? 
ATOM   82   O  O   . ALA A 1 11  ? 5.684   -9.939  3.840   1.000 20.891 0 11  ALA AAA O   1 ? 
ATOM   83   C  CB  . ALA A 1 11  ? 2.722   -10.932 4.950   1.000 22.595 0 11  ALA AAA CB  1 ? 
ATOM   84   N  N   . MET A 1 12  ? 4.769   -8.535  5.349   1.000 20.267 0 12  MET AAA N   1 ? 
ATOM   85   C  CA  . MET A 1 12  ? 5.512   -7.361  4.792   1.000 18.971 0 12  MET AAA CA  1 ? 
ATOM   86   C  C   . MET A 1 12  ? 7.028   -7.531  4.987   1.000 20.306 0 12  MET AAA C   1 ? 
ATOM   87   O  O   . MET A 1 12  ? 7.812   -7.147  4.084   1.000 22.643 0 12  MET AAA O   1 ? 
ATOM   88   C  CB  . MET A 1 12  ? 4.996   -6.058  5.422   1.000 18.253 0 12  MET AAA CB  1 ? 
ATOM   89   C  CG  . MET A 1 12  ? 3.611   -5.688  4.948   1.000 16.654 0 12  MET AAA CG  1 ? 
ATOM   90   S  SD  . MET A 1 12  ? 3.053   -4.193  5.766   1.000 17.911 0 12  MET AAA SD  1 ? 
ATOM   91   C  CE  . MET A 1 12  ? 1.982   -3.528  4.487   1.000 18.492 0 12  MET AAA CE  1 ? 
ATOM   92   N  N   . LYS A 1 13  ? 7.426   -8.009  6.179   1.000 20.384 0 13  LYS AAA N   1 ? 
ATOM   93   C  CA  . LYS A 1 13  ? 8.880   -8.261  6.438   1.000 24.181 0 13  LYS AAA CA  1 ? 
ATOM   94   C  C   . LYS A 1 13  ? 9.455   -9.315  5.458   1.000 22.343 0 13  LYS AAA C   1 ? 
ATOM   95   O  O   . LYS A 1 13  ? 10.538  -9.084  4.835   1.000 24.359 0 13  LYS AAA O   1 ? 
ATOM   96   C  CB  . LYS A 1 13  ? 9.062   -8.698  7.890   1.000 25.174 0 13  LYS AAA CB  1 ? 
ATOM   97   C  CG  . LYS A 1 13  ? 10.517  -8.979  8.244   1.000 30.637 0 13  LYS AAA CG  1 ? 
ATOM   98   C  CD  . LYS A 1 13  ? 10.784  -9.102  9.718   1.000 37.370 0 13  LYS AAA CD  1 ? 
ATOM   99   C  CE  . LYS A 1 13  ? 12.255  -9.362  9.993   1.000 42.507 0 13  LYS AAA CE  1 ? 
ATOM   100  N  NZ  . LYS A 1 13  ? 12.608  -9.148  11.419  1.000 48.166 0 13  LYS AAA NZ  1 ? 
ATOM   101  N  N   . ARG A 1 14  ? 8.704   -10.374 5.210   1.000 22.660 0 14  ARG AAA N   1 ? 
ATOM   102  C  CA  . ARG A 1 14  ? 9.166   -11.446 4.293   1.000 25.416 0 14  ARG AAA CA  1 ? 
ATOM   103  C  C   . ARG A 1 14  ? 9.338   -10.883 2.871   1.000 27.365 0 14  ARG AAA C   1 ? 
ATOM   104  O  O   . ARG A 1 14  ? 10.231  -11.346 2.150   1.000 30.330 0 14  ARG AAA O   1 ? 
ATOM   105  C  CB  . ARG A 1 14  ? 8.181   -12.613 4.389   1.000 29.873 0 14  ARG AAA CB  1 ? 
ATOM   106  C  CG  . ARG A 1 14  ? 8.334   -13.651 3.288   1.000 37.387 0 14  ARG AAA CG  1 ? 
ATOM   107  C  CD  . ARG A 1 14  ? 7.451   -14.840 3.620   1.000 42.682 0 14  ARG AAA CD  1 ? 
ATOM   108  N  NE  . ARG A 1 14  ? 6.085   -14.684 3.135   1.000 50.381 0 14  ARG AAA NE  1 ? 
ATOM   109  C  CZ  . ARG A 1 14  ? 5.708   -14.867 1.870   1.000 49.141 0 14  ARG AAA CZ  1 ? 
ATOM   110  N  NH1 . ARG A 1 14  ? 6.594   -15.203 0.941   1.000 48.248 0 14  ARG AAA NH1 1 ? 
ATOM   111  N  NH2 . ARG A 1 14  ? 4.436   -14.723 1.547   1.000 53.565 0 14  ARG AAA NH2 1 ? 
ATOM   112  N  N   . HIS A 1 15  ? 8.478   -9.933  2.456   1.000 26.433 0 15  HIS AAA N   1 ? 
ATOM   113  C  CA  . HIS A 1 15  ? 8.501   -9.334  1.093   1.000 25.605 0 15  HIS AAA CA  1 ? 
ATOM   114  C  C   . HIS A 1 15  ? 9.411   -8.106  0.995   1.000 24.628 0 15  HIS AAA C   1 ? 
ATOM   115  O  O   . HIS A 1 15  ? 9.364   -7.447  -0.036  1.000 27.287 0 15  HIS AAA O   1 ? 
ATOM   116  C  CB  . HIS A 1 15  ? 7.081   -8.997  0.656   1.000 26.657 0 15  HIS AAA CB  1 ? 
ATOM   117  C  CG  . HIS A 1 15  ? 6.324   -10.177 0.201   1.000 29.309 0 15  HIS AAA CG  1 ? 
ATOM   118  N  ND1 . HIS A 1 15  ? 5.406   -10.827 0.996   1.000 29.118 0 15  HIS AAA ND1 1 ? 
ATOM   119  C  CD2 . HIS A 1 15  ? 6.334   -10.818 -0.983  1.000 35.255 0 15  HIS AAA CD2 1 ? 
ATOM   120  C  CE1 . HIS A 1 15  ? 4.888   -11.831 0.308   1.000 32.157 0 15  HIS AAA CE1 1 ? 
ATOM   121  N  NE2 . HIS A 1 15  ? 5.452   -11.850 -0.878  1.000 36.009 0 15  HIS AAA NE2 1 ? 
ATOM   122  N  N   . GLY A 1 16  ? 10.189  -7.796  2.019   1.000 24.124 0 16  GLY AAA N   1 ? 
ATOM   123  C  CA  . GLY A 1 16  ? 11.324  -6.853  1.963   1.000 25.943 0 16  GLY AAA CA  1 ? 
ATOM   124  C  C   . GLY A 1 16  ? 10.953  -5.411  2.333   1.000 23.413 0 16  GLY AAA C   1 ? 
ATOM   125  O  O   . GLY A 1 16  ? 11.762  -4.535  2.047   1.000 25.579 0 16  GLY AAA O   1 ? 
ATOM   126  N  N   . LEU A 1 17  ? 9.838   -5.151  3.012   1.000 23.342 0 17  LEU AAA N   1 ? 
ATOM   127  C  CA  . LEU A 1 17  ? 9.447   -3.746  3.343   1.000 21.802 0 17  LEU AAA CA  1 ? 
ATOM   128  C  C   . LEU A 1 17  ? 10.091  -3.222  4.620   1.000 24.097 0 17  LEU AAA C   1 ? 
ATOM   129  O  O   . LEU A 1 17  ? 10.116  -1.975  4.780   1.000 23.856 0 17  LEU AAA O   1 ? 
ATOM   130  C  CB  . LEU A 1 17  ? 7.926   -3.645  3.463   1.000 21.728 0 17  LEU AAA CB  1 ? 
ATOM   131  C  CG  . LEU A 1 17  ? 7.175   -3.603  2.141   1.000 22.865 0 17  LEU AAA CG  1 ? 
ATOM   132  C  CD1 . LEU A 1 17  ? 5.706   -3.389  2.380   1.000 20.828 0 17  LEU AAA CD1 1 ? 
ATOM   133  C  CD2 . LEU A 1 17  ? 7.630   -2.504  1.194   1.000 20.881 0 17  LEU AAA CD2 1 ? 
ATOM   134  N  N   . ASP A 1 18  ? 10.652  -4.055  5.495   1.000 23.640 0 18  ASP AAA N   1 ? 
ATOM   135  C  CA  . ASP A 1 18  ? 11.180  -3.554  6.785   1.000 24.620 0 18  ASP AAA CA  1 ? 
ATOM   136  C  C   . ASP A 1 18  ? 12.440  -2.744  6.510   1.000 24.702 0 18  ASP AAA C   1 ? 
ATOM   137  O  O   . ASP A 1 18  ? 13.407  -3.285  5.933   1.000 26.378 0 18  ASP AAA O   1 ? 
ATOM   138  C  CB  . ASP A 1 18  ? 11.453  -4.649  7.814   1.000 29.497 0 18  ASP AAA CB  1 ? 
ATOM   139  C  CG  . ASP A 1 18  ? 11.865  -4.115  9.177   1.000 32.234 0 18  ASP AAA CG  1 ? 
ATOM   140  O  OD1 . ASP A 1 18  ? 11.699  -2.873  9.474   1.000 35.695 0 18  ASP AAA OD1 1 ? 
ATOM   141  O  OD2 . ASP A 1 18  ? 12.298  -4.959  9.984   1.000 46.037 0 18  ASP AAA OD2 1 ? 
ATOM   142  N  N   . ASN A 1 19  ? 12.350  -1.448  6.755   1.000 24.768 0 19  ASN AAA N   1 ? 
ATOM   143  C  CA  . ASN A 1 19  ? 13.366  -0.415  6.509   1.000 24.387 0 19  ASN AAA CA  1 ? 
ATOM   144  C  C   . ASN A 1 19  ? 13.605  -0.220  5.023   1.000 21.304 0 19  ASN AAA C   1 ? 
ATOM   145  O  O   . ASN A 1 19  ? 14.611  0.401   4.662   1.000 24.812 0 19  ASN AAA O   1 ? 
ATOM   146  C  CB  . ASN A 1 19  ? 14.637  -0.648  7.332   1.000 32.070 0 19  ASN AAA CB  1 ? 
ATOM   147  C  CG  . ASN A 1 19  ? 14.523  0.193   8.587   1.000 43.678 0 19  ASN AAA CG  1 ? 
ATOM   148  O  OD1 . ASN A 1 19  ? 14.386  1.427   8.506   1.000 41.582 0 19  ASN AAA OD1 1 ? 
ATOM   149  N  ND2 . ASN A 1 19  ? 14.435  -0.474  9.729   1.000 53.152 0 19  ASN AAA ND2 1 ? 
ATOM   150  N  N   . TYR A 1 20  ? 12.648  -0.574  4.166   1.000 21.452 0 20  TYR AAA N   1 ? 
ATOM   151  C  CA  . TYR A 1 20  ? 12.740  -0.253  2.737   1.000 21.458 0 20  TYR AAA CA  1 ? 
ATOM   152  C  C   . TYR A 1 20  ? 12.705  1.272   2.549   1.000 23.522 0 20  TYR AAA C   1 ? 
ATOM   153  O  O   . TYR A 1 20  ? 11.779  1.968   3.046   1.000 20.668 0 20  TYR AAA O   1 ? 
ATOM   154  C  CB  . TYR A 1 20  ? 11.639  -0.931  1.927   1.000 21.873 0 20  TYR AAA CB  1 ? 
ATOM   155  C  CG  . TYR A 1 20  ? 11.881  -0.861  0.454   1.000 21.384 0 20  TYR AAA CG  1 ? 
ATOM   156  C  CD1 . TYR A 1 20  ? 12.696  -1.811  -0.165  1.000 22.432 0 20  TYR AAA CD1 1 ? 
ATOM   157  C  CD2 . TYR A 1 20  ? 11.373  0.137   -0.351  1.000 20.819 0 20  TYR AAA CD2 1 ? 
ATOM   158  C  CE1 . TYR A 1 20  ? 12.987  -1.741  -1.517  1.000 25.099 0 20  TYR AAA CE1 1 ? 
ATOM   159  C  CE2 . TYR A 1 20  ? 11.681  0.253   -1.685  1.000 22.706 0 20  TYR AAA CE2 1 ? 
ATOM   160  C  CZ  . TYR A 1 20  ? 12.471  -0.709  -2.280  1.000 24.724 0 20  TYR AAA CZ  1 ? 
ATOM   161  O  OH  . TYR A 1 20  ? 12.717  -0.616  -3.599  1.000 28.811 0 20  TYR AAA OH  1 ? 
ATOM   162  N  N   . ARG A 1 21  ? 13.716  1.815   1.867   1.000 23.179 0 21  ARG AAA N   1 ? 
ATOM   163  C  CA  . ARG A 1 21  ? 13.984  3.275   1.760   1.000 24.496 0 21  ARG AAA CA  1 ? 
ATOM   164  C  C   . ARG A 1 21  ? 13.926  3.934   3.131   1.000 22.207 0 21  ARG AAA C   1 ? 
ATOM   165  O  O   . ARG A 1 21  ? 13.545  5.135   3.218   1.000 23.230 0 21  ARG AAA O   1 ? 
ATOM   166  C  CB  . ARG A 1 21  ? 12.987  3.969   0.827   1.000 28.557 0 21  ARG AAA CB  1 ? 
ATOM   167  C  CG  . ARG A 1 21  ? 13.114  3.593   -0.634  1.000 35.680 0 21  ARG AAA CG  1 ? 
ATOM   168  C  CD  . ARG A 1 21  ? 14.382  4.185   -1.211  1.000 38.777 0 21  ARG AAA CD  1 ? 
ATOM   169  N  NE  . ARG A 1 21  ? 14.176  5.449   -1.897  1.000 46.985 0 21  ARG AAA NE  1 ? 
ATOM   170  C  CZ  . ARG A 1 21  ? 15.157  6.283   -2.237  1.000 54.016 0 21  ARG AAA CZ  1 ? 
ATOM   171  N  NH1 . ARG A 1 21  ? 16.405  6.006   -1.900  1.000 59.634 0 21  ARG AAA NH1 1 ? 
ATOM   172  N  NH2 . ARG A 1 21  ? 14.892  7.405   -2.888  1.000 55.356 0 21  ARG AAA NH2 1 ? 
ATOM   173  N  N   . GLY A 1 22  ? 14.358  3.244   4.168   1.000 22.104 0 22  GLY AAA N   1 ? 
ATOM   174  C  CA  . GLY A 1 22  ? 14.457  3.797   5.511   1.000 21.979 0 22  GLY AAA CA  1 ? 
ATOM   175  C  C   . GLY A 1 22  ? 13.153  3.840   6.289   1.000 18.817 0 22  GLY AAA C   1 ? 
ATOM   176  O  O   . GLY A 1 22  ? 13.144  4.362   7.415   1.000 20.290 0 22  GLY AAA O   1 ? 
ATOM   177  N  N   . TYR A 1 23  ? 12.044  3.251   5.763   1.000 18.308 0 23  TYR AAA N   1 ? 
ATOM   178  C  CA  . TYR A 1 23  ? 10.721  3.224   6.440   1.000 17.423 0 23  TYR AAA CA  1 ? 
ATOM   179  C  C   . TYR A 1 23  ? 10.624  1.905   7.216   1.000 17.694 0 23  TYR AAA C   1 ? 
ATOM   180  O  O   . TYR A 1 23  ? 10.491  0.841   6.592   1.000 17.545 0 23  TYR AAA O   1 ? 
ATOM   181  C  CB  . TYR A 1 23  ? 9.569   3.418   5.460   1.000 17.335 0 23  TYR AAA CB  1 ? 
ATOM   182  C  CG  . TYR A 1 23  ? 9.529   4.780   4.837   1.000 15.461 0 23  TYR AAA CG  1 ? 
ATOM   183  C  CD1 . TYR A 1 23  ? 8.877   5.837   5.454   1.000 14.865 0 23  TYR AAA CD1 1 ? 
ATOM   184  C  CD2 . TYR A 1 23  ? 10.200  5.023   3.650   1.000 15.668 0 23  TYR AAA CD2 1 ? 
ATOM   185  C  CE1 . TYR A 1 23  ? 8.887   7.091   4.895   1.000 13.851 0 23  TYR AAA CE1 1 ? 
ATOM   186  C  CE2 . TYR A 1 23  ? 10.194  6.297   3.078   1.000 15.381 0 23  TYR AAA CE2 1 ? 
ATOM   187  C  CZ  . TYR A 1 23  ? 9.521   7.324   3.700   1.000 14.917 0 23  TYR AAA CZ  1 ? 
ATOM   188  O  OH  . TYR A 1 23  ? 9.446   8.571   3.175   1.000 15.901 0 23  TYR AAA OH  1 ? 
ATOM   189  N  N   . SER A 1 24  ? 10.587  2.028   8.530   1.000 18.619 0 24  SER AAA N   1 ? 
ATOM   190  C  CA  . SER A 1 24  ? 10.476  0.868   9.438   1.000 18.897 0 24  SER AAA CA  1 ? 
ATOM   191  C  C   . SER A 1 24  ? 9.197   0.120   9.146   1.000 19.372 0 24  SER AAA C   1 ? 
ATOM   192  O  O   . SER A 1 24  ? 8.173   0.739   8.692   1.000 18.381 0 24  SER AAA O   1 ? 
ATOM   193  C  CB  . SER A 1 24  ? 10.569  1.285   10.848  1.000 20.588 0 24  SER AAA CB  1 ? 
ATOM   194  O  OG  . SER A 1 24  ? 9.481   2.124   11.231  1.000 22.531 0 24  SER AAA OG  1 ? 
ATOM   195  N  N   . LEU A 1 25  ? 9.134   -1.156  9.529   1.000 17.885 0 25  LEU AAA N   1 ? 
ATOM   196  C  CA  . LEU A 1 25  ? 7.963   -1.989  9.309   1.000 17.789 0 25  LEU AAA CA  1 ? 
ATOM   197  C  C   . LEU A 1 25  ? 6.724   -1.330  9.893   1.000 16.838 0 25  LEU AAA C   1 ? 
ATOM   198  O  O   . LEU A 1 25  ? 5.643   -1.456  9.242   1.000 16.889 0 25  LEU AAA O   1 ? 
ATOM   199  C  CB  . LEU A 1 25  ? 8.259   -3.339  9.961   1.000 18.906 0 25  LEU AAA CB  1 ? 
ATOM   200  C  CG  . LEU A 1 25  ? 7.257   -4.431  9.650   1.000 20.041 0 25  LEU AAA CG  1 ? 
ATOM   201  C  CD1 . LEU A 1 25  ? 7.195   -4.665  8.162   1.000 22.244 0 25  LEU AAA CD1 1 ? 
ATOM   202  C  CD2 . LEU A 1 25  ? 7.699   -5.736  10.317  1.000 19.870 0 25  LEU AAA CD2 1 ? 
ATOM   203  N  N   . GLY A 1 26  ? 6.751   -0.753  11.069  1.000 16.677 0 26  GLY AAA N   1 ? 
ATOM   204  C  CA  . GLY A 1 26  ? 5.588   -0.138  11.687  1.000 15.779 0 26  GLY AAA CA  1 ? 
ATOM   205  C  C   . GLY A 1 26  ? 4.948   0.941   10.802  1.000 15.075 0 26  GLY AAA C   1 ? 
ATOM   206  O  O   . GLY A 1 26  ? 3.731   1.127   10.832  1.000 15.253 0 26  GLY AAA O   1 ? 
ATOM   207  N  N   . ASN A 1 27  ? 5.719   1.671   10.026  1.000 14.405 0 27  ASN AAA N   1 ? 
ATOM   208  C  CA  . ASN A 1 27  ? 5.185   2.653   9.056   1.000 13.429 0 27  ASN AAA CA  1 ? 
ATOM   209  C  C   . ASN A 1 27  ? 4.283   1.969   8.020   1.000 14.383 0 27  ASN AAA C   1 ? 
ATOM   210  O  O   . ASN A 1 27  ? 3.214   2.495   7.730   1.000 14.453 0 27  ASN AAA O   1 ? 
ATOM   211  C  CB  . ASN A 1 27  ? 6.262   3.407   8.306   1.000 15.247 0 27  ASN AAA CB  1 ? 
ATOM   212  C  CG  . ASN A 1 27  ? 6.894   4.457   9.185   1.000 15.476 0 27  ASN AAA CG  1 ? 
ATOM   213  O  OD1 . ASN A 1 27  ? 6.311   5.499   9.402   1.000 15.792 0 27  ASN AAA OD1 1 ? 
ATOM   214  N  ND2 . ASN A 1 27  ? 8.111   4.172   9.706   1.000 18.040 0 27  ASN AAA ND2 1 ? 
ATOM   215  N  N   . TRP A 1 28  ? 4.724   0.845   7.489   1.000 14.260 0 28  TRP AAA N   1 ? 
ATOM   216  C  CA  . TRP A 1 28  ? 3.950   0.125   6.473   1.000 14.748 0 28  TRP AAA CA  1 ? 
ATOM   217  C  C   . TRP A 1 28  ? 2.704   -0.486  7.065   1.000 14.024 0 28  TRP AAA C   1 ? 
ATOM   218  O  O   . TRP A 1 28  ? 1.659   -0.512  6.406   1.000 14.786 0 28  TRP AAA O   1 ? 
ATOM   219  C  CB  . TRP A 1 28  ? 4.839   -0.959  5.873   1.000 15.423 0 28  TRP AAA CB  1 ? 
ATOM   220  C  CG  . TRP A 1 28  ? 6.021   -0.409  5.129   1.000 15.660 0 28  TRP AAA CG  1 ? 
ATOM   221  C  CD1 . TRP A 1 28  ? 7.323   -0.338  5.542   1.000 16.140 0 28  TRP AAA CD1 1 ? 
ATOM   222  C  CD2 . TRP A 1 28  ? 6.011   0.278   3.866   1.000 15.525 0 28  TRP AAA CD2 1 ? 
ATOM   223  N  NE1 . TRP A 1 28  ? 8.102   0.289   4.633   1.000 17.161 0 28  TRP AAA NE1 1 ? 
ATOM   224  C  CE2 . TRP A 1 28  ? 7.329   0.638   3.554   1.000 15.473 0 28  TRP AAA CE2 1 ? 
ATOM   225  C  CE3 . TRP A 1 28  ? 5.003   0.506   2.908   1.000 15.581 0 28  TRP AAA CE3 1 ? 
ATOM   226  C  CZ2 . TRP A 1 28  ? 7.654   1.271   2.362   1.000 16.886 0 28  TRP AAA CZ2 1 ? 
ATOM   227  C  CZ3 . TRP A 1 28  ? 5.333   1.152   1.741   1.000 17.136 0 28  TRP AAA CZ3 1 ? 
ATOM   228  C  CH2 . TRP A 1 28  ? 6.638   1.529   1.470   1.000 18.166 0 28  TRP AAA CH2 1 ? 
ATOM   229  N  N   . VAL A 1 29  ? 2.786   -1.025  8.283   1.000 14.793 0 29  VAL AAA N   1 ? 
ATOM   230  C  CA  . VAL A 1 29  ? 1.610   -1.623  8.940   1.000 14.286 0 29  VAL AAA CA  1 ? 
ATOM   231  C  C   . VAL A 1 29  ? 0.591   -0.532  9.237   1.000 14.562 0 29  VAL AAA C   1 ? 
ATOM   232  O  O   . VAL A 1 29  ? -0.634  -0.691  9.000   1.000 14.900 0 29  VAL AAA O   1 ? 
ATOM   233  C  CB  . VAL A 1 29  ? 2.025   -2.425  10.209  1.000 15.342 0 29  VAL AAA CB  1 ? 
ATOM   234  C  CG1 . VAL A 1 29  ? 0.804   -2.942  10.915  1.000 16.216 0 29  VAL AAA CG1 1 ? 
ATOM   235  C  CG2 . VAL A 1 29  ? 2.943   -3.566  9.794   1.000 17.065 0 29  VAL AAA CG2 1 ? 
ATOM   236  N  N   . CYS A 1 30  ? 1.044   0.572   9.788   1.000 14.556 0 30  CYS AAA N   1 ? 
ATOM   237  C  CA  . CYS A 1 30  ? 0.178   1.736   10.081  1.000 15.106 0 30  CYS AAA CA  1 ? 
ATOM   238  C  C   . CYS A 1 30  ? -0.502  2.222   8.786   1.000 14.635 0 30  CYS AAA C   1 ? 
ATOM   239  O  O   . CYS A 1 30  ? -1.711  2.475   8.784   1.000 14.279 0 30  CYS AAA O   1 ? 
ATOM   240  C  CB  . CYS A 1 30  ? 1.026   2.831   10.741  1.000 14.941 0 30  CYS AAA CB  1 ? 
ATOM   241  S  SG  . CYS A 1 30  ? 0.068   4.276   11.273  1.000 15.550 0 30  CYS AAA SG  1 ? 
ATOM   242  N  N   . ALA A 1 31  ? 0.259   2.327   7.732   1.000 13.397 0 31  ALA AAA N   1 ? 
ATOM   243  C  CA  . ALA A 1 31  ? -0.305  2.796   6.440   1.000 13.944 0 31  ALA AAA CA  1 ? 
ATOM   244  C  C   . ALA A 1 31  ? -1.400  1.831   6.007   1.000 13.895 0 31  ALA AAA C   1 ? 
ATOM   245  O  O   . ALA A 1 31  ? -2.520  2.275   5.634   1.000 15.068 0 31  ALA AAA O   1 ? 
ATOM   246  C  CB  . ALA A 1 31  ? 0.740   2.938   5.393   1.000 15.037 0 31  ALA AAA CB  1 ? 
ATOM   247  N  N   . ALA A 1 32  ? -1.149  0.540   6.078   1.000 13.632 0 32  ALA AAA N   1 ? 
ATOM   248  C  CA  . ALA A 1 32  ? -2.162  -0.451  5.635   1.000 13.582 0 32  ALA AAA CA  1 ? 
ATOM   249  C  C   . ALA A 1 32  ? -3.365  -0.361  6.536   1.000 14.198 0 32  ALA AAA C   1 ? 
ATOM   250  O  O   . ALA A 1 32  ? -4.517  -0.489  6.025   1.000 15.060 0 32  ALA AAA O   1 ? 
ATOM   251  C  CB  . ALA A 1 32  ? -1.573  -1.810  5.630   1.000 13.818 0 32  ALA AAA CB  1 ? 
ATOM   252  N  N   . LYS A 1 33  ? -3.228  -0.208  7.842   1.000 14.433 0 33  LYS AAA N   1 ? 
ATOM   253  C  CA  . LYS A 1 33  ? -4.387  -0.111  8.717   1.000 13.894 0 33  LYS AAA CA  1 ? 
ATOM   254  C  C   . LYS A 1 33  ? -5.295  1.033   8.269   1.000 14.883 0 33  LYS AAA C   1 ? 
ATOM   255  O  O   . LYS A 1 33  ? -6.523  0.826   8.154   1.000 15.693 0 33  LYS AAA O   1 ? 
ATOM   256  C  CB  . LYS A 1 33  ? -3.934  0.133   10.162  1.000 16.464 0 33  LYS AAA CB  1 ? 
ATOM   257  C  CG  . LYS A 1 33  ? -5.067  0.457   11.108  1.000 20.820 0 33  LYS AAA CG  1 ? 
ATOM   258  C  CD  . LYS A 1 33  ? -6.015  -0.630  11.320  1.000 23.964 0 33  LYS AAA CD  1 ? 
ATOM   259  C  CE  . LYS A 1 33  ? -7.099  -0.210  12.303  1.000 31.176 0 33  LYS AAA CE  1 ? 
ATOM   260  N  NZ  . LYS A 1 33  ? -7.989  -1.356  12.564  1.000 33.056 0 33  LYS AAA NZ  1 ? 
ATOM   261  N  N   . PHE A 1 34  ? -4.727  2.216   8.069   1.000 14.739 0 34  PHE AAA N   1 ? 
ATOM   262  C  CA  . PHE A 1 34  ? -5.578  3.393   7.799   1.000 15.954 0 34  PHE AAA CA  1 ? 
ATOM   263  C  C   . PHE A 1 34  ? -5.928  3.523   6.316   1.000 15.421 0 34  PHE AAA C   1 ? 
ATOM   264  O  O   . PHE A 1 34  ? -6.858  4.288   6.061   1.000 19.288 0 34  PHE AAA O   1 ? 
ATOM   265  C  CB  . PHE A 1 34  ? -4.938  4.617   8.404   1.000 16.020 0 34  PHE AAA CB  1 ? 
ATOM   266  C  CG  . PHE A 1 34  ? -4.838  4.549   9.914   1.000 15.883 0 34  PHE AAA CG  1 ? 
ATOM   267  C  CD1 . PHE A 1 34  ? -5.938  4.291   10.689  1.000 15.404 0 34  PHE AAA CD1 1 ? 
ATOM   268  C  CD2 . PHE A 1 34  ? -3.665  4.860   10.589  1.000 17.914 0 34  PHE AAA CD2 1 ? 
ATOM   269  C  CE1 . PHE A 1 34  ? -5.860  4.242   12.074  1.000 16.783 0 34  PHE AAA CE1 1 ? 
ATOM   270  C  CE2 . PHE A 1 34  ? -3.605  4.870   11.984  1.000 21.401 0 34  PHE AAA CE2 1 ? 
ATOM   271  C  CZ  . PHE A 1 34  ? -4.705  4.559   12.699  1.000 17.309 0 34  PHE AAA CZ  1 ? 
ATOM   272  N  N   . GLU A 1 35  ? -5.249  2.844   5.447   1.000 13.557 0 35  GLU AAA N   1 ? 
ATOM   273  C  CA  . GLU A 1 35  ? -5.649  2.858   4.006   1.000 15.234 0 35  GLU AAA CA  1 ? 
ATOM   274  C  C   . GLU A 1 35  ? -6.787  1.858   3.787   1.000 15.632 0 35  GLU AAA C   1 ? 
ATOM   275  O  O   . GLU A 1 35  ? -7.714  2.141   3.019   1.000 17.109 0 35  GLU AAA O   1 ? 
ATOM   276  C  CB  . GLU A 1 35  ? -4.445  2.533   3.131   1.000 15.933 0 35  GLU AAA CB  1 ? 
ATOM   277  C  CG  . GLU A 1 35  ? -3.430  3.645   3.077   1.000 16.507 0 35  GLU AAA CG  1 ? 
ATOM   278  C  CD  . GLU A 1 35  ? -3.905  4.905   2.353   1.000 16.926 0 35  GLU AAA CD  1 ? 
ATOM   279  O  OE1 . GLU A 1 35  ? -5.038  4.851   1.751   1.000 18.466 0 35  GLU AAA OE1 1 ? 
ATOM   280  O  OE2 . GLU A 1 35  ? -3.188  5.925   2.327   1.000 17.913 0 35  GLU AAA OE2 1 ? 
ATOM   281  N  N   . SER A 1 36  ? -6.699  0.626   4.315   1.000 16.130 0 36  SER AAA N   1 ? 
ATOM   282  C  CA  . SER A 1 36  ? -7.569  -0.507  3.882   1.000 15.970 0 36  SER AAA CA  1 ? 
ATOM   283  C  C   . SER A 1 36  ? -8.158  -1.262  5.070   1.000 17.377 0 36  SER AAA C   1 ? 
ATOM   284  O  O   . SER A 1 36  ? -8.876  -2.242  4.821   1.000 17.582 0 36  SER AAA O   1 ? 
ATOM   285  C  CB  . SER A 1 36  ? -6.811  -1.457  3.046   1.000 15.636 0 36  SER AAA CB  1 ? 
ATOM   286  O  OG  . SER A 1 36  ? -5.825  -2.124  3.843   1.000 15.759 0 36  SER AAA OG  1 ? 
ATOM   287  N  N   . ASN A 1 37  ? -7.839  -0.929  6.328   1.000 16.948 0 37  ASN AAA N   1 ? 
ATOM   288  C  CA  . ASN A 1 37  ? -8.243  -1.759  7.492   1.000 18.318 0 37  ASN AAA CA  1 ? 
ATOM   289  C  C   . ASN A 1 37  ? -7.697  -3.170  7.318   1.000 16.691 0 37  ASN AAA C   1 ? 
ATOM   290  O  O   . ASN A 1 37  ? -8.371  -4.132  7.729   1.000 18.962 0 37  ASN AAA O   1 ? 
ATOM   291  C  CB  . ASN A 1 37  ? -9.748  -1.691  7.760   1.000 22.915 0 37  ASN AAA CB  1 ? 
ATOM   292  C  CG  . ASN A 1 37  ? -10.051 -1.857  9.224   1.000 29.387 0 37  ASN AAA CG  1 ? 
ATOM   293  O  OD1 . ASN A 1 37  ? -9.181  -1.695  10.058  1.000 30.016 0 37  ASN AAA OD1 1 ? 
ATOM   294  N  ND2 . ASN A 1 37  ? -11.292 -2.148  9.542   1.000 36.585 0 37  ASN AAA ND2 1 ? 
ATOM   295  N  N   . PHE A 1 38  ? -6.554  -3.343  6.694   1.000 15.453 0 38  PHE AAA N   1 ? 
ATOM   296  C  CA  . PHE A 1 38  ? -5.868  -4.603  6.482   1.000 15.226 0 38  PHE AAA CA  1 ? 
ATOM   297  C  C   . PHE A 1 38  ? -6.645  -5.556  5.568   1.000 16.381 0 38  PHE AAA C   1 ? 
ATOM   298  O  O   . PHE A 1 38  ? -6.360  -6.744  5.510   1.000 17.171 0 38  PHE AAA O   1 ? 
ATOM   299  C  CB  . PHE A 1 38  ? -5.623  -5.305  7.827   1.000 17.250 0 38  PHE AAA CB  1 ? 
ATOM   300  C  CG  . PHE A 1 38  ? -4.752  -4.573  8.832   1.000 16.021 0 38  PHE AAA CG  1 ? 
ATOM   301  C  CD1 . PHE A 1 38  ? -3.668  -3.816  8.473   1.000 16.879 0 38  PHE AAA CD1 1 ? 
ATOM   302  C  CD2 . PHE A 1 38  ? -4.992  -4.771  10.187  1.000 19.449 0 38  PHE AAA CD2 1 ? 
ATOM   303  C  CE1 . PHE A 1 38  ? -2.867  -3.231  9.460   1.000 16.100 0 38  PHE AAA CE1 1 ? 
ATOM   304  C  CE2 . PHE A 1 38  ? -4.176  -4.206  11.165  1.000 18.864 0 38  PHE AAA CE2 1 ? 
ATOM   305  C  CZ  . PHE A 1 38  ? -3.118  -3.419  10.800  1.000 17.154 0 38  PHE AAA CZ  1 ? 
ATOM   306  N  N   . ASN A 1 39  ? -7.494  -4.983  4.716   1.000 16.661 0 39  ASN AAA N   1 ? 
ATOM   307  C  CA  . ASN A 1 39  ? -8.356  -5.779  3.785   1.000 16.236 0 39  ASN AAA CA  1 ? 
ATOM   308  C  C   . ASN A 1 39  ? -7.786  -5.769  2.378   1.000 14.437 0 39  ASN AAA C   1 ? 
ATOM   309  O  O   . ASN A 1 39  ? -7.786  -4.658  1.739   1.000 16.340 0 39  ASN AAA O   1 ? 
ATOM   310  C  CB  . ASN A 1 39  ? -9.762  -5.241  3.789   1.000 17.354 0 39  ASN AAA CB  1 ? 
ATOM   311  C  CG  . ASN A 1 39  ? -10.750 -6.036  2.933   1.000 16.211 0 39  ASN AAA CG  1 ? 
ATOM   312  O  OD1 . ASN A 1 39  ? -10.393 -7.039  2.336   1.000 16.856 0 39  ASN AAA OD1 1 ? 
ATOM   313  N  ND2 . ASN A 1 39  ? -11.897 -5.436  2.820   1.000 20.148 0 39  ASN AAA ND2 1 ? 
ATOM   314  N  N   . THR A 1 40  ? -7.310  -6.862  1.850   1.000 15.538 0 40  THR AAA N   1 ? 
ATOM   315  C  CA  . THR A 1 40  ? -6.749  -6.909  0.498   1.000 15.976 0 40  THR AAA CA  1 ? 
ATOM   316  C  C   . THR A 1 40  ? -7.791  -6.565  -0.570  1.000 16.471 0 40  THR AAA C   1 ? 
ATOM   317  O  O   . THR A 1 40  ? -7.338  -6.167  -1.661  1.000 16.536 0 40  THR AAA O   1 ? 
ATOM   318  C  CB  . THR A 1 40  ? -6.114  -8.237  0.128   1.000 17.379 0 40  THR AAA CB  1 ? 
ATOM   319  O  OG1 . THR A 1 40  ? -7.153  -9.238  0.053   1.000 19.751 0 40  THR AAA OG1 1 ? 
ATOM   320  C  CG2 . THR A 1 40  ? -5.022  -8.690  1.068   1.000 18.642 0 40  THR AAA CG2 1 ? 
ATOM   321  N  N   . GLN A 1 41  ? -9.065  -6.667  -0.291  1.000 15.416 0 41  GLN AAA N   1 ? 
ATOM   322  C  CA  . GLN A 1 41  ? -10.130 -6.421  -1.297  1.000 14.452 0 41  GLN AAA CA  1 ? 
ATOM   323  C  C   . GLN A 1 41  ? -10.575 -4.988  -1.316  1.000 15.809 0 41  GLN AAA C   1 ? 
ATOM   324  O  O   . GLN A 1 41  ? -11.472 -4.688  -2.140  1.000 16.888 0 41  GLN AAA O   1 ? 
ATOM   325  C  CB  . GLN A 1 41  ? -11.339 -7.343  -1.081  1.000 14.702 0 41  GLN AAA CB  1 ? 
ATOM   326  C  CG  . GLN A 1 41  ? -10.948 -8.788  -1.220  1.000 17.049 0 41  GLN AAA CG  1 ? 
ATOM   327  C  CD  . GLN A 1 41  ? -12.141 -9.683  -1.371  1.000 19.681 0 41  GLN AAA CD  1 ? 
ATOM   328  O  OE1 . GLN A 1 41  ? -12.822 -9.658  -2.409  1.000 21.198 0 41  GLN AAA OE1 1 ? 
ATOM   329  N  NE2 . GLN A 1 41  ? -12.509 -10.406 -0.334  1.000 18.245 0 41  GLN AAA NE2 1 ? 
ATOM   330  N  N   . ALA A 1 42  ? -10.063 -4.107  -0.492  1.000 14.983 0 42  ALA AAA N   1 ? 
ATOM   331  C  CA  . ALA A 1 42  ? -10.561 -2.725  -0.410  1.000 15.179 0 42  ALA AAA CA  1 ? 
ATOM   332  C  C   . ALA A 1 42  ? -10.371 -1.983  -1.748  1.000 14.614 0 42  ALA AAA C   1 ? 
ATOM   333  O  O   . ALA A 1 42  ? -9.343  -2.033  -2.372  1.000 14.625 0 42  ALA AAA O   1 ? 
ATOM   334  C  CB  . ALA A 1 42  ? -9.818  -1.987  0.660   1.000 15.686 0 42  ALA AAA CB  1 ? 
ATOM   335  N  N   . THR A 1 43  ? -11.431 -1.294  -2.147  1.000 15.648 0 43  THR AAA N   1 ? 
ATOM   336  C  CA  . THR A 1 43  ? -11.435 -0.380  -3.325  1.000 16.615 0 43  THR AAA CA  1 ? 
ATOM   337  C  C   . THR A 1 43  ? -12.109 0.906   -2.957  1.000 17.959 0 43  THR AAA C   1 ? 
ATOM   338  O  O   . THR A 1 43  ? -13.129 0.879   -2.273  1.000 21.053 0 43  THR AAA O   1 ? 
ATOM   339  C  CB  . THR A 1 43  ? -12.087 -1.002  -4.562  1.000 18.094 0 43  THR AAA CB  1 ? 
ATOM   340  O  OG1 . THR A 1 43  ? -13.480 -1.221  -4.294  1.000 19.636 0 43  THR AAA OG1 1 ? 
ATOM   341  C  CG2 . THR A 1 43  ? -11.399 -2.253  -5.014  1.000 18.761 0 43  THR AAA CG2 1 ? 
ATOM   342  N  N   . ASN A 1 44  ? -11.611 2.040   -3.448  1.000 16.877 0 44  ASN AAA N   1 ? 
ATOM   343  C  CA  . ASN A 1 44  ? -12.272 3.313   -3.201  1.000 17.229 0 44  ASN AAA CA  1 ? 
ATOM   344  C  C   . ASN A 1 44  ? -12.061 4.217   -4.410  1.000 17.079 0 44  ASN AAA C   1 ? 
ATOM   345  O  O   . ASN A 1 44  ? -10.935 4.401   -4.823  1.000 16.856 0 44  ASN AAA O   1 ? 
ATOM   346  C  CB  . ASN A 1 44  ? -11.718 3.962   -1.934  1.000 19.326 0 44  ASN AAA CB  1 ? 
ATOM   347  C  CG  . ASN A 1 44  ? -12.078 3.191   -0.688  1.000 21.898 0 44  ASN AAA CG  1 ? 
ATOM   348  O  OD1 . ASN A 1 44  ? -11.215 2.540   -0.085  1.000 25.577 0 44  ASN AAA OD1 1 ? 
ATOM   349  N  ND2 . ASN A 1 44  ? -13.319 3.337   -0.283  1.000 20.739 0 44  ASN AAA ND2 1 ? 
ATOM   350  N  N   . ARG A 1 45  ? -13.149 4.772   -4.886  1.000 18.354 0 45  ARG AAA N   1 ? 
ATOM   351  C  CA  . ARG A 1 45  ? -13.151 5.702   -6.044  1.000 19.688 0 45  ARG AAA CA  1 ? 
ATOM   352  C  C   . ARG A 1 45  ? -12.664 7.080   -5.588  1.000 20.994 0 45  ARG AAA C   1 ? 
ATOM   353  O  O   . ARG A 1 45  ? -13.160 7.598   -4.548  1.000 23.980 0 45  ARG AAA O   1 ? 
ATOM   354  C  CB  . ARG A 1 45  ? -14.543 5.794   -6.677  1.000 22.082 0 45  ARG AAA CB  1 ? 
ATOM   355  C  CG  . ARG A 1 45  ? -14.536 6.400   -8.085  1.000 24.967 0 45  ARG AAA CG  1 ? 
ATOM   356  C  CD  . ARG A 1 45  ? -14.090 5.311   -9.027  1.000 30.222 0 45  ARG AAA CD  1 ? 
ATOM   357  N  NE  . ARG A 1 45  ? -13.962 5.652   -10.435 1.000 36.605 0 45  ARG AAA NE  1 ? 
ATOM   358  C  CZ  . ARG A 1 45  ? -14.893 5.453   -11.371 1.000 33.836 0 45  ARG AAA CZ  1 ? 
ATOM   359  N  NH1 . ARG A 1 45  ? -16.081 4.946   -11.092 1.000 34.252 0 45  ARG AAA NH1 1 ? 
ATOM   360  N  NH2 . ARG A 1 45  ? -14.591 5.704   -12.617 1.000 29.338 0 45  ARG AAA NH2 1 ? 
ATOM   361  N  N   . ASN A 1 46  ? -11.801 7.696   -6.392  1.000 19.659 0 46  ASN AAA N   1 ? 
ATOM   362  C  CA  . ASN A 1 46  ? -11.310 9.086   -6.180  1.000 21.489 0 46  ASN AAA CA  1 ? 
ATOM   363  C  C   . ASN A 1 46  ? -12.160 10.067  -7.003  1.000 21.854 0 46  ASN AAA C   1 ? 
ATOM   364  O  O   . ASN A 1 46  ? -12.775 9.698   -7.977  1.000 23.612 0 46  ASN AAA O   1 ? 
ATOM   365  C  CB  . ASN A 1 46  ? -9.847  9.236   -6.582  1.000 21.505 0 46  ASN AAA CB  1 ? 
ATOM   366  C  CG  . ASN A 1 46  ? -8.919  8.254   -5.876  1.000 21.441 0 46  ASN AAA CG  1 ? 
ATOM   367  O  OD1 . ASN A 1 46  ? -8.103  7.550   -6.511  1.000 23.486 0 46  ASN AAA OD1 1 ? 
ATOM   368  N  ND2 . ASN A 1 46  ? -9.003  8.218   -4.569  1.000 24.766 0 46  ASN AAA ND2 1 ? 
ATOM   369  N  N   . THR A 1 47  ? -12.088 11.333  -6.609  1.000 27.479 0 47  THR AAA N   1 ? 
ATOM   370  C  CA  . THR A 1 47  ? -12.918 12.408  -7.213  1.000 29.486 0 47  THR AAA CA  1 ? 
ATOM   371  C  C   . THR A 1 47  ? -12.593 12.529  -8.699  1.000 28.185 0 47  THR AAA C   1 ? 
ATOM   372  O  O   . THR A 1 47  ? -13.541 12.781  -9.483  1.000 35.066 0 47  THR AAA O   1 ? 
ATOM   373  C  CB  . THR A 1 47  ? -12.777 13.723  -6.422  1.000 30.046 0 47  THR AAA CB  1 ? 
ATOM   374  O  OG1 . THR A 1 47  ? -11.415 14.155  -6.387  1.000 36.750 0 47  THR AAA OG1 1 ? 
ATOM   375  C  CG2 . THR A 1 47  ? -13.241 13.567  -4.988  1.000 31.567 0 47  THR AAA CG2 1 ? 
ATOM   376  N  N   . ASP A 1 48  ? -11.338 12.333  -9.100  1.000 26.365 0 48  ASP AAA N   1 ? 
ATOM   377  C  CA  . ASP A 1 48  ? -10.879 12.500  -10.496 1.000 27.527 0 48  ASP AAA CA  1 ? 
ATOM   378  C  C   . ASP A 1 48  ? -11.335 11.328  -11.372 1.000 25.715 0 48  ASP AAA C   1 ? 
ATOM   379  O  O   . ASP A 1 48  ? -10.992 11.347  -12.556 1.000 28.338 0 48  ASP AAA O   1 ? 
ATOM   380  C  CB  . ASP A 1 48  ? -9.367  12.722  -10.547 1.000 30.130 0 48  ASP AAA CB  1 ? 
ATOM   381  C  CG  . ASP A 1 48  ? -8.504  11.526  -10.149 1.000 31.942 0 48  ASP AAA CG  1 ? 
ATOM   382  O  OD1 . ASP A 1 48  ? -9.082  10.495  -9.785  1.000 31.773 0 48  ASP AAA OD1 1 ? 
ATOM   383  O  OD2 . ASP A 1 48  ? -7.257  11.624  -10.260 1.000 38.736 0 48  ASP AAA OD2 1 ? 
ATOM   384  N  N   . GLY A 1 49  ? -11.923 10.253  -10.803 1.000 23.854 0 49  GLY AAA N   1 ? 
ATOM   385  C  CA  . GLY A 1 49  ? -12.364 9.070   -11.571 1.000 23.328 0 49  GLY AAA CA  1 ? 
ATOM   386  C  C   . GLY A 1 49  ? -11.403 7.880   -11.478 1.000 21.715 0 49  GLY AAA C   1 ? 
ATOM   387  O  O   . GLY A 1 49  ? -11.717 6.789   -11.989 1.000 23.023 0 49  GLY AAA O   1 ? 
ATOM   388  N  N   . SER A 1 50  ? -10.235 8.097   -10.909 1.000 20.101 0 50  SER AAA N   1 ? 
ATOM   389  C  CA  . SER A 1 50  ? -9.293  6.999   -10.603 1.000 19.379 0 50  SER AAA CA  1 ? 
ATOM   390  C  C   . SER A 1 50  ? -9.885  6.215   -9.404  1.000 16.723 0 50  SER AAA C   1 ? 
ATOM   391  O  O   . SER A 1 50  ? -10.831 6.656   -8.793  1.000 17.718 0 50  SER AAA O   1 ? 
ATOM   392  C  CB  . SER A 1 50  ? -7.917  7.523   -10.376 1.000 18.386 0 50  SER AAA CB  1 ? 
ATOM   393  O  OG  . SER A 1 50  ? -7.864  8.321   -9.225  1.000 20.165 0 50  SER AAA OG  1 ? 
ATOM   394  N  N   . THR A 1 51  ? -9.295  5.064   -9.166  1.000 16.214 0 51  THR AAA N   1 ? 
ATOM   395  C  CA  . THR A 1 51  ? -9.667  4.210   -8.020  1.000 15.652 0 51  THR AAA CA  1 ? 
ATOM   396  C  C   . THR A 1 51  ? -8.382  3.767   -7.341  1.000 14.836 0 51  THR AAA C   1 ? 
ATOM   397  O  O   . THR A 1 51  ? -7.356  3.498   -7.989  1.000 15.228 0 51  THR AAA O   1 ? 
ATOM   398  C  CB  . THR A 1 51  ? -10.498 3.032   -8.508  1.000 16.307 0 51  THR AAA CB  1 ? 
ATOM   399  O  OG1 . THR A 1 51  ? -11.658 3.509   -9.206  1.000 17.302 0 51  THR AAA OG1 1 ? 
ATOM   400  C  CG2 . THR A 1 51  ? -10.917 2.078   -7.406  1.000 16.481 0 51  THR AAA CG2 1 ? 
ATOM   401  N  N   A ASP A 1 52  ? -8.486  3.592   -6.021  0.500 14.741 0 52  ASP AAA N   1 ? 
ATOM   402  N  N   B ASP A 1 52  ? -8.502  3.591   -6.019  0.500 14.575 0 52  ASP AAA N   1 ? 
ATOM   403  C  CA  A ASP A 1 52  ? -7.396  3.034   -5.193  0.500 15.468 0 52  ASP AAA CA  1 ? 
ATOM   404  C  CA  B ASP A 1 52  ? -7.436  3.056   -5.144  0.500 15.195 0 52  ASP AAA CA  1 ? 
ATOM   405  C  C   A ASP A 1 52  ? -7.732  1.578   -4.864  0.500 14.220 0 52  ASP AAA C   1 ? 
ATOM   406  C  C   B ASP A 1 52  ? -7.738  1.572   -4.861  0.500 14.112 0 52  ASP AAA C   1 ? 
ATOM   407  O  O   A ASP A 1 52  ? -8.886  1.285   -4.481  0.500 15.288 0 52  ASP AAA O   1 ? 
ATOM   408  O  O   B ASP A 1 52  ? -8.892  1.226   -4.533  0.500 15.397 0 52  ASP AAA O   1 ? 
ATOM   409  C  CB  A ASP A 1 52  ? -7.228  3.809   -3.899  0.500 17.008 0 52  ASP AAA CB  1 ? 
ATOM   410  C  CB  B ASP A 1 52  ? -7.347  3.855   -3.847  0.500 16.252 0 52  ASP AAA CB  1 ? 
ATOM   411  C  CG  A ASP A 1 52  ? -6.905  5.269   -4.107  0.500 20.338 0 52  ASP AAA CG  1 ? 
ATOM   412  C  CG  B ASP A 1 52  ? -6.687  5.216   -3.974  0.500 19.380 0 52  ASP AAA CG  1 ? 
ATOM   413  O  OD1 A ASP A 1 52  ? -6.131  5.564   -5.092  0.500 19.186 0 52  ASP AAA OD1 1 ? 
ATOM   414  O  OD1 B ASP A 1 52  ? -6.413  5.655   -5.139  0.500 18.081 0 52  ASP AAA OD1 1 ? 
ATOM   415  O  OD2 A ASP A 1 52  ? -7.306  6.067   -3.215  0.500 24.798 0 52  ASP AAA OD2 1 ? 
ATOM   416  O  OD2 B ASP A 1 52  ? -6.450  5.827   -2.900  0.500 18.087 0 52  ASP AAA OD2 1 ? 
ATOM   417  N  N   . TYR A 1 53  ? -6.723  0.719   -4.926  1.000 14.466 0 53  TYR AAA N   1 ? 
ATOM   418  C  CA  . TYR A 1 53  ? -6.893  -0.734  -4.848  1.000 14.550 0 53  TYR AAA CA  1 ? 
ATOM   419  C  C   . TYR A 1 53  ? -5.998  -1.359  -3.785  1.000 15.216 0 53  TYR AAA C   1 ? 
ATOM   420  O  O   . TYR A 1 53  ? -4.772  -1.163  -3.763  1.000 15.494 0 53  TYR AAA O   1 ? 
ATOM   421  C  CB  . TYR A 1 53  ? -6.530  -1.384  -6.191  1.000 14.880 0 53  TYR AAA CB  1 ? 
ATOM   422  C  CG  . TYR A 1 53  ? -7.467  -1.018  -7.308  1.000 15.227 0 53  TYR AAA CG  1 ? 
ATOM   423  C  CD1 . TYR A 1 53  ? -7.266  0.143   -8.051  1.000 14.927 0 53  TYR AAA CD1 1 ? 
ATOM   424  C  CD2 . TYR A 1 53  ? -8.592  -1.777  -7.575  1.000 15.163 0 53  TYR AAA CD2 1 ? 
ATOM   425  C  CE1 . TYR A 1 53  ? -8.151  0.497   -9.047  1.000 16.114 0 53  TYR AAA CE1 1 ? 
ATOM   426  C  CE2 . TYR A 1 53  ? -9.477  -1.422  -8.571  1.000 16.489 0 53  TYR AAA CE2 1 ? 
ATOM   427  C  CZ  . TYR A 1 53  ? -9.284  -0.252  -9.275  1.000 16.036 0 53  TYR AAA CZ  1 ? 
ATOM   428  O  OH  . TYR A 1 53  ? -10.167 0.082   -10.275 1.000 16.449 0 53  TYR AAA OH  1 ? 
ATOM   429  N  N   . GLY A 1 54  ? -6.586  -2.256  -2.991  1.000 14.814 0 54  GLY AAA N   1 ? 
ATOM   430  C  CA  . GLY A 1 54  ? -5.866  -3.223  -2.172  1.000 16.242 0 54  GLY AAA CA  1 ? 
ATOM   431  C  C   . GLY A 1 54  ? -5.422  -2.646  -0.833  1.000 14.262 0 54  GLY AAA C   1 ? 
ATOM   432  O  O   . GLY A 1 54  ? -5.827  -1.623  -0.393  1.000 14.917 0 54  GLY AAA O   1 ? 
ATOM   433  N  N   . ILE A 1 55  ? -4.587  -3.452  -0.211  1.000 16.503 0 55  ILE AAA N   1 ? 
ATOM   434  C  CA  . ILE A 1 55  ? -4.148  -3.276  1.185   1.000 17.829 0 55  ILE AAA CA  1 ? 
ATOM   435  C  C   . ILE A 1 55  ? -3.400  -1.941  1.351   1.000 16.007 0 55  ILE AAA C   1 ? 
ATOM   436  O  O   . ILE A 1 55  ? -3.504  -1.339  2.423   1.000 16.978 0 55  ILE AAA O   1 ? 
ATOM   437  C  CB  . ILE A 1 55  ? -3.328  -4.500  1.617   1.000 22.919 0 55  ILE AAA CB  1 ? 
ATOM   438  C  CG1 . ILE A 1 55  ? -3.288  -4.614  3.140   1.000 28.996 0 55  ILE AAA CG1 1 ? 
ATOM   439  C  CG2 . ILE A 1 55  ? -1.959  -4.469  0.966   1.000 23.220 0 55  ILE AAA CG2 1 ? 
ATOM   440  C  CD1 . ILE A 1 55  ? -3.303  -5.986  3.696   1.000 29.584 0 55  ILE AAA CD1 1 ? 
ATOM   441  N  N   . LEU A 1 56  ? -2.773  -1.427  0.294   1.000 16.179 0 56  LEU AAA N   1 ? 
ATOM   442  C  CA  . LEU A 1 56  ? -2.112  -0.113  0.343   1.000 16.780 0 56  LEU AAA CA  1 ? 
ATOM   443  C  C   . LEU A 1 56  ? -2.748  0.889   -0.612  1.000 16.800 0 56  LEU AAA C   1 ? 
ATOM   444  O  O   . LEU A 1 56  ? -2.185  1.941   -0.899  1.000 17.312 0 56  LEU AAA O   1 ? 
ATOM   445  C  CB  . LEU A 1 56  ? -0.617  -0.282  0.099   1.000 18.334 0 56  LEU AAA CB  1 ? 
ATOM   446  C  CG  . LEU A 1 56  ? 0.192   -0.880  1.263   1.000 18.506 0 56  LEU AAA CG  1 ? 
ATOM   447  C  CD1 . LEU A 1 56  ? 1.592   -1.198  0.763   1.000 20.299 0 56  LEU AAA CD1 1 ? 
ATOM   448  C  CD2 . LEU A 1 56  ? 0.273   0.062   2.447   1.000 19.845 0 56  LEU AAA CD2 1 ? 
ATOM   449  N  N   . GLN A 1 57  ? -3.981  0.636   -1.059  1.000 15.407 0 57  GLN AAA N   1 ? 
ATOM   450  C  CA  . GLN A 1 57  ? -4.793  1.650   -1.775  1.000 15.845 0 57  GLN AAA CA  1 ? 
ATOM   451  C  C   . GLN A 1 57  ? -3.975  2.307   -2.907  1.000 16.002 0 57  GLN AAA C   1 ? 
ATOM   452  O  O   . GLN A 1 57  ? -3.914  3.559   -2.976  1.000 17.297 0 57  GLN AAA O   1 ? 
ATOM   453  C  CB  . GLN A 1 57  ? -5.400  2.607   -0.770  1.000 15.152 0 57  GLN AAA CB  1 ? 
ATOM   454  C  CG  . GLN A 1 57  ? -6.477  1.968   0.069   1.000 14.949 0 57  GLN AAA CG  1 ? 
ATOM   455  C  CD  . GLN A 1 57  ? -7.687  1.663   -0.789  1.000 15.271 0 57  GLN AAA CD  1 ? 
ATOM   456  O  OE1 . GLN A 1 57  ? -8.489  2.554   -1.069  1.000 16.376 0 57  GLN AAA OE1 1 ? 
ATOM   457  N  NE2 . GLN A 1 57  ? -7.812  0.399   -1.203  1.000 15.821 0 57  GLN AAA NE2 1 ? 
ATOM   458  N  N   . ILE A 1 58  ? -3.440  1.496   -3.784  1.000 15.039 0 58  ILE AAA N   1 ? 
ATOM   459  C  CA  . ILE A 1 58  ? -2.601  1.978   -4.918  1.000 16.473 0 58  ILE AAA CA  1 ? 
ATOM   460  C  C   . ILE A 1 58  ? -3.520  2.507   -6.020  1.000 15.357 0 58  ILE AAA C   1 ? 
ATOM   461  O  O   . ILE A 1 58  ? -4.531  1.900   -6.375  1.000 16.084 0 58  ILE AAA O   1 ? 
ATOM   462  C  CB  . ILE A 1 58  ? -1.682  0.864   -5.356  1.000 16.941 0 58  ILE AAA CB  1 ? 
ATOM   463  C  CG1 . ILE A 1 58  ? -0.641  0.675   -4.229  1.000 20.083 0 58  ILE AAA CG1 1 ? 
ATOM   464  C  CG2 . ILE A 1 58  ? -1.105  1.110   -6.757  1.000 18.036 0 58  ILE AAA CG2 1 ? 
ATOM   465  C  CD1 . ILE A 1 58  ? 0.238   -0.506  -4.402  1.000 22.029 0 58  ILE AAA CD1 1 ? 
ATOM   466  N  N   . ASN A 1 59  ? -3.211  3.712   -6.473  1.000 15.843 0 59  ASN AAA N   1 ? 
ATOM   467  C  CA  . ASN A 1 59  ? -4.074  4.525   -7.354  1.000 18.217 0 59  ASN AAA CA  1 ? 
ATOM   468  C  C   . ASN A 1 59  ? -3.870  4.226   -8.844  1.000 16.950 0 59  ASN AAA C   1 ? 
ATOM   469  O  O   . ASN A 1 59  ? -2.731  4.278   -9.320  1.000 19.885 0 59  ASN AAA O   1 ? 
ATOM   470  C  CB  . ASN A 1 59  ? -3.773  5.980   -7.031  1.000 19.736 0 59  ASN AAA CB  1 ? 
ATOM   471  C  CG  . ASN A 1 59  ? -4.696  7.013   -7.591  1.000 21.880 0 59  ASN AAA CG  1 ? 
ATOM   472  O  OD1 . ASN A 1 59  ? -5.419  6.742   -8.529  1.000 24.860 0 59  ASN AAA OD1 1 ? 
ATOM   473  N  ND2 . ASN A 1 59  ? -4.689  8.192   -7.014  1.000 25.328 0 59  ASN AAA ND2 1 ? 
ATOM   474  N  N   . SER A 1 60  ? -4.962  3.962   -9.533  1.000 16.561 0 60  SER AAA N   1 ? 
ATOM   475  C  CA  . SER A 1 60  ? -5.014  3.737   -11.002 1.000 16.552 0 60  SER AAA CA  1 ? 
ATOM   476  C  C   . SER A 1 60  ? -4.595  4.970   -11.812 1.000 17.418 0 60  SER AAA C   1 ? 
ATOM   477  O  O   . SER A 1 60  ? -4.305  4.784   -13.010 1.000 19.554 0 60  SER AAA O   1 ? 
ATOM   478  C  CB  . SER A 1 60  ? -6.378  3.268   -11.403 1.000 16.140 0 60  SER AAA CB  1 ? 
ATOM   479  O  OG  . SER A 1 60  ? -7.327  4.260   -11.224 1.000 16.975 0 60  SER AAA OG  1 ? 
ATOM   480  N  N   A ARG A 1 61  ? -4.513  6.153   -11.220 0.500 18.429 0 61  ARG AAA N   1 ? 
ATOM   481  N  N   B ARG A 1 61  ? -4.524  6.155   -11.227 0.500 19.447 0 61  ARG AAA N   1 ? 
ATOM   482  C  CA  A ARG A 1 61  ? -4.112  7.395   -11.946 0.500 19.615 0 61  ARG AAA CA  1 ? 
ATOM   483  C  CA  B ARG A 1 61  ? -4.102  7.379   -11.965 0.500 21.539 0 61  ARG AAA CA  1 ? 
ATOM   484  C  C   A ARG A 1 61  ? -2.671  7.217   -12.421 0.500 22.268 0 61  ARG AAA C   1 ? 
ATOM   485  C  C   B ARG A 1 61  ? -2.674  7.148   -12.465 0.500 23.321 0 61  ARG AAA C   1 ? 
ATOM   486  O  O   A ARG A 1 61  ? -2.337  7.799   -13.487 0.500 21.929 0 61  ARG AAA O   1 ? 
ATOM   487  O  O   B ARG A 1 61  ? -2.343  7.603   -13.589 0.500 23.577 0 61  ARG AAA O   1 ? 
ATOM   488  C  CB  A ARG A 1 61  ? -4.270  8.615   -11.030 0.500 21.020 0 61  ARG AAA CB  1 ? 
ATOM   489  C  CB  B ARG A 1 61  ? -4.224  8.599   -11.046 0.500 24.735 0 61  ARG AAA CB  1 ? 
ATOM   490  C  CG  A ARG A 1 61  ? -3.871  9.965   -11.625 0.500 24.169 0 61  ARG AAA CG  1 ? 
ATOM   491  C  CG  B ARG A 1 61  ? -3.629  9.890   -11.597 0.500 30.080 0 61  ARG AAA CG  1 ? 
ATOM   492  C  CD  A ARG A 1 61  ? -4.583  10.294  -12.911 0.500 24.798 0 61  ARG AAA CD  1 ? 
ATOM   493  C  CD  B ARG A 1 61  ? -4.206  10.256  -12.944 0.500 32.493 0 61  ARG AAA CD  1 ? 
ATOM   494  N  NE  A ARG A 1 61  ? -6.021  10.392  -12.756 0.500 25.477 0 61  ARG AAA NE  1 ? 
ATOM   495  N  NE  B ARG A 1 61  ? -3.641  11.490  -13.484 0.500 34.141 0 61  ARG AAA NE  1 ? 
ATOM   496  C  CZ  A ARG A 1 61  ? -6.884  10.277  -13.753 0.500 25.226 0 61  ARG AAA CZ  1 ? 
ATOM   497  C  CZ  B ARG A 1 61  ? -2.588  11.555  -14.300 0.500 36.227 0 61  ARG AAA CZ  1 ? 
ATOM   498  N  NH1 A ARG A 1 61  ? -6.449  10.084  -14.989 0.500 26.348 0 61  ARG AAA NH1 1 ? 
ATOM   499  N  NH1 B ARG A 1 61  ? -2.179  12.734  -14.730 0.500 35.904 0 61  ARG AAA NH1 1 ? 
ATOM   500  N  NH2 A ARG A 1 61  ? -8.173  10.356  -13.504 0.500 24.389 0 61  ARG AAA NH2 1 ? 
ATOM   501  N  NH2 B ARG A 1 61  ? -1.939  10.462  -14.678 0.500 33.796 0 61  ARG AAA NH2 1 ? 
ATOM   502  N  N   . TRP A 1 62  ? -1.823  6.507   -11.677 1.000 20.097 0 62  TRP AAA N   1 ? 
ATOM   503  C  CA  . TRP A 1 62  ? -0.388  6.377   -12.001 1.000 20.606 0 62  TRP AAA CA  1 ? 
ATOM   504  C  C   . TRP A 1 62  ? 0.069   4.936   -12.129 1.000 19.497 0 62  TRP AAA C   1 ? 
ATOM   505  O  O   . TRP A 1 62  ? 1.009   4.672   -12.879 1.000 21.278 0 62  TRP AAA O   1 ? 
ATOM   506  C  CB  . TRP A 1 62  ? 0.504   7.096   -10.974 1.000 21.879 0 62  TRP AAA CB  1 ? 
ATOM   507  C  CG  . TRP A 1 62  ? 0.223   8.557   -10.847 1.000 28.263 0 62  TRP AAA CG  1 ? 
ATOM   508  C  CD1 . TRP A 1 62  ? -0.466  9.194   -9.851  1.000 30.111 0 62  TRP AAA CD1 1 ? 
ATOM   509  C  CD2 . TRP A 1 62  ? 0.609   9.577   -11.780 1.000 35.619 0 62  TRP AAA CD2 1 ? 
ATOM   510  N  NE1 . TRP A 1 62  ? -0.537  10.541  -10.106 1.000 37.356 0 62  TRP AAA NE1 1 ? 
ATOM   511  C  CE2 . TRP A 1 62  ? 0.119   10.802  -11.275 1.000 35.610 0 62  TRP AAA CE2 1 ? 
ATOM   512  C  CE3 . TRP A 1 62  ? 1.313   9.572   -12.986 1.000 41.837 0 62  TRP AAA CE3 1 ? 
ATOM   513  C  CZ2 . TRP A 1 62  ? 0.330   12.011  -11.934 1.000 45.617 0 62  TRP AAA CZ2 1 ? 
ATOM   514  C  CZ3 . TRP A 1 62  ? 1.537   10.770  -13.629 1.000 46.112 0 62  TRP AAA CZ3 1 ? 
ATOM   515  C  CH2 . TRP A 1 62  ? 1.046   11.968  -13.110 1.000 47.115 0 62  TRP AAA CH2 1 ? 
ATOM   516  N  N   . TRP A 1 63  ? -0.474  3.959   -11.351 1.000 16.887 0 63  TRP AAA N   1 ? 
ATOM   517  C  CA  . TRP A 1 63  ? 0.310   2.785   -11.002 1.000 17.065 0 63  TRP AAA CA  1 ? 
ATOM   518  C  C   . TRP A 1 63  ? -0.167  1.499   -11.641 1.000 15.646 0 63  TRP AAA C   1 ? 
ATOM   519  O  O   . TRP A 1 63  ? 0.558   0.531   -11.654 1.000 18.400 0 63  TRP AAA O   1 ? 
ATOM   520  C  CB  . TRP A 1 63  ? 0.423   2.630   -9.471  1.000 17.619 0 63  TRP AAA CB  1 ? 
ATOM   521  C  CG  . TRP A 1 63  ? 1.019   3.847   -8.801  1.000 17.685 0 63  TRP AAA CG  1 ? 
ATOM   522  C  CD1 . TRP A 1 63  ? 0.362   4.797   -8.101  1.000 17.985 0 63  TRP AAA CD1 1 ? 
ATOM   523  C  CD2 . TRP A 1 63  ? 2.372   4.336   -8.984  1.000 20.082 0 63  TRP AAA CD2 1 ? 
ATOM   524  N  NE1 . TRP A 1 63  ? 1.241   5.794   -7.726  1.000 20.431 0 63  TRP AAA NE1 1 ? 
ATOM   525  C  CE2 . TRP A 1 63  ? 2.435   5.572   -8.323  1.000 20.001 0 63  TRP AAA CE2 1 ? 
ATOM   526  C  CE3 . TRP A 1 63  ? 3.501   3.818   -9.592  1.000 20.066 0 63  TRP AAA CE3 1 ? 
ATOM   527  C  CZ2 . TRP A 1 63  ? 3.643   6.294   -8.217  1.000 20.318 0 63  TRP AAA CZ2 1 ? 
ATOM   528  C  CZ3 . TRP A 1 63  ? 4.680   4.554   -9.505  1.000 20.401 0 63  TRP AAA CZ3 1 ? 
ATOM   529  C  CH2 . TRP A 1 63  ? 4.725   5.770   -8.844  1.000 21.212 0 63  TRP AAA CH2 1 ? 
ATOM   530  N  N   . CYS A 1 64  ? -1.466  1.445   -11.982 1.000 17.049 0 64  CYS AAA N   1 ? 
ATOM   531  C  CA  . CYS A 1 64  ? -2.089  0.214   -12.497 1.000 18.861 0 64  CYS AAA CA  1 ? 
ATOM   532  C  C   . CYS A 1 64  ? -3.147  0.578   -13.519 1.000 16.171 0 64  CYS AAA C   1 ? 
ATOM   533  O  O   . CYS A 1 64  ? -3.628  1.656   -13.539 1.000 17.395 0 64  CYS AAA O   1 ? 
ATOM   534  C  CB  . CYS A 1 64  ? -2.629  -0.684  -11.373 1.000 18.064 0 64  CYS AAA CB  1 ? 
ATOM   535  S  SG  . CYS A 1 64  ? -3.938  0.028   -10.356 1.000 17.431 0 64  CYS AAA SG  1 ? 
ATOM   536  N  N   A ASN A 1 65  ? -3.511  -0.452  -14.293 0.500 17.725 0 65  ASN AAA N   1 ? 
ATOM   537  N  N   B ASN A 1 65  ? -3.511  -0.431  -14.301 0.500 18.052 0 65  ASN AAA N   1 ? 
ATOM   538  C  CA  A ASN A 1 65  ? -4.570  -0.375  -15.333 0.500 18.050 0 65  ASN AAA CA  1 ? 
ATOM   539  C  CA  B ASN A 1 65  ? -4.579  -0.269  -15.312 0.500 18.178 0 65  ASN AAA CA  1 ? 
ATOM   540  C  C   A ASN A 1 65  ? -5.885  -0.998  -14.835 0.500 15.988 0 65  ASN AAA C   1 ? 
ATOM   541  C  C   B ASN A 1 65  ? -5.870  -0.963  -14.851 0.500 16.534 0 65  ASN AAA C   1 ? 
ATOM   542  O  O   A ASN A 1 65  ? -5.895  -2.184  -14.575 0.500 16.826 0 65  ASN AAA O   1 ? 
ATOM   543  O  O   B ASN A 1 65  ? -5.847  -2.148  -14.621 0.500 17.118 0 65  ASN AAA O   1 ? 
ATOM   544  C  CB  A ASN A 1 65  ? -4.142  -1.068  -16.632 0.500 18.634 0 65  ASN AAA CB  1 ? 
ATOM   545  C  CB  B ASN A 1 65  ? -4.132  -0.795  -16.673 0.500 19.852 0 65  ASN AAA CB  1 ? 
ATOM   546  C  CG  A ASN A 1 65  ? -5.043  -0.673  -17.793 0.500 19.809 0 65  ASN AAA CG  1 ? 
ATOM   547  C  CG  B ASN A 1 65  ? -5.326  -0.875  -17.598 0.500 20.401 0 65  ASN AAA CG  1 ? 
ATOM   548  O  OD1 A ASN A 1 65  ? -6.255  -0.581  -17.633 0.500 20.541 0 65  ASN AAA OD1 1 ? 
ATOM   549  O  OD1 B ASN A 1 65  ? -5.754  -1.967  -17.952 0.500 26.108 0 65  ASN AAA OD1 1 ? 
ATOM   550  N  ND2 A ASN A 1 65  ? -4.469  -0.516  -18.974 0.500 22.227 0 65  ASN AAA ND2 1 ? 
ATOM   551  N  ND2 B ASN A 1 65  ? -5.924  0.273   -17.864 0.500 18.439 0 65  ASN AAA ND2 1 ? 
ATOM   552  N  N   . ASP A 1 66  ? -6.922  -0.190  -14.703 1.000 16.973 0 66  ASP AAA N   1 ? 
ATOM   553  C  CA  . ASP A 1 66  ? -8.254  -0.750  -14.342 1.000 17.417 0 66  ASP AAA CA  1 ? 
ATOM   554  C  C   . ASP A 1 66  ? -9.287  -0.623  -15.479 1.000 20.332 0 66  ASP AAA C   1 ? 
ATOM   555  O  O   . ASP A 1 66  ? -10.471 -0.953  -15.235 1.000 20.266 0 66  ASP AAA O   1 ? 
ATOM   556  C  CB  . ASP A 1 66  ? -8.811  -0.169  -13.071 1.000 17.875 0 66  ASP AAA CB  1 ? 
ATOM   557  C  CG  . ASP A 1 66  ? -9.175  1.279   -13.114 1.000 18.367 0 66  ASP AAA CG  1 ? 
ATOM   558  O  OD1 . ASP A 1 66  ? -9.041  1.937   -14.216 1.000 19.129 0 66  ASP AAA OD1 1 ? 
ATOM   559  O  OD2 . ASP A 1 66  ? -9.543  1.869   -12.076 1.000 18.207 0 66  ASP AAA OD2 1 ? 
ATOM   560  N  N   . GLY A 1 67  ? -8.859  -0.240  -16.662 1.000 19.530 0 67  GLY AAA N   1 ? 
ATOM   561  C  CA  . GLY A 1 67  ? -9.736  -0.162  -17.857 1.000 21.002 0 67  GLY AAA CA  1 ? 
ATOM   562  C  C   . GLY A 1 67  ? -10.690 0.988   -17.787 1.000 22.650 0 67  GLY AAA C   1 ? 
ATOM   563  O  O   . GLY A 1 67  ? -11.513 1.119   -18.760 1.000 26.549 0 67  GLY AAA O   1 ? 
ATOM   564  N  N   . ARG A 1 68  ? -10.671 1.853   -16.777 1.000 20.851 0 68  ARG AAA N   1 ? 
ATOM   565  C  CA  . ARG A 1 68  ? -11.635 2.958   -16.691 1.000 21.253 0 68  ARG AAA CA  1 ? 
ATOM   566  C  C   . ARG A 1 68  ? -11.037 4.251   -16.137 1.000 23.065 0 68  ARG AAA C   1 ? 
ATOM   567  O  O   . ARG A 1 68  ? -11.833 5.118   -15.702 1.000 28.820 0 68  ARG AAA O   1 ? 
ATOM   568  C  CB  . ARG A 1 68  ? -12.860 2.491   -15.907 1.000 22.414 0 68  ARG AAA CB  1 ? 
ATOM   569  C  CG  . ARG A 1 68  ? -12.506 2.150   -14.480 1.000 22.902 0 68  ARG AAA CG  1 ? 
ATOM   570  C  CD  . ARG A 1 68  ? -13.795 2.038   -13.730 1.000 24.646 0 68  ARG AAA CD  1 ? 
ATOM   571  N  NE  . ARG A 1 68  ? -13.604 2.298   -12.339 1.000 22.797 0 68  ARG AAA NE  1 ? 
ATOM   572  C  CZ  . ARG A 1 68  ? -14.473 1.942   -11.376 1.000 22.680 0 68  ARG AAA CZ  1 ? 
ATOM   573  N  NH1 . ARG A 1 68  ? -15.576 1.309   -11.711 1.000 24.555 0 68  ARG AAA NH1 1 ? 
ATOM   574  N  NH2 . ARG A 1 68  ? -14.222 2.202   -10.086 1.000 23.764 0 68  ARG AAA NH2 1 ? 
ATOM   575  N  N   . THR A 1 69  ? -9.728  4.448   -16.229 1.000 23.112 0 69  THR AAA N   1 ? 
ATOM   576  C  CA  . THR A 1 69  ? -9.072  5.694   -15.770 1.000 22.068 0 69  THR AAA CA  1 ? 
ATOM   577  C  C   . THR A 1 69  ? -8.401  6.311   -16.997 1.000 22.841 0 69  THR AAA C   1 ? 
ATOM   578  O  O   . THR A 1 69  ? -7.244  6.057   -17.241 1.000 24.201 0 69  THR AAA O   1 ? 
ATOM   579  C  CB  . THR A 1 69  ? -8.094  5.444   -14.614 1.000 22.079 0 69  THR AAA CB  1 ? 
ATOM   580  O  OG1 . THR A 1 69  ? -8.739  4.586   -13.659 1.000 19.975 0 69  THR AAA OG1 1 ? 
ATOM   581  C  CG2 . THR A 1 69  ? -7.696  6.731   -13.935 1.000 21.109 0 69  THR AAA CG2 1 ? 
ATOM   582  N  N   . PRO A 1 70  ? -9.147  7.089   -17.796 1.000 25.524 0 70  PRO AAA N   1 ? 
ATOM   583  C  CA  . PRO A 1 70  ? -8.608  7.661   -19.033 1.000 26.857 0 70  PRO AAA CA  1 ? 
ATOM   584  C  C   . PRO A 1 70  ? -7.419  8.570   -18.770 1.000 29.590 0 70  PRO AAA C   1 ? 
ATOM   585  O  O   . PRO A 1 70  ? -7.460  9.372   -17.836 1.000 34.317 0 70  PRO AAA O   1 ? 
ATOM   586  C  CB  . PRO A 1 70  ? -9.731  8.535   -19.595 1.000 30.968 0 70  PRO AAA CB  1 ? 
ATOM   587  C  CG  . PRO A 1 70  ? -10.989 8.126   -18.878 1.000 29.918 0 70  PRO AAA CG  1 ? 
ATOM   588  C  CD  . PRO A 1 70  ? -10.567 7.429   -17.591 1.000 28.563 0 70  PRO AAA CD  1 ? 
ATOM   589  N  N   . GLY A 1 71  ? -6.404  8.445   -19.625 1.000 30.375 0 71  GLY AAA N   1 ? 
ATOM   590  C  CA  . GLY A 1 71  ? -5.260  9.373   -19.654 1.000 34.075 0 71  GLY AAA CA  1 ? 
ATOM   591  C  C   . GLY A 1 71  ? -4.333  9.087   -18.492 1.000 35.390 0 71  GLY AAA C   1 ? 
ATOM   592  O  O   . GLY A 1 71  ? -3.568  9.990   -18.101 1.000 41.603 0 71  GLY AAA O   1 ? 
ATOM   593  N  N   . SER A 1 72  ? -4.425  7.887   -17.906 1.000 30.683 0 72  SER AAA N   1 ? 
ATOM   594  C  CA  . SER A 1 72  ? -3.632  7.535   -16.713 1.000 26.256 0 72  SER AAA CA  1 ? 
ATOM   595  C  C   . SER A 1 72  ? -2.403  6.718   -17.136 1.000 28.902 0 72  SER AAA C   1 ? 
ATOM   596  O  O   . SER A 1 72  ? -2.285  6.327   -18.300 1.000 30.863 0 72  SER AAA O   1 ? 
ATOM   597  C  CB  . SER A 1 72  ? -4.497  6.806   -15.722 1.000 25.686 0 72  SER AAA CB  1 ? 
ATOM   598  O  OG  . SER A 1 72  ? -4.682  5.467   -16.140 1.000 24.520 0 72  SER AAA OG  1 ? 
ATOM   599  N  N   . ARG A 1 73  ? -1.508  6.462   -16.195 1.000 25.043 0 73  ARG AAA N   1 ? 
ATOM   600  C  CA  . ARG A 1 73  ? -0.333  5.601   -16.416 1.000 25.544 0 73  ARG AAA CA  1 ? 
ATOM   601  C  C   . ARG A 1 73  ? -0.529  4.284   -15.675 1.000 24.394 0 73  ARG AAA C   1 ? 
ATOM   602  O  O   . ARG A 1 73  ? -1.444  4.165   -14.845 1.000 24.633 0 73  ARG AAA O   1 ? 
ATOM   603  C  CB  . ARG A 1 73  ? 0.958   6.281   -15.953 1.000 29.850 0 73  ARG AAA CB  1 ? 
ATOM   604  C  CG  . ARG A 1 73  ? 1.245   7.619   -16.628 1.000 35.660 0 73  ARG AAA CG  1 ? 
ATOM   605  C  CD  . ARG A 1 73  ? 1.580   7.453   -18.091 1.000 45.467 0 73  ARG AAA CD  1 ? 
ATOM   606  N  NE  . ARG A 1 73  ? 2.933   6.944   -18.300 1.000 53.594 0 73  ARG AAA NE  1 ? 
ATOM   607  C  CZ  . ARG A 1 73  ? 3.370   6.318   -19.399 1.000 60.141 0 73  ARG AAA CZ  1 ? 
ATOM   608  N  NH1 . ARG A 1 73  ? 2.554   6.071   -20.413 1.000 62.545 0 73  ARG AAA NH1 1 ? 
ATOM   609  N  NH2 . ARG A 1 73  ? 4.633   5.924   -19.468 1.000 59.720 0 73  ARG AAA NH2 1 ? 
ATOM   610  N  N   . ASN A 1 74  ? 0.306   3.333   -16.007 1.000 22.887 0 74  ASN AAA N   1 ? 
ATOM   611  C  CA  . ASN A 1 74  ? 0.384   1.967   -15.464 1.000 21.435 0 74  ASN AAA CA  1 ? 
ATOM   612  C  C   . ASN A 1 74  ? 1.856   1.698   -15.123 1.000 20.501 0 74  ASN AAA C   1 ? 
ATOM   613  O  O   . ASN A 1 74  ? 2.432   0.731   -15.646 1.000 22.949 0 74  ASN AAA O   1 ? 
ATOM   614  C  CB  . ASN A 1 74  ? -0.216  0.968   -16.445 1.000 21.828 0 74  ASN AAA CB  1 ? 
ATOM   615  C  CG  . ASN A 1 74  ? -0.231  -0.437  -15.896 1.000 22.520 0 74  ASN AAA CG  1 ? 
ATOM   616  O  OD1 . ASN A 1 74  ? 0.105   -0.675  -14.730 1.000 22.086 0 74  ASN AAA OD1 1 ? 
ATOM   617  N  ND2 . ASN A 1 74  ? -0.570  -1.425  -16.715 1.000 23.994 0 74  ASN AAA ND2 1 ? 
ATOM   618  N  N   . LEU A 1 75  ? 2.382   2.425   -14.136 1.000 22.162 0 75  LEU AAA N   1 ? 
ATOM   619  C  CA  . LEU A 1 75  ? 3.850   2.382   -13.899 1.000 23.052 0 75  LEU AAA CA  1 ? 
ATOM   620  C  C   . LEU A 1 75  ? 4.273   1.074   -13.242 1.000 24.538 0 75  LEU AAA C   1 ? 
ATOM   621  O  O   . LEU A 1 75  ? 5.472   0.703   -13.378 1.000 25.317 0 75  LEU AAA O   1 ? 
ATOM   622  C  CB  . LEU A 1 75  ? 4.282   3.596   -13.097 1.000 26.777 0 75  LEU AAA CB  1 ? 
ATOM   623  C  CG  . LEU A 1 75  ? 4.170   4.904   -13.861 1.000 27.692 0 75  LEU AAA CG  1 ? 
ATOM   624  C  CD1 . LEU A 1 75  ? 4.470   6.074   -12.957 1.000 29.365 0 75  LEU AAA CD1 1 ? 
ATOM   625  C  CD2 . LEU A 1 75  ? 5.078   4.915   -15.109 1.000 31.747 0 75  LEU AAA CD2 1 ? 
ATOM   626  N  N   . CYS A 1 76  ? 3.383   0.323   -12.563 1.000 20.850 0 76  CYS AAA N   1 ? 
ATOM   627  C  CA  . CYS A 1 76  ? 3.711   -0.982  -12.003 1.000 21.505 0 76  CYS AAA CA  1 ? 
ATOM   628  C  C   . CYS A 1 76  ? 3.455   -2.105  -13.012 1.000 20.797 0 76  CYS AAA C   1 ? 
ATOM   629  O  O   . CYS A 1 76  ? 3.739   -3.221  -12.714 1.000 22.701 0 76  CYS AAA O   1 ? 
ATOM   630  C  CB  . CYS A 1 76  ? 2.907   -1.186  -10.721 1.000 19.245 0 76  CYS AAA CB  1 ? 
ATOM   631  S  SG  . CYS A 1 76  ? 3.575   -0.097  -9.420  1.000 20.752 0 76  CYS AAA SG  1 ? 
ATOM   632  N  N   . ASN A 1 77  ? 2.901   -1.741  -14.159 1.000 23.195 0 77  ASN AAA N   1 ? 
ATOM   633  C  CA  . ASN A 1 77  ? 2.685   -2.675  -15.297 1.000 25.067 0 77  ASN AAA CA  1 ? 
ATOM   634  C  C   . ASN A 1 77  ? 1.851   -3.863  -14.861 1.000 23.544 0 77  ASN AAA C   1 ? 
ATOM   635  O  O   . ASN A 1 77  ? 2.255   -5.029  -15.042 1.000 25.012 0 77  ASN AAA O   1 ? 
ATOM   636  C  CB  . ASN A 1 77  ? 4.012   -3.126  -15.918 1.000 30.233 0 77  ASN AAA CB  1 ? 
ATOM   637  C  CG  . ASN A 1 77  ? 3.963   -2.772  -17.380 1.000 43.520 0 77  ASN AAA CG  1 ? 
ATOM   638  O  OD1 . ASN A 1 77  ? 3.357   -3.500  -18.171 1.000 49.265 0 77  ASN AAA OD1 1 ? 
ATOM   639  N  ND2 . ASN A 1 77  ? 4.431   -1.573  -17.694 1.000 46.389 0 77  ASN AAA ND2 1 ? 
ATOM   640  N  N   . ILE A 1 78  ? 0.693   -3.573  -14.243 1.000 22.296 0 78  ILE AAA N   1 ? 
ATOM   641  C  CA  . ILE A 1 78  ? -0.213  -4.611  -13.704 1.000 23.620 0 78  ILE AAA CA  1 ? 
ATOM   642  C  C   . ILE A 1 78  ? -1.654  -4.157  -13.870 1.000 20.073 0 78  ILE AAA C   1 ? 
ATOM   643  O  O   . ILE A 1 78  ? -1.969  -2.978  -13.819 1.000 19.686 0 78  ILE AAA O   1 ? 
ATOM   644  C  CB  . ILE A 1 78  ? 0.021   -4.885  -12.204 1.000 24.454 0 78  ILE AAA CB  1 ? 
ATOM   645  C  CG1 . ILE A 1 78  ? 0.005   -3.569  -11.412 1.000 24.048 0 78  ILE AAA CG1 1 ? 
ATOM   646  C  CG2 . ILE A 1 78  ? 1.239   -5.769  -11.970 1.000 28.178 0 78  ILE AAA CG2 1 ? 
ATOM   647  C  CD1 . ILE A 1 78  ? -0.032  -3.687  -9.894  1.000 27.655 0 78  ILE AAA CD1 1 ? 
ATOM   648  N  N   . PRO A 1 79  ? -2.575  -5.124  -14.021 1.000 21.571 0 79  PRO AAA N   1 ? 
ATOM   649  C  CA  . PRO A 1 79  ? -3.982  -4.797  -13.860 1.000 20.269 0 79  PRO AAA CA  1 ? 
ATOM   650  C  C   . PRO A 1 79  ? -4.196  -4.477  -12.378 1.000 17.754 0 79  PRO AAA C   1 ? 
ATOM   651  O  O   . PRO A 1 79  ? -3.674  -5.156  -11.480 1.000 18.250 0 79  PRO AAA O   1 ? 
ATOM   652  C  CB  . PRO A 1 79  ? -4.730  -6.079  -14.264 1.000 21.156 0 79  PRO AAA CB  1 ? 
ATOM   653  C  CG  . PRO A 1 79  ? -3.702  -7.196  -14.129 1.000 25.974 0 79  PRO AAA CG  1 ? 
ATOM   654  C  CD  . PRO A 1 79  ? -2.317  -6.562  -14.204 1.000 22.014 0 79  PRO AAA CD  1 ? 
ATOM   655  N  N   . CYS A 1 80  ? -5.030  -3.500  -12.133 1.000 16.992 0 80  CYS AAA N   1 ? 
ATOM   656  C  CA  . CYS A 1 80  ? -5.357  -3.094  -10.744 1.000 16.008 0 80  CYS AAA CA  1 ? 
ATOM   657  C  C   . CYS A 1 80  ? -5.923  -4.271  -9.946  1.000 17.587 0 80  CYS AAA C   1 ? 
ATOM   658  O  O   . CYS A 1 80  ? -5.691  -4.372  -8.721  1.000 16.762 0 80  CYS AAA O   1 ? 
ATOM   659  C  CB  . CYS A 1 80  ? -6.287  -1.907  -10.713 1.000 16.994 0 80  CYS AAA CB  1 ? 
ATOM   660  S  SG  . CYS A 1 80  ? -5.598  -0.397  -11.435 1.000 17.146 0 80  CYS AAA SG  1 ? 
ATOM   661  N  N   . SER A 1 81  ? -6.676  -5.193  -10.580 1.000 18.096 0 81  SER AAA N   1 ? 
ATOM   662  C  CA  . SER A 1 81  ? -7.234  -6.383  -9.899  1.000 19.900 0 81  SER AAA CA  1 ? 
ATOM   663  C  C   . SER A 1 81  ? -6.154  -7.231  -9.242  1.000 20.488 0 81  SER AAA C   1 ? 
ATOM   664  O  O   . SER A 1 81  ? -6.457  -7.918  -8.239  1.000 21.841 0 81  SER AAA O   1 ? 
ATOM   665  C  CB  . SER A 1 81  ? -8.078  -7.202  -10.846 1.000 23.175 0 81  SER AAA CB  1 ? 
ATOM   666  O  OG  . SER A 1 81  ? -7.249  -7.690  -11.899 1.000 26.023 0 81  SER AAA OG  1 ? 
ATOM   667  N  N   . ALA A 1 82  ? -4.933  -7.247  -9.769  1.000 21.023 0 82  ALA AAA N   1 ? 
ATOM   668  C  CA  . ALA A 1 82  ? -3.801  -7.969  -9.130  1.000 23.097 0 82  ALA AAA CA  1 ? 
ATOM   669  C  C   . ALA A 1 82  ? -3.549  -7.451  -7.727  1.000 22.795 0 82  ALA AAA C   1 ? 
ATOM   670  O  O   . ALA A 1 82  ? -2.955  -8.214  -6.883  1.000 26.935 0 82  ALA AAA O   1 ? 
ATOM   671  C  CB  . ALA A 1 82  ? -2.514  -7.824  -9.908  1.000 26.337 0 82  ALA AAA CB  1 ? 
ATOM   672  N  N   . LEU A 1 83  ? -3.888  -6.209  -7.456  1.000 20.738 0 83  LEU AAA N   1 ? 
ATOM   673  C  CA  . LEU A 1 83  ? -3.628  -5.617  -6.136  1.000 19.979 0 83  LEU AAA CA  1 ? 
ATOM   674  C  C   . LEU A 1 83  ? -4.629  -6.083  -5.089  1.000 22.388 0 83  LEU AAA C   1 ? 
ATOM   675  O  O   . LEU A 1 83  ? -4.558  -5.581  -3.953  1.000 22.734 0 83  LEU AAA O   1 ? 
ATOM   676  C  CB  . LEU A 1 83  ? -3.648  -4.110  -6.310  1.000 21.726 0 83  LEU AAA CB  1 ? 
ATOM   677  C  CG  . LEU A 1 83  ? -2.561  -3.555  -7.213  1.000 21.718 0 83  LEU AAA CG  1 ? 
ATOM   678  C  CD1 . LEU A 1 83  ? -2.745  -2.079  -7.540  1.000 23.908 0 83  LEU AAA CD1 1 ? 
ATOM   679  C  CD2 . LEU A 1 83  ? -1.189  -3.802  -6.558  1.000 27.091 0 83  LEU AAA CD2 1 ? 
ATOM   680  N  N   . LEU A 1 84  ? -5.632  -6.909  -5.469  1.000 20.706 0 84  LEU AAA N   1 ? 
ATOM   681  C  CA  . LEU A 1 84  ? -6.695  -7.315  -4.534  1.000 22.204 0 84  LEU AAA CA  1 ? 
ATOM   682  C  C   . LEU A 1 84  ? -6.483  -8.763  -4.052  1.000 23.198 0 84  LEU AAA C   1 ? 
ATOM   683  O  O   . LEU A 1 84  ? -7.269  -9.232  -3.203  1.000 27.240 0 84  LEU AAA O   1 ? 
ATOM   684  C  CB  . LEU A 1 84  ? -8.050  -7.137  -5.224  1.000 21.929 0 84  LEU AAA CB  1 ? 
ATOM   685  C  CG  . LEU A 1 84  ? -8.326  -5.741  -5.772  1.000 20.683 0 84  LEU AAA CG  1 ? 
ATOM   686  C  CD1 . LEU A 1 84  ? -9.684  -5.699  -6.454  1.000 25.600 0 84  LEU AAA CD1 1 ? 
ATOM   687  C  CD2 . LEU A 1 84  ? -8.298  -4.702  -4.641  1.000 20.625 0 84  LEU AAA CD2 1 ? 
ATOM   688  N  N   . SER A 1 85  ? -5.444  -9.422  -4.519  1.000 23.080 0 85  SER AAA N   1 ? 
ATOM   689  C  CA  . SER A 1 85  ? -5.168  -10.840 -4.175  1.000 25.011 0 85  SER AAA CA  1 ? 
ATOM   690  C  C   . SER A 1 85  ? -4.965  -11.041 -2.673  1.000 26.154 0 85  SER AAA C   1 ? 
ATOM   691  O  O   . SER A 1 85  ? -4.516  -10.119 -1.995  1.000 24.640 0 85  SER AAA O   1 ? 
ATOM   692  C  CB  . SER A 1 85  ? -3.994  -11.290 -4.935  1.000 25.932 0 85  SER AAA CB  1 ? 
ATOM   693  O  OG  . SER A 1 85  ? -3.638  -12.569 -4.511  1.000 30.524 0 85  SER AAA OG  1 ? 
ATOM   694  N  N   . SER A 1 86  ? -5.234  -12.224 -2.129  1.000 26.265 0 86  SER AAA N   1 ? 
ATOM   695  C  CA  . SER A 1 86  ? -4.843  -12.591 -0.748  1.000 26.450 0 86  SER AAA CA  1 ? 
ATOM   696  C  C   . SER A 1 86  ? -3.314  -12.604 -0.596  1.000 25.638 0 86  SER AAA C   1 ? 
ATOM   697  O  O   . SER A 1 86  ? -2.847  -12.459 0.527   1.000 29.183 0 86  SER AAA O   1 ? 
ATOM   698  C  CB  A SER A 1 86  ? -5.464  -13.919 -0.352  0.500 26.496 0 86  SER AAA CB  1 ? 
ATOM   699  C  CB  B SER A 1 86  ? -5.447  -13.937 -0.392  0.500 30.338 0 86  SER AAA CB  1 ? 
ATOM   700  O  OG  A SER A 1 86  ? -5.088  -14.932 -1.257  0.500 24.039 0 86  SER AAA OG  1 ? 
ATOM   701  O  OG  B SER A 1 86  ? -6.861  -13.862 -0.436  0.500 35.499 0 86  SER AAA OG  1 ? 
ATOM   702  N  N   . ASP A 1 87  ? -2.573  -12.811 -1.675  1.000 24.441 0 87  ASP AAA N   1 ? 
ATOM   703  C  CA  . ASP A 1 87  ? -1.099  -12.745 -1.756  1.000 25.773 0 87  ASP AAA CA  1 ? 
ATOM   704  C  C   . ASP A 1 87  ? -0.719  -11.279 -1.965  1.000 23.269 0 87  ASP AAA C   1 ? 
ATOM   705  O  O   . ASP A 1 87  ? -1.086  -10.754 -3.042  1.000 23.952 0 87  ASP AAA O   1 ? 
ATOM   706  C  CB  . ASP A 1 87  ? -0.643  -13.666 -2.897  1.000 29.409 0 87  ASP AAA CB  1 ? 
ATOM   707  C  CG  . ASP A 1 87  ? 0.830   -13.653 -3.258  1.000 36.378 0 87  ASP AAA CG  1 ? 
ATOM   708  O  OD1 . ASP A 1 87  ? 1.552   -12.817 -2.759  1.000 33.012 0 87  ASP AAA OD1 1 ? 
ATOM   709  O  OD2 . ASP A 1 87  ? 1.255   -14.526 -4.063  1.000 46.826 0 87  ASP AAA OD2 1 ? 
ATOM   710  N  N   . ILE A 1 88  ? 0.051   -10.699 -1.048  1.000 21.377 0 88  ILE AAA N   1 ? 
ATOM   711  C  CA  . ILE A 1 88  ? 0.347   -9.228  -1.129  1.000 20.824 0 88  ILE AAA CA  1 ? 
ATOM   712  C  C   . ILE A 1 88  ? 1.542   -8.931  -2.026  1.000 22.055 0 88  ILE AAA C   1 ? 
ATOM   713  O  O   . ILE A 1 88  ? 1.899   -7.754  -2.141  1.000 19.504 0 88  ILE AAA O   1 ? 
ATOM   714  C  CB  . ILE A 1 88  ? 0.524   -8.627  0.275   1.000 21.078 0 88  ILE AAA CB  1 ? 
ATOM   715  C  CG1 . ILE A 1 88  ? 1.818   -9.114  0.950   1.000 22.619 0 88  ILE AAA CG1 1 ? 
ATOM   716  C  CG2 . ILE A 1 88  ? -0.726  -8.860  1.096   1.000 23.912 0 88  ILE AAA CG2 1 ? 
ATOM   717  C  CD1 . ILE A 1 88  ? 2.103   -8.399  2.244   1.000 24.544 0 88  ILE AAA CD1 1 ? 
ATOM   718  N  N   . THR A 1 89  ? 2.102   -9.921  -2.739  1.000 21.823 0 89  THR AAA N   1 ? 
ATOM   719  C  CA  . THR A 1 89  ? 3.320   -9.732  -3.551  1.000 23.008 0 89  THR AAA CA  1 ? 
ATOM   720  C  C   . THR A 1 89  ? 3.153   -8.546  -4.502  1.000 22.124 0 89  THR AAA C   1 ? 
ATOM   721  O  O   . THR A 1 89  ? 4.064   -7.691  -4.561  1.000 20.409 0 89  THR AAA O   1 ? 
ATOM   722  C  CB  . THR A 1 89  ? 3.713   -11.003 -4.317  1.000 25.631 0 89  THR AAA CB  1 ? 
ATOM   723  O  OG1 . THR A 1 89  ? 3.942   -12.032 -3.358  1.000 30.096 0 89  THR AAA OG1 1 ? 
ATOM   724  C  CG2 . THR A 1 89  ? 4.927   -10.797 -5.185  1.000 27.575 0 89  THR AAA CG2 1 ? 
ATOM   725  N  N   . ALA A 1 90  ? 2.084   -8.480  -5.280  1.000 20.022 0 90  ALA AAA N   1 ? 
ATOM   726  C  CA  . ALA A 1 90  ? 1.974   -7.435  -6.309  1.000 20.658 0 90  ALA AAA CA  1 ? 
ATOM   727  C  C   . ALA A 1 90  ? 1.868   -6.068  -5.618  1.000 19.778 0 90  ALA AAA C   1 ? 
ATOM   728  O  O   . ALA A 1 90  ? 2.490   -5.101  -6.105  1.000 20.339 0 90  ALA AAA O   1 ? 
ATOM   729  C  CB  . ALA A 1 90  ? 0.811   -7.708  -7.252  1.000 23.307 0 90  ALA AAA CB  1 ? 
ATOM   730  N  N   . SER A 1 91  ? 1.083   -5.965  -4.565  1.000 18.113 0 91  SER AAA N   1 ? 
ATOM   731  C  CA  . SER A 1 91  ? 0.951   -4.694  -3.811  1.000 16.794 0 91  SER AAA CA  1 ? 
ATOM   732  C  C   . SER A 1 91  ? 2.322   -4.281  -3.254  1.000 16.965 0 91  SER AAA C   1 ? 
ATOM   733  O  O   . SER A 1 91  ? 2.693   -3.085  -3.367  1.000 17.092 0 91  SER AAA O   1 ? 
ATOM   734  C  CB  . SER A 1 91  ? -0.041  -4.775  -2.732  1.000 18.213 0 91  SER AAA CB  1 ? 
ATOM   735  O  OG  . SER A 1 91  ? -1.362  -4.719  -3.267  1.000 17.947 0 91  SER AAA OG  1 ? 
ATOM   736  N  N   . VAL A 1 92  ? 3.107   -5.207  -2.720  1.000 16.614 0 92  VAL AAA N   1 ? 
ATOM   737  C  CA  . VAL A 1 92  ? 4.409   -4.834  -2.126  1.000 17.712 0 92  VAL AAA CA  1 ? 
ATOM   738  C  C   . VAL A 1 92  ? 5.352   -4.374  -3.211  1.000 18.645 0 92  VAL AAA C   1 ? 
ATOM   739  O  O   . VAL A 1 92  ? 6.075   -3.372  -3.038  1.000 18.852 0 92  VAL AAA O   1 ? 
ATOM   740  C  CB  . VAL A 1 92  ? 5.011   -6.000  -1.336  1.000 18.929 0 92  VAL AAA CB  1 ? 
ATOM   741  C  CG1 . VAL A 1 92  ? 6.474   -5.690  -0.984  1.000 22.142 0 92  VAL AAA CG1 1 ? 
ATOM   742  C  CG2 . VAL A 1 92  ? 4.188   -6.254  -0.101  1.000 19.207 0 92  VAL AAA CG2 1 ? 
ATOM   743  N  N   . ASN A 1 93  ? 5.420   -5.107  -4.317  1.000 19.680 0 93  ASN AAA N   1 ? 
ATOM   744  C  CA  . ASN A 1 93  ? 6.381   -4.762  -5.374  1.000 21.422 0 93  ASN AAA CA  1 ? 
ATOM   745  C  C   . ASN A 1 93  ? 6.028   -3.397  -5.953  1.000 19.278 0 93  ASN AAA C   1 ? 
ATOM   746  O  O   . ASN A 1 93  ? 6.908   -2.636  -6.265  1.000 20.651 0 93  ASN AAA O   1 ? 
ATOM   747  C  CB  . ASN A 1 93  ? 6.456   -5.860  -6.435  1.000 25.909 0 93  ASN AAA CB  1 ? 
ATOM   748  C  CG  . ASN A 1 93  ? 7.167   -7.089  -5.908  1.000 29.947 0 93  ASN AAA CG  1 ? 
ATOM   749  O  OD1 . ASN A 1 93  ? 7.728   -7.076  -4.812  1.000 35.290 0 93  ASN AAA OD1 1 ? 
ATOM   750  N  ND2 . ASN A 1 93  ? 7.044   -8.184  -6.628  1.000 36.216 0 93  ASN AAA ND2 1 ? 
ATOM   751  N  N   . CYS A 1 94  ? 4.747   -3.106  -6.123  1.000 18.499 0 94  CYS AAA N   1 ? 
ATOM   752  C  CA  . CYS A 1 94  ? 4.320   -1.796  -6.643  1.000 18.593 0 94  CYS AAA CA  1 ? 
ATOM   753  C  C   . CYS A 1 94  ? 4.602   -0.707  -5.595  1.000 17.252 0 94  CYS AAA C   1 ? 
ATOM   754  O  O   . CYS A 1 94  ? 5.145   0.351   -5.948  1.000 18.798 0 94  CYS AAA O   1 ? 
ATOM   755  C  CB  . CYS A 1 94  ? 2.846   -1.859  -7.030  1.000 18.392 0 94  CYS AAA CB  1 ? 
ATOM   756  S  SG  . CYS A 1 94  ? 2.299   -0.363  -7.875  1.000 19.994 0 94  CYS AAA SG  1 ? 
ATOM   757  N  N   . ALA A 1 95  ? 4.341   -0.970  -4.328  1.000 16.970 0 95  ALA AAA N   1 ? 
ATOM   758  C  CA  . ALA A 1 95  ? 4.654   0.014   -3.269  1.000 16.249 0 95  ALA AAA CA  1 ? 
ATOM   759  C  C   . ALA A 1 95  ? 6.145   0.350   -3.219  1.000 17.117 0 95  ALA AAA C   1 ? 
ATOM   760  O  O   . ALA A 1 95  ? 6.500   1.499   -2.960  1.000 17.079 0 95  ALA AAA O   1 ? 
ATOM   761  C  CB  . ALA A 1 95  ? 4.189   -0.495  -1.931  1.000 16.207 0 95  ALA AAA CB  1 ? 
ATOM   762  N  N   . LYS A 1 96  ? 7.036   -0.596  -3.482  1.000 17.037 0 96  LYS AAA N   1 ? 
ATOM   763  C  CA  . LYS A 1 96  ? 8.480   -0.276  -3.525  1.000 17.053 0 96  LYS AAA CA  1 ? 
ATOM   764  C  C   . LYS A 1 96  ? 8.776   0.706   -4.621  1.000 18.639 0 96  LYS AAA C   1 ? 
ATOM   765  O  O   . LYS A 1 96  ? 9.611   1.601   -4.403  1.000 19.180 0 96  LYS AAA O   1 ? 
ATOM   766  C  CB  . LYS A 1 96  ? 9.291   -1.553  -3.712  1.000 18.739 0 96  LYS AAA CB  1 ? 
ATOM   767  C  CG  . LYS A 1 96  ? 9.292   -2.469  -2.526  1.000 19.337 0 96  LYS AAA CG  1 ? 
ATOM   768  C  CD  . LYS A 1 96  ? 10.046  -3.757  -2.855  1.000 22.824 0 96  LYS AAA CD  1 ? 
ATOM   769  C  CE  . LYS A 1 96  ? 10.202  -4.630  -1.631  1.000 25.105 0 96  LYS AAA CE  1 ? 
ATOM   770  N  NZ  . LYS A 1 96  ? 10.834  -5.932  -1.954  1.000 29.960 0 96  LYS AAA NZ  1 ? 
ATOM   771  N  N   A LYS A 1 97  ? 8.139   0.552   -5.790  0.500 18.068 0 97  LYS AAA N   1 ? 
ATOM   772  N  N   B LYS A 1 97  ? 8.119   0.618   -5.784  0.500 17.581 0 97  LYS AAA N   1 ? 
ATOM   773  C  CA  A LYS A 1 97  ? 8.302   1.534   -6.886  0.500 19.866 0 97  LYS AAA CA  1 ? 
ATOM   774  C  CA  B LYS A 1 97  ? 8.357   1.613   -6.859  0.500 19.001 0 97  LYS AAA CA  1 ? 
ATOM   775  C  C   A LYS A 1 97  ? 7.801   2.903   -6.411  0.500 18.306 0 97  LYS AAA C   1 ? 
ATOM   776  C  C   B LYS A 1 97  ? 7.741   2.976   -6.491  0.500 18.611 0 97  LYS AAA C   1 ? 
ATOM   777  O  O   A LYS A 1 97  ? 8.557   3.885   -6.595  0.500 18.674 0 97  LYS AAA O   1 ? 
ATOM   778  O  O   B LYS A 1 97  ? 8.287   4.057   -6.861  0.500 19.565 0 97  LYS AAA O   1 ? 
ATOM   779  C  CB  A LYS A 1 97  ? 7.572   1.061   -8.142  0.500 21.203 0 97  LYS AAA CB  1 ? 
ATOM   780  C  CB  B LYS A 1 97  ? 7.779   1.082   -8.168  0.500 19.412 0 97  LYS AAA CB  1 ? 
ATOM   781  C  CG  A LYS A 1 97  ? 8.157   -0.190  -8.780  0.500 24.101 0 97  LYS AAA CG  1 ? 
ATOM   782  C  CG  B LYS A 1 97  ? 8.060   2.008   -9.336  0.500 21.021 0 97  LYS AAA CG  1 ? 
ATOM   783  C  CD  A LYS A 1 97  ? 7.430   -0.607  -10.038 0.500 25.773 0 97  LYS AAA CD  1 ? 
ATOM   784  C  CD  B LYS A 1 97  ? 7.523   1.565   -10.674 0.500 25.381 0 97  LYS AAA CD  1 ? 
ATOM   785  C  CE  A LYS A 1 97  ? 7.881   -1.956  -10.555 0.500 28.809 0 97  LYS AAA CE  1 ? 
ATOM   786  C  CE  B LYS A 1 97  ? 7.994   2.529   -11.744 0.500 28.170 0 97  LYS AAA CE  1 ? 
ATOM   787  N  NZ  A LYS A 1 97  ? 6.793   -2.639  -11.298 0.500 31.929 0 97  LYS AAA NZ  1 ? 
ATOM   788  N  NZ  B LYS A 1 97  ? 7.939   3.929   -11.258 0.500 30.281 0 97  LYS AAA NZ  1 ? 
ATOM   789  N  N   . ILE A 1 98  ? 6.579   2.973   -5.850  1.000 16.878 0 98  ILE AAA N   1 ? 
ATOM   790  C  CA  . ILE A 1 98  ? 5.956   4.249   -5.427  1.000 16.805 0 98  ILE AAA CA  1 ? 
ATOM   791  C  C   . ILE A 1 98  ? 6.905   4.953   -4.439  1.000 15.667 0 98  ILE AAA C   1 ? 
ATOM   792  O  O   . ILE A 1 98  ? 7.137   6.181   -4.604  1.000 17.413 0 98  ILE AAA O   1 ? 
ATOM   793  C  CB  . ILE A 1 98  ? 4.559   3.998   -4.828  1.000 16.621 0 98  ILE AAA CB  1 ? 
ATOM   794  C  CG1 . ILE A 1 98  ? 3.642   3.355   -5.872  1.000 17.127 0 98  ILE AAA CG1 1 ? 
ATOM   795  C  CG2 . ILE A 1 98  ? 3.954   5.272   -4.297  1.000 17.747 0 98  ILE AAA CG2 1 ? 
ATOM   796  C  CD1 . ILE A 1 98  ? 2.318   2.829   -5.333  1.000 17.734 0 98  ILE AAA CD1 1 ? 
ATOM   797  N  N   . VAL A 1 99  ? 7.288   4.282   -3.396  1.000 16.524 0 99  VAL AAA N   1 ? 
ATOM   798  C  CA  . VAL A 1 99  ? 8.013   4.949   -2.287  1.000 15.657 0 99  VAL AAA CA  1 ? 
ATOM   799  C  C   . VAL A 1 99  ? 9.380   5.423   -2.772  1.000 19.507 0 99  VAL AAA C   1 ? 
ATOM   800  O  O   . VAL A 1 99  ? 9.935   6.337   -2.137  1.000 19.232 0 99  VAL AAA O   1 ? 
ATOM   801  C  CB  . VAL A 1 99  ? 8.094   4.031   -1.066  1.000 15.348 0 99  VAL AAA CB  1 ? 
ATOM   802  C  CG1 . VAL A 1 99  ? 9.077   2.878   -1.271  1.000 16.675 0 99  VAL AAA CG1 1 ? 
ATOM   803  C  CG2 . VAL A 1 99  ? 8.437   4.767   0.194   1.000 16.895 0 99  VAL AAA CG2 1 ? 
ATOM   804  N  N   . SER A 1 100 ? 9.903   4.822   -3.843  1.000 19.633 0 100 SER AAA N   1 ? 
ATOM   805  C  CA  . SER A 1 100 ? 11.217  5.159   -4.455  1.000 24.418 0 100 SER AAA CA  1 ? 
ATOM   806  C  C   . SER A 1 100 ? 11.134  6.345   -5.391  1.000 22.304 0 100 SER AAA C   1 ? 
ATOM   807  O  O   . SER A 1 100 ? 12.204  6.725   -5.928  1.000 27.915 0 100 SER AAA O   1 ? 
ATOM   808  C  CB  . SER A 1 100 ? 11.740  3.969   -5.242  1.000 24.681 0 100 SER AAA CB  1 ? 
ATOM   809  O  OG  . SER A 1 100 ? 12.038  2.962   -4.340  1.000 28.404 0 100 SER AAA OG  1 ? 
ATOM   810  N  N   . ASP A 1 101 ? 9.996   6.900   -5.680  1.000 22.821 0 101 ASP AAA N   1 ? 
ATOM   811  C  CA  . ASP A 1 101 ? 9.806   7.861   -6.799  1.000 24.523 0 101 ASP AAA CA  1 ? 
ATOM   812  C  C   . ASP A 1 101 ? 10.190  9.300   -6.414  1.000 27.370 0 101 ASP AAA C   1 ? 
ATOM   813  O  O   . ASP A 1 101 ? 10.089  10.165  -7.269  1.000 30.305 0 101 ASP AAA O   1 ? 
ATOM   814  C  CB  . ASP A 1 101 ? 8.385   7.805   -7.357  1.000 27.156 0 101 ASP AAA CB  1 ? 
ATOM   815  C  CG  . ASP A 1 101 ? 7.324   8.512   -6.562  1.000 27.843 0 101 ASP AAA CG  1 ? 
ATOM   816  O  OD1 . ASP A 1 101 ? 7.667   9.145   -5.508  1.000 25.814 0 101 ASP AAA OD1 1 ? 
ATOM   817  O  OD2 . ASP A 1 101 ? 6.157   8.418   -6.983  1.000 29.750 0 101 ASP AAA OD2 1 ? 
ATOM   818  N  N   . GLY A 1 102 ? 10.564  9.571   -5.172  1.000 27.269 0 102 GLY AAA N   1 ? 
ATOM   819  C  CA  . GLY A 1 102 ? 10.928  10.953  -4.769  1.000 27.101 0 102 GLY AAA CA  1 ? 
ATOM   820  C  C   . GLY A 1 102 ? 10.104  11.471  -3.599  1.000 26.253 0 102 GLY AAA C   1 ? 
ATOM   821  O  O   . GLY A 1 102 ? 10.632  12.318  -2.836  1.000 25.006 0 102 GLY AAA O   1 ? 
ATOM   822  N  N   . ASN A 1 103 ? 8.854   11.029  -3.454  1.000 24.287 0 103 ASN AAA N   1 ? 
ATOM   823  C  CA  . ASN A 1 103 ? 7.907   11.574  -2.450  1.000 22.813 0 103 ASN AAA CA  1 ? 
ATOM   824  C  C   . ASN A 1 103 ? 7.859   10.667  -1.213  1.000 16.871 0 103 ASN AAA C   1 ? 
ATOM   825  O  O   . ASN A 1 103 ? 7.232   11.036  -0.232  1.000 18.213 0 103 ASN AAA O   1 ? 
ATOM   826  C  CB  . ASN A 1 103 ? 6.524   11.717  -3.073  1.000 28.173 0 103 ASN AAA CB  1 ? 
ATOM   827  C  CG  . ASN A 1 103 ? 6.539   12.728  -4.202  1.000 39.740 0 103 ASN AAA CG  1 ? 
ATOM   828  O  OD1 . ASN A 1 103 ? 6.935   13.871  -3.990  1.000 42.843 0 103 ASN AAA OD1 1 ? 
ATOM   829  N  ND2 . ASN A 1 103 ? 6.094   12.325  -5.380  1.000 46.550 0 103 ASN AAA ND2 1 ? 
ATOM   830  N  N   . GLY A 1 104 ? 8.507   9.556   -1.239  1.000 16.556 0 104 GLY AAA N   1 ? 
ATOM   831  C  CA  . GLY A 1 104 ? 8.541   8.638   -0.108  1.000 16.362 0 104 GLY AAA CA  1 ? 
ATOM   832  C  C   . GLY A 1 104 ? 7.131   8.199   0.262   1.000 15.908 0 104 GLY AAA C   1 ? 
ATOM   833  O  O   . GLY A 1 104 ? 6.246   8.051   -0.619  1.000 16.474 0 104 GLY AAA O   1 ? 
ATOM   834  N  N   . MET A 1 105 ? 6.875   8.007   1.532   1.000 13.917 0 105 MET AAA N   1 ? 
ATOM   835  C  CA  . MET A 1 105 ? 5.545   7.504   1.954   1.000 13.940 0 105 MET AAA CA  1 ? 
ATOM   836  C  C   . MET A 1 105 ? 4.515   8.619   1.976   1.000 13.168 0 105 MET AAA C   1 ? 
ATOM   837  O  O   . MET A 1 105 ? 3.330   8.293   2.187   1.000 13.649 0 105 MET AAA O   1 ? 
ATOM   838  C  CB  . MET A 1 105 ? 5.625   6.808   3.308   1.000 13.285 0 105 MET AAA CB  1 ? 
ATOM   839  C  CG  . MET A 1 105 ? 6.270   5.398   3.198   1.000 14.040 0 105 MET AAA CG  1 ? 
ATOM   840  S  SD  . MET A 1 105 ? 6.001   4.330   4.633   1.000 15.512 0 105 MET AAA SD  1 ? 
ATOM   841  C  CE  . MET A 1 105 ? 4.300   3.848   4.305   1.000 15.542 0 105 MET AAA CE  1 ? 
ATOM   842  N  N   . ASN A 1 106 ? 4.893   9.851   1.648   1.000 14.370 0 106 ASN AAA N   1 ? 
ATOM   843  C  CA  . ASN A 1 106 ? 3.895   10.948  1.528   1.000 15.074 0 106 ASN AAA CA  1 ? 
ATOM   844  C  C   . ASN A 1 106 ? 2.903   10.647  0.398   1.000 15.633 0 106 ASN AAA C   1 ? 
ATOM   845  O  O   . ASN A 1 106 ? 1.821   11.274  0.416   1.000 18.235 0 106 ASN AAA O   1 ? 
ATOM   846  C  CB  . ASN A 1 106 ? 4.608   12.263  1.315   1.000 15.788 0 106 ASN AAA CB  1 ? 
ATOM   847  C  CG  . ASN A 1 106 ? 5.377   12.662  2.545   1.000 15.360 0 106 ASN AAA CG  1 ? 
ATOM   848  O  OD1 . ASN A 1 106 ? 4.829   12.909  3.637   1.000 16.423 0 106 ASN AAA OD1 1 ? 
ATOM   849  N  ND2 . ASN A 1 106 ? 6.681   12.659  2.402   1.000 18.944 0 106 ASN AAA ND2 1 ? 
ATOM   850  N  N   . ALA A 1 107 ? 3.198   9.741   -0.509  1.000 15.857 0 107 ALA AAA N   1 ? 
ATOM   851  C  CA  . ALA A 1 107 ? 2.211   9.308   -1.535  1.000 17.519 0 107 ALA AAA CA  1 ? 
ATOM   852  C  C   . ALA A 1 107 ? 0.941   8.785   -0.864  1.000 17.013 0 107 ALA AAA C   1 ? 
ATOM   853  O  O   . ALA A 1 107 ? -0.163  8.920   -1.456  1.000 18.131 0 107 ALA AAA O   1 ? 
ATOM   854  C  CB  . ALA A 1 107 ? 2.820   8.236   -2.392  1.000 19.652 0 107 ALA AAA CB  1 ? 
ATOM   855  N  N   . TRP A 1 108 ? 1.027   8.134   0.273   1.000 15.011 0 108 TRP AAA N   1 ? 
ATOM   856  C  CA  . TRP A 1 108 ? -0.128  7.588   1.015   1.000 15.711 0 108 TRP AAA CA  1 ? 
ATOM   857  C  C   . TRP A 1 108 ? -0.687  8.639   1.950   1.000 16.678 0 108 TRP AAA C   1 ? 
ATOM   858  O  O   . TRP A 1 108 ? -0.078  8.954   2.999   1.000 15.550 0 108 TRP AAA O   1 ? 
ATOM   859  C  CB  . TRP A 1 108 ? 0.261   6.326   1.744   1.000 14.971 0 108 TRP AAA CB  1 ? 
ATOM   860  C  CG  . TRP A 1 108 ? 0.507   5.171   0.841   1.000 14.028 0 108 TRP AAA CG  1 ? 
ATOM   861  C  CD1 . TRP A 1 108 ? -0.450  4.361   0.300   1.000 15.839 0 108 TRP AAA CD1 1 ? 
ATOM   862  C  CD2 . TRP A 1 108 ? 1.733   4.740   0.269   1.000 15.047 0 108 TRP AAA CD2 1 ? 
ATOM   863  N  NE1 . TRP A 1 108 ? 0.142   3.437   -0.492  1.000 16.170 0 108 TRP AAA NE1 1 ? 
ATOM   864  C  CE2 . TRP A 1 108 ? 1.494   3.623   -0.556  1.000 14.608 0 108 TRP AAA CE2 1 ? 
ATOM   865  C  CE3 . TRP A 1 108 ? 3.063   5.157   0.430   1.000 15.226 0 108 TRP AAA CE3 1 ? 
ATOM   866  C  CZ2 . TRP A 1 108 ? 2.488   2.949   -1.222  1.000 15.236 0 108 TRP AAA CZ2 1 ? 
ATOM   867  C  CZ3 . TRP A 1 108 ? 4.051   4.489   -0.252  1.000 14.824 0 108 TRP AAA CZ3 1 ? 
ATOM   868  C  CH2 . TRP A 1 108 ? 3.782   3.389   -1.067  1.000 16.043 0 108 TRP AAA CH2 1 ? 
ATOM   869  N  N   . VAL A 1 109 ? -1.831  9.207   1.561   1.000 17.446 0 109 VAL AAA N   1 ? 
ATOM   870  C  CA  . VAL A 1 109 ? -2.490  10.262  2.370   1.000 17.863 0 109 VAL AAA CA  1 ? 
ATOM   871  C  C   . VAL A 1 109 ? -2.725  9.771   3.792   1.000 14.502 0 109 VAL AAA C   1 ? 
ATOM   872  O  O   . VAL A 1 109 ? -2.484  10.562  4.728   1.000 16.304 0 109 VAL AAA O   1 ? 
ATOM   873  C  CB  A VAL A 1 109 ? -3.848  10.594  1.698   0.520 19.072 0 109 VAL AAA CB  1 ? 
ATOM   874  C  CB  B VAL A 1 109 ? -3.765  10.871  1.748   0.480 18.427 0 109 VAL AAA CB  1 ? 
ATOM   875  C  CG1 A VAL A 1 109 ? -4.765  11.454  2.574   0.520 20.792 0 109 VAL AAA CG1 1 ? 
ATOM   876  C  CG1 B VAL A 1 109 ? -4.845  9.839   1.567   0.480 20.341 0 109 VAL AAA CG1 1 ? 
ATOM   877  C  CG2 A VAL A 1 109 ? -3.652  11.202  0.307   0.520 21.463 0 109 VAL AAA CG2 1 ? 
ATOM   878  C  CG2 B VAL A 1 109 ? -4.269  12.091  2.528   0.480 16.734 0 109 VAL AAA CG2 1 ? 
ATOM   879  N  N   . ALA A 1 110 ? -3.159  8.551   3.973   1.000 16.457 0 110 ALA AAA N   1 ? 
ATOM   880  C  CA  . ALA A 1 110 ? -3.426  8.086   5.356   1.000 16.559 0 110 ALA AAA CA  1 ? 
ATOM   881  C  C   . ALA A 1 110 ? -2.104  8.024   6.139   1.000 16.079 0 110 ALA AAA C   1 ? 
ATOM   882  O  O   . ALA A 1 110 ? -2.100  8.319   7.333   1.000 16.938 0 110 ALA AAA O   1 ? 
ATOM   883  C  CB  . ALA A 1 110 ? -4.094  6.759   5.344   1.000 18.645 0 110 ALA AAA CB  1 ? 
ATOM   884  N  N   . TRP A 1 111 ? -1.011  7.638   5.502   1.000 14.777 0 111 TRP AAA N   1 ? 
ATOM   885  C  CA  . TRP A 1 111 ? 0.286   7.620   6.235   1.000 14.334 0 111 TRP AAA CA  1 ? 
ATOM   886  C  C   . TRP A 1 111 ? 0.661   9.041   6.636   1.000 14.406 0 111 TRP AAA C   1 ? 
ATOM   887  O  O   . TRP A 1 111 ? 1.017   9.254   7.789   1.000 14.583 0 111 TRP AAA O   1 ? 
ATOM   888  C  CB  . TRP A 1 111 ? 1.394   6.983   5.386   1.000 14.814 0 111 TRP AAA CB  1 ? 
ATOM   889  C  CG  . TRP A 1 111 ? 2.723   7.014   6.088   1.000 13.784 0 111 TRP AAA CG  1 ? 
ATOM   890  C  CD1 . TRP A 1 111 ? 3.144   6.081   7.013   1.000 13.815 0 111 TRP AAA CD1 1 ? 
ATOM   891  C  CD2 . TRP A 1 111 ? 3.720   8.026   6.006   1.000 14.076 0 111 TRP AAA CD2 1 ? 
ATOM   892  N  NE1 . TRP A 1 111 ? 4.380   6.462   7.473   1.000 14.292 0 111 TRP AAA NE1 1 ? 
ATOM   893  C  CE2 . TRP A 1 111 ? 4.734   7.648   6.912   1.000 14.302 0 111 TRP AAA CE2 1 ? 
ATOM   894  C  CE3 . TRP A 1 111 ? 3.901   9.203   5.286   1.000 14.330 0 111 TRP AAA CE3 1 ? 
ATOM   895  C  CZ2 . TRP A 1 111 ? 5.898   8.391   7.074   1.000 15.110 0 111 TRP AAA CZ2 1 ? 
ATOM   896  C  CZ3 . TRP A 1 111 ? 5.058   9.900   5.401   1.000 15.847 0 111 TRP AAA CZ3 1 ? 
ATOM   897  C  CH2 . TRP A 1 111 ? 6.038   9.514   6.304   1.000 16.226 0 111 TRP AAA CH2 1 ? 
ATOM   898  N  N   . ARG A 1 112 ? 0.627   9.996   5.736   1.000 15.183 0 112 ARG AAA N   1 ? 
ATOM   899  C  CA  . ARG A 1 112 ? 1.011   11.359  6.052   1.000 16.512 0 112 ARG AAA CA  1 ? 
ATOM   900  C  C   . ARG A 1 112 ? 0.178   11.911  7.208   1.000 14.996 0 112 ARG AAA C   1 ? 
ATOM   901  O  O   . ARG A 1 112 ? 0.717   12.528  8.144   1.000 17.166 0 112 ARG AAA O   1 ? 
ATOM   902  C  CB  . ARG A 1 112 ? 0.846   12.204  4.787   1.000 20.576 0 112 ARG AAA CB  1 ? 
ATOM   903  C  CG  . ARG A 1 112 ? 1.495   13.566  4.863   1.000 24.429 0 112 ARG AAA CG  1 ? 
ATOM   904  C  CD  . ARG A 1 112 ? 1.393   14.082  3.396   1.000 27.710 0 112 ARG AAA CD  1 ? 
ATOM   905  N  NE  . ARG A 1 112 ? 0.029   14.488  2.979   1.000 30.298 0 112 ARG AAA NE  1 ? 
ATOM   906  C  CZ  . ARG A 1 112 ? -0.716  14.048  1.934   1.000 32.714 0 112 ARG AAA CZ  1 ? 
ATOM   907  N  NH1 . ARG A 1 112 ? -0.298  13.150  1.039   1.000 31.015 0 112 ARG AAA NH1 1 ? 
ATOM   908  N  NH2 . ARG A 1 112 ? -1.907  14.592  1.755   1.000 32.842 0 112 ARG AAA NH2 1 ? 
ATOM   909  N  N   . ASN A 1 113 ? -1.116  11.647  7.183   1.000 15.491 0 113 ASN AAA N   1 ? 
ATOM   910  C  CA  . ASN A 1 113 ? -2.032  12.312  8.157   1.000 17.382 0 113 ASN AAA CA  1 ? 
ATOM   911  C  C   . ASN A 1 113 ? -2.222  11.515  9.429   1.000 17.761 0 113 ASN AAA C   1 ? 
ATOM   912  O  O   . ASN A 1 113 ? -2.603  12.151  10.437  1.000 18.478 0 113 ASN AAA O   1 ? 
ATOM   913  C  CB  . ASN A 1 113 ? -3.369  12.553  7.484   1.000 17.451 0 113 ASN AAA CB  1 ? 
ATOM   914  C  CG  . ASN A 1 113 ? -3.277  13.662  6.464   1.000 17.725 0 113 ASN AAA CG  1 ? 
ATOM   915  O  OD1 . ASN A 1 113 ? -2.475  14.548  6.636   1.000 19.367 0 113 ASN AAA OD1 1 ? 
ATOM   916  N  ND2 . ASN A 1 113 ? -4.131  13.609  5.445   1.000 18.010 0 113 ASN AAA ND2 1 ? 
ATOM   917  N  N   . ARG A 1 114 ? -1.857  10.233  9.481   1.000 16.757 0 114 ARG AAA N   1 ? 
ATOM   918  C  CA  . ARG A 1 114 ? -2.195  9.387   10.653  1.000 16.701 0 114 ARG AAA CA  1 ? 
ATOM   919  C  C   . ARG A 1 114 ? -1.011  8.605   11.199  1.000 17.251 0 114 ARG AAA C   1 ? 
ATOM   920  O  O   . ARG A 1 114 ? -1.111  8.163   12.352  1.000 18.344 0 114 ARG AAA O   1 ? 
ATOM   921  C  CB  . ARG A 1 114 ? -3.345  8.476   10.334  1.000 17.303 0 114 ARG AAA CB  1 ? 
ATOM   922  C  CG  . ARG A 1 114 ? -4.525  9.265   9.785   1.000 18.220 0 114 ARG AAA CG  1 ? 
ATOM   923  C  CD  . ARG A 1 114 ? -5.754  8.466   9.541   1.000 18.554 0 114 ARG AAA CD  1 ? 
ATOM   924  N  NE  . ARG A 1 114 ? -6.365  7.968   10.754  1.000 16.678 0 114 ARG AAA NE  1 ? 
ATOM   925  C  CZ  . ARG A 1 114 ? -7.436  7.195   10.753  1.000 17.436 0 114 ARG AAA CZ  1 ? 
ATOM   926  N  NH1 . ARG A 1 114 ? -7.990  6.819   9.616   1.000 18.288 0 114 ARG AAA NH1 1 ? 
ATOM   927  N  NH2 . ARG A 1 114 ? -7.950  6.849   11.922  1.000 18.966 0 114 ARG AAA NH2 1 ? 
ATOM   928  N  N   . CYS A 1 115 ? 0.071   8.489   10.455  1.000 15.031 0 115 CYS AAA N   1 ? 
ATOM   929  C  CA  . CYS A 1 115 ? 1.216   7.648   10.878  1.000 15.391 0 115 CYS AAA CA  1 ? 
ATOM   930  C  C   . CYS A 1 115 ? 2.469   8.478   11.004  1.000 14.682 0 115 CYS AAA C   1 ? 
ATOM   931  O  O   . CYS A 1 115 ? 3.242   8.270   11.971  1.000 16.387 0 115 CYS AAA O   1 ? 
ATOM   932  C  CB  . CYS A 1 115 ? 1.448   6.548   9.857   1.000 15.384 0 115 CYS AAA CB  1 ? 
ATOM   933  S  SG  . CYS A 1 115 ? 0.030   5.456   9.602   1.000 15.182 0 115 CYS AAA SG  1 ? 
ATOM   934  N  N   . LYS A 1 116 ? 2.767   9.347   10.054  1.000 14.978 0 116 LYS AAA N   1 ? 
ATOM   935  C  CA  . LYS A 1 116 ? 3.985   10.164  10.012  1.000 15.614 0 116 LYS AAA CA  1 ? 
ATOM   936  C  C   . LYS A 1 116 ? 4.121   10.909  11.338  1.000 17.710 0 116 LYS AAA C   1 ? 
ATOM   937  O  O   . LYS A 1 116 ? 3.200   11.585  11.775  1.000 17.416 0 116 LYS AAA O   1 ? 
ATOM   938  C  CB  . LYS A 1 116 ? 3.869   11.142  8.861   1.000 15.758 0 116 LYS AAA CB  1 ? 
ATOM   939  C  CG  . LYS A 1 116 ? 5.104   11.999  8.615   1.000 16.179 0 116 LYS AAA CG  1 ? 
ATOM   940  C  CD  . LYS A 1 116 ? 4.913   12.948  7.471   1.000 16.488 0 116 LYS AAA CD  1 ? 
ATOM   941  C  CE  . LYS A 1 116 ? 6.177   13.617  7.029   1.000 16.817 0 116 LYS AAA CE  1 ? 
ATOM   942  N  NZ  . LYS A 1 116 ? 5.975   14.505  5.853   1.000 17.946 0 116 LYS AAA NZ  1 ? 
ATOM   943  N  N   . GLY A 1 117 ? 5.275   10.749  11.945  1.000 20.496 0 117 GLY AAA N   1 ? 
ATOM   944  C  CA  . GLY A 1 117 ? 5.646   11.454  13.187  1.000 23.232 0 117 GLY AAA CA  1 ? 
ATOM   945  C  C   . GLY A 1 117 ? 4.984   10.854  14.415  1.000 23.681 0 117 GLY AAA C   1 ? 
ATOM   946  O  O   . GLY A 1 117 ? 5.107   11.477  15.494  1.000 30.296 0 117 GLY AAA O   1 ? 
ATOM   947  N  N   . THR A 1 118 ? 4.362   9.695   14.326  1.000 20.221 0 118 THR AAA N   1 ? 
ATOM   948  C  CA  . THR A 1 118 ? 3.801   8.991   15.501  1.000 20.640 0 118 THR AAA CA  1 ? 
ATOM   949  C  C   . THR A 1 118 ? 4.746   7.855   15.893  1.000 19.459 0 118 THR AAA C   1 ? 
ATOM   950  O  O   . THR A 1 118 ? 5.687   7.522   15.168  1.000 21.542 0 118 THR AAA O   1 ? 
ATOM   951  C  CB  . THR A 1 118 ? 2.374   8.511   15.218  1.000 20.532 0 118 THR AAA CB  1 ? 
ATOM   952  O  OG1 . THR A 1 118 ? 2.456   7.370   14.349  1.000 19.288 0 118 THR AAA OG1 1 ? 
ATOM   953  C  CG2 . THR A 1 118 ? 1.490   9.589   14.656  1.000 20.024 0 118 THR AAA CG2 1 ? 
ATOM   954  N  N   . ASP A 1 119 ? 4.459   7.223   17.023  1.000 23.174 0 119 ASP AAA N   1 ? 
ATOM   955  C  CA  . ASP A 1 119 ? 5.210   6.042   17.492  1.000 24.118 0 119 ASP AAA CA  1 ? 
ATOM   956  C  C   . ASP A 1 119 ? 4.762   4.811   16.705  1.000 23.425 0 119 ASP AAA C   1 ? 
ATOM   957  O  O   . ASP A 1 119 ? 3.990   4.007   17.218  1.000 26.202 0 119 ASP AAA O   1 ? 
ATOM   958  C  CB  . ASP A 1 119 ? 5.013   5.871   18.993  1.000 27.837 0 119 ASP AAA CB  1 ? 
ATOM   959  C  CG  . ASP A 1 119 ? 5.852   4.734   19.546  1.000 35.818 0 119 ASP AAA CG  1 ? 
ATOM   960  O  OD1 . ASP A 1 119 ? 6.667   4.173   18.770  1.000 35.781 0 119 ASP AAA OD1 1 ? 
ATOM   961  O  OD2 . ASP A 1 119 ? 5.666   4.399   20.741  1.000 41.994 0 119 ASP AAA OD2 1 ? 
ATOM   962  N  N   . VAL A 1 120 ? 5.293   4.647   15.512  1.000 22.163 0 120 VAL AAA N   1 ? 
ATOM   963  C  CA  . VAL A 1 120 ? 4.772   3.565   14.627  1.000 23.312 0 120 VAL AAA CA  1 ? 
ATOM   964  C  C   . VAL A 1 120 ? 5.262   2.195   15.108  1.000 22.540 0 120 VAL AAA C   1 ? 
ATOM   965  O  O   . VAL A 1 120 ? 4.675   1.214   14.686  1.000 22.648 0 120 VAL AAA O   1 ? 
ATOM   966  C  CB  . VAL A 1 120 ? 5.147   3.824   13.168  1.000 23.451 0 120 VAL AAA CB  1 ? 
ATOM   967  C  CG1 . VAL A 1 120 ? 4.363   5.004   12.616  1.000 22.951 0 120 VAL AAA CG1 1 ? 
ATOM   968  C  CG2 . VAL A 1 120 ? 6.631   4.000   12.993  1.000 23.649 0 120 VAL AAA CG2 1 ? 
ATOM   969  N  N   . GLN A 1 121 ? 6.282   2.119   15.966  1.000 24.684 0 121 GLN AAA N   1 ? 
ATOM   970  C  CA  . GLN A 1 121 ? 6.785   0.830   16.504  1.000 25.774 0 121 GLN AAA CA  1 ? 
ATOM   971  C  C   . GLN A 1 121 ? 5.644   0.127   17.237  1.000 23.585 0 121 GLN AAA C   1 ? 
ATOM   972  O  O   . GLN A 1 121 ? 5.636   -1.117  17.291  1.000 22.650 0 121 GLN AAA O   1 ? 
ATOM   973  C  CB  . GLN A 1 121 ? 7.985   1.095   17.431  1.000 33.439 0 121 GLN AAA CB  1 ? 
ATOM   974  C  CG  . GLN A 1 121 ? 8.131   0.098   18.570  1.000 43.334 0 121 GLN AAA CG  1 ? 
ATOM   975  C  CD  . GLN A 1 121 ? 8.530   -1.303  18.159  1.000 55.151 0 121 GLN AAA CD  1 ? 
ATOM   976  O  OE1 . GLN A 1 121 ? 9.444   -1.501  17.353  1.000 67.713 0 121 GLN AAA OE1 1 ? 
ATOM   977  N  NE2 . GLN A 1 121 ? 7.879   -2.299  18.755  1.000 58.343 0 121 GLN AAA NE2 1 ? 
ATOM   978  N  N   . ALA A 1 122 ? 4.688   0.872   17.774  1.000 22.823 0 122 ALA AAA N   1 ? 
ATOM   979  C  CA  . ALA A 1 122 ? 3.516   0.309   18.465  1.000 23.732 0 122 ALA AAA CA  1 ? 
ATOM   980  C  C   . ALA A 1 122 ? 2.781   -0.690  17.543  1.000 22.162 0 122 ALA AAA C   1 ? 
ATOM   981  O  O   . ALA A 1 122 ? 2.155   -1.618  18.007  1.000 23.541 0 122 ALA AAA O   1 ? 
ATOM   982  C  CB  . ALA A 1 122 ? 2.561   1.368   18.948  1.000 26.133 0 122 ALA AAA CB  1 ? 
ATOM   983  N  N   . TRP A 1 123 ? 2.790   -0.474  16.222  1.000 21.801 0 123 TRP AAA N   1 ? 
ATOM   984  C  CA  . TRP A 1 123 ? 2.050   -1.338  15.272  1.000 20.473 0 123 TRP AAA CA  1 ? 
ATOM   985  C  C   . TRP A 1 123 ? 2.642   -2.743  15.187  1.000 19.814 0 123 TRP AAA C   1 ? 
ATOM   986  O  O   . TRP A 1 123 ? 1.919   -3.631  14.712  1.000 21.789 0 123 TRP AAA O   1 ? 
ATOM   987  C  CB  . TRP A 1 123 ? 2.022   -0.639  13.900  1.000 19.020 0 123 TRP AAA CB  1 ? 
ATOM   988  C  CG  . TRP A 1 123 ? 1.044   0.486   13.924  1.000 19.882 0 123 TRP AAA CG  1 ? 
ATOM   989  C  CD1 . TRP A 1 123 ? 1.343   1.798   14.123  1.000 22.380 0 123 TRP AAA CD1 1 ? 
ATOM   990  C  CD2 . TRP A 1 123 ? -0.383  0.400   13.940  1.000 19.425 0 123 TRP AAA CD2 1 ? 
ATOM   991  N  NE1 . TRP A 1 123 ? 0.195   2.533   14.184  1.000 22.288 0 123 TRP AAA NE1 1 ? 
ATOM   992  C  CE2 . TRP A 1 123 ? -0.886  1.722   14.087  1.000 20.936 0 123 TRP AAA CE2 1 ? 
ATOM   993  C  CE3 . TRP A 1 123 ? -1.275  -0.663  13.801  1.000 22.204 0 123 TRP AAA CE3 1 ? 
ATOM   994  C  CZ2 . TRP A 1 123 ? -2.256  1.971   14.071  1.000 26.795 0 123 TRP AAA CZ2 1 ? 
ATOM   995  C  CZ3 . TRP A 1 123 ? -2.637  -0.421  13.856  1.000 26.868 0 123 TRP AAA CZ3 1 ? 
ATOM   996  C  CH2 . TRP A 1 123 ? -3.109  0.889   14.007  1.000 26.651 0 123 TRP AAA CH2 1 ? 
ATOM   997  N  N   . ILE A 1 124 ? 3.891   -2.927  15.628  1.000 20.216 0 124 ILE AAA N   1 ? 
ATOM   998  C  CA  . ILE A 1 124 ? 4.523   -4.269  15.533  1.000 20.529 0 124 ILE AAA CA  1 ? 
ATOM   999  C  C   . ILE A 1 124 ? 4.763   -4.810  16.945  1.000 22.123 0 124 ILE AAA C   1 ? 
ATOM   1000 O  O   . ILE A 1 124 ? 5.325   -5.925  17.049  1.000 24.165 0 124 ILE AAA O   1 ? 
ATOM   1001 C  CB  . ILE A 1 124 ? 5.784   -4.307  14.648  1.000 23.440 0 124 ILE AAA CB  1 ? 
ATOM   1002 C  CG1 . ILE A 1 124 ? 6.947   -3.472  15.160  1.000 25.758 0 124 ILE AAA CG1 1 ? 
ATOM   1003 C  CG2 . ILE A 1 124 ? 5.419   -3.930  13.203  1.000 23.427 0 124 ILE AAA CG2 1 ? 
ATOM   1004 C  CD1 . ILE A 1 124 ? 8.322   -3.987  14.683  1.000 32.746 0 124 ILE AAA CD1 1 ? 
ATOM   1005 N  N   . ARG A 1 125 ? 4.222   -4.157  17.943  1.000 22.143 0 125 ARG AAA N   1 ? 
ATOM   1006 C  CA  . ARG A 1 125 ? 4.483   -4.576  19.360  1.000 27.468 0 125 ARG AAA CA  1 ? 
ATOM   1007 C  C   . ARG A 1 125 ? 3.852   -5.945  19.568  1.000 26.687 0 125 ARG AAA C   1 ? 
ATOM   1008 O  O   . ARG A 1 125 ? 2.685   -6.170  19.200  1.000 27.772 0 125 ARG AAA O   1 ? 
ATOM   1009 C  CB  . ARG A 1 125 ? 3.867   -3.591  20.348  1.000 32.686 0 125 ARG AAA CB  1 ? 
ATOM   1010 C  CG  . ARG A 1 125 ? 2.356   -3.492  20.229  1.000 45.845 0 125 ARG AAA CG  1 ? 
ATOM   1011 C  CD  . ARG A 1 125 ? 1.536   -3.690  21.496  1.000 56.792 0 125 ARG AAA CD  1 ? 
ATOM   1012 N  NE  . ARG A 1 125 ? 0.122   -3.707  21.116  1.000 67.254 0 125 ARG AAA NE  1 ? 
ATOM   1013 C  CZ  . ARG A 1 125 ? -0.541  -2.678  20.580  1.000 68.295 0 125 ARG AAA CZ  1 ? 
ATOM   1014 N  NH1 . ARG A 1 125 ? 0.060   -1.515  20.381  1.000 67.213 0 125 ARG AAA NH1 1 ? 
ATOM   1015 N  NH2 . ARG A 1 125 ? -1.816  -2.818  20.248  1.000 67.584 0 125 ARG AAA NH2 1 ? 
ATOM   1016 N  N   . GLY A 1 126 ? 4.608   -6.852  20.201  1.000 28.198 0 126 GLY AAA N   1 ? 
ATOM   1017 C  CA  . GLY A 1 126 ? 4.108   -8.201  20.504  1.000 28.104 0 126 GLY AAA CA  1 ? 
ATOM   1018 C  C   . GLY A 1 126 ? 4.175   -9.158  19.330  1.000 28.730 0 126 GLY AAA C   1 ? 
ATOM   1019 O  O   . GLY A 1 126 ? 3.856   -10.347 19.528  1.000 32.517 0 126 GLY AAA O   1 ? 
ATOM   1020 N  N   . CYS A 1 127 ? 4.557   -8.722  18.127  1.000 24.355 0 127 CYS AAA N   1 ? 
ATOM   1021 C  CA  . CYS A 1 127 ? 4.509   -9.623  16.959  1.000 25.757 0 127 CYS AAA CA  1 ? 
ATOM   1022 C  C   . CYS A 1 127 ? 5.759   -10.486 16.927  1.000 26.479 0 127 CYS AAA C   1 ? 
ATOM   1023 O  O   . CYS A 1 127 ? 6.881   -9.942  17.015  1.000 26.244 0 127 CYS AAA O   1 ? 
ATOM   1024 C  CB  . CYS A 1 127 ? 4.436   -8.803  15.675  1.000 23.896 0 127 CYS AAA CB  1 ? 
ATOM   1025 S  SG  . CYS A 1 127 ? 2.951   -7.757  15.563  1.000 24.446 0 127 CYS AAA SG  1 ? 
ATOM   1026 N  N   . ARG A 1 128 ? 5.556   -11.799 16.756  1.000 30.306 0 128 ARG AAA N   1 ? 
ATOM   1027 C  CA  . ARG A 1 128 ? 6.662   -12.684 16.338  1.000 42.063 0 128 ARG AAA CA  1 ? 
ATOM   1028 C  C   . ARG A 1 128 ? 6.696   -12.480 14.837  1.000 46.870 0 128 ARG AAA C   1 ? 
ATOM   1029 O  O   . ARG A 1 128 ? 5.669   -12.757 14.192  1.000 59.020 0 128 ARG AAA O   1 ? 
ATOM   1030 C  CB  . ARG A 1 128 ? 6.410   -14.136 16.761  1.000 45.257 0 128 ARG AAA CB  1 ? 
ATOM   1031 C  CG  . ARG A 1 128 ? 7.569   -14.765 17.524  1.000 54.107 0 128 ARG AAA CG  1 ? 
ATOM   1032 C  CD  . ARG A 1 128 ? 7.361   -16.249 17.768  1.000 55.341 0 128 ARG AAA CD  1 ? 
ATOM   1033 N  NE  . ARG A 1 128 ? 6.018   -16.698 17.404  1.000 56.491 0 128 ARG AAA NE  1 ? 
ATOM   1034 C  CZ  . ARG A 1 128 ? 4.992   -16.881 18.233  1.000 52.963 0 128 ARG AAA CZ  1 ? 
ATOM   1035 N  NH1 . ARG A 1 128 ? 5.110   -16.662 19.532  1.000 60.720 0 128 ARG AAA NH1 1 ? 
ATOM   1036 N  NH2 . ARG A 1 128 ? 3.835   -17.298 17.746  1.000 51.011 0 128 ARG AAA NH2 1 ? 
ATOM   1037 N  N   . LEU A 1 129 ? 7.760   -11.897 14.319  1.000 48.334 0 129 LEU AAA N   1 ? 
ATOM   1038 C  CA  . LEU A 1 129 ? 7.732   -11.384 12.931  1.000 46.315 0 129 LEU AAA CA  1 ? 
ATOM   1039 C  C   . LEU A 1 129 ? 8.102   -12.515 11.959  1.000 53.077 0 129 LEU AAA C   1 ? 
ATOM   1040 O  O   . LEU A 1 129 ? 7.771   -13.693 12.221  1.000 48.525 0 129 LEU AAA O   1 ? 
ATOM   1041 C  CB  . LEU A 1 129 ? 8.661   -10.176 12.846  1.000 44.363 0 129 LEU AAA CB  1 ? 
ATOM   1042 C  CG  . LEU A 1 129 ? 8.136   -8.919  13.540  1.000 42.720 0 129 LEU AAA CG  1 ? 
ATOM   1043 C  CD1 . LEU A 1 129 ? 9.164   -7.806  13.455  1.000 40.616 0 129 LEU AAA CD1 1 ? 
ATOM   1044 C  CD2 . LEU A 1 129 ? 6.804   -8.462  12.941  1.000 46.363 0 129 LEU AAA CD2 1 ? 
ATOM   1045 O  OXT . LEU A 1 129 ? 8.708   -12.267 10.910  1.000 54.738 0 129 LEU AAA OXT 1 ? 
HETATM 1046 NA NA  . NA  B 2 .   ? -3.792  3.619   -14.899 1.000 20.933 0 201 NA  AAA NA  1 ? 
HETATM 1047 V  V1  . I3Y C 3 .   ? 7.403   3.297   21.664  0.600 45.627 0 202 I3Y AAA V1  1 ? 
HETATM 1048 O  OAA . I3Y C 3 .   ? 7.881   2.226   22.971  0.600 51.620 0 202 I3Y AAA OAA 1 ? 
HETATM 1049 C  CAD . I3Y C 3 .   ? 11.196  4.546   20.146  0.600 55.108 0 202 I3Y AAA CAD 1 ? 
HETATM 1050 C  CAE . I3Y C 3 .   ? 9.852   4.208   20.015  0.600 54.256 0 202 I3Y AAA CAE 1 ? 
HETATM 1051 C  CAF . I3Y C 3 .   ? 11.825  4.184   21.290  0.600 53.783 0 202 I3Y AAA CAF 1 ? 
HETATM 1052 C  CAG . I3Y C 3 .   ? 11.195  2.444   24.512  0.600 46.564 0 202 I3Y AAA CAG 1 ? 
HETATM 1053 N  NAH . I3Y C 3 .   ? 9.223   3.566   21.000  0.600 51.364 0 202 I3Y AAA NAH 1 ? 
HETATM 1054 C  CAI . I3Y C 3 .   ? 11.910  3.116   23.572  0.600 52.024 0 202 I3Y AAA CAI 1 ? 
HETATM 1055 C  CAJ . I3Y C 3 .   ? 9.191   2.510   23.175  0.600 48.464 0 202 I3Y AAA CAJ 1 ? 
HETATM 1056 C  CAK . I3Y C 3 .   ? 9.836   2.132   24.322  0.600 47.098 0 202 I3Y AAA CAK 1 ? 
HETATM 1057 C  CAL . I3Y C 3 .   ? 11.270  3.500   22.375  0.600 52.073 0 202 I3Y AAA CAL 1 ? 
HETATM 1058 C  CAM . I3Y C 3 .   ? 9.897   3.203   22.157  0.600 52.032 0 202 I3Y AAA CAM 1 ? 
HETATM 1059 O  OA1 . I3Y C 3 .   ? 6.948   1.908   20.854  0.600 43.207 0 202 I3Y AAA OA1 1 ? 
HETATM 1060 O  OA2 . I3Y C 3 .   ? 7.828   4.980   22.560  0.600 48.544 0 202 I3Y AAA OA2 1 ? 
HETATM 1061 V  V   . V   D 4 .   ? -6.115  11.266  -8.188  0.600 55.308 0 203 V   AAA V   1 ? 
HETATM 1062 N  N   . NO3 E 5 .   ? 0.784   8.522   -5.732  1.000 43.144 0 204 NO3 AAA N   1 ? 
HETATM 1063 O  O1  . NO3 E 5 .   ? 1.925   8.148   -6.019  1.000 36.338 0 204 NO3 AAA O1  1 ? 
HETATM 1064 O  O2  . NO3 E 5 .   ? 0.633   9.573   -5.129  1.000 48.449 0 204 NO3 AAA O2  1 ? 
HETATM 1065 O  O3  . NO3 E 5 .   ? -0.200  7.827   -6.003  1.000 35.836 0 204 NO3 AAA O3  1 ? 
HETATM 1066 N  N   . NO3 F 5 .   ? 7.808   9.433   10.240  0.800 35.464 0 205 NO3 AAA N   1 ? 
HETATM 1067 O  O1  . NO3 F 5 .   ? 8.304   9.989   9.166   0.800 18.647 0 205 NO3 AAA O1  1 ? 
HETATM 1068 O  O2  . NO3 F 5 .   ? 7.886   10.105  11.286  0.800 34.411 0 205 NO3 AAA O2  1 ? 
HETATM 1069 O  O3  . NO3 F 5 .   ? 7.189   8.224   10.337  0.800 26.773 0 205 NO3 AAA O3  1 ? 
HETATM 1070 N  N   . NO3 G 5 .   ? -6.589  2.782   -16.930 1.000 31.166 0 206 NO3 AAA N   1 ? 
HETATM 1071 O  O1  . NO3 G 5 .   ? -5.773  3.092   -17.811 1.000 33.339 0 206 NO3 AAA O1  1 ? 
HETATM 1072 O  O2  . NO3 G 5 .   ? -6.216  2.664   -15.689 1.000 23.777 0 206 NO3 AAA O2  1 ? 
HETATM 1073 O  O3  . NO3 G 5 .   ? -7.741  2.572   -17.307 1.000 28.160 0 206 NO3 AAA O3  1 ? 
HETATM 1074 N  N   . NO3 H 5 .   ? 1.462   -12.804 1.515   1.000 46.212 0 207 NO3 AAA N   1 ? 
HETATM 1075 O  O1  . NO3 H 5 .   ? 0.349   -12.392 1.219   1.000 37.531 0 207 NO3 AAA O1  1 ? 
HETATM 1076 O  O2  . NO3 H 5 .   ? 1.650   -13.404 2.576   1.000 53.220 0 207 NO3 AAA O2  1 ? 
HETATM 1077 O  O3  . NO3 H 5 .   ? 2.383   -12.629 0.738   1.000 45.459 0 207 NO3 AAA O3  1 ? 
HETATM 1078 N  N   . NO3 I 5 .   ? 9.848   5.753   12.696  1.000 43.711 0 208 NO3 AAA N   1 ? 
HETATM 1079 O  O1  . NO3 I 5 .   ? 9.646   6.307   13.795  1.000 41.514 0 208 NO3 AAA O1  1 ? 
HETATM 1080 O  O2  . NO3 I 5 .   ? 10.728  4.889   12.565  1.000 45.933 0 208 NO3 AAA O2  1 ? 
HETATM 1081 O  O3  . NO3 I 5 .   ? 9.187   6.093   11.727  1.000 29.337 0 208 NO3 AAA O3  1 ? 
HETATM 1082 N  N   . NO3 J 5 .   ? -5.823  -3.293  14.354  1.000 50.196 0 209 NO3 AAA N   1 ? 
HETATM 1083 O  O1  . NO3 J 5 .   ? -5.628  -2.132  14.695  1.000 55.562 0 209 NO3 AAA O1  1 ? 
HETATM 1084 O  O2  . NO3 J 5 .   ? -6.837  -3.580  13.715  1.000 49.495 0 209 NO3 AAA O2  1 ? 
HETATM 1085 O  O3  . NO3 J 5 .   ? -5.011  -4.166  14.653  1.000 44.303 0 209 NO3 AAA O3  1 ? 
HETATM 1086 N  N   . NO3 K 5 .   ? 12.076  8.289   -2.121  1.000 39.708 0 210 NO3 AAA N   1 ? 
HETATM 1087 O  O1  . NO3 K 5 .   ? 11.089  8.985   -2.218  1.000 36.652 0 210 NO3 AAA O1  1 ? 
HETATM 1088 O  O2  . NO3 K 5 .   ? 12.378  7.748   -1.045  1.000 32.248 0 210 NO3 AAA O2  1 ? 
HETATM 1089 O  O3  . NO3 K 5 .   ? 12.760  8.105   -3.127  1.000 40.446 0 210 NO3 AAA O3  1 ? 
HETATM 1090 N  N   . NO3 L 5 .   ? -0.834  5.336   -3.670  1.000 44.427 0 211 NO3 AAA N   1 ? 
HETATM 1091 O  O1  . NO3 L 5 .   ? 0.095   4.711   -3.198  1.000 50.515 0 211 NO3 AAA O1  1 ? 
HETATM 1092 O  O2  . NO3 L 5 .   ? -1.106  5.223   -4.902  1.000 27.795 0 211 NO3 AAA O2  1 ? 
HETATM 1093 O  O3  . NO3 L 5 .   ? -1.501  6.062   -2.903  1.000 45.474 0 211 NO3 AAA O3  1 ? 
HETATM 1094 N  N   . NO3 M 5 .   ? 8.916   -0.337  13.639  0.800 32.528 0 212 NO3 AAA N   1 ? 
HETATM 1095 O  O1  . NO3 M 5 .   ? 8.303   0.634   13.348  0.800 34.319 0 212 NO3 AAA O1  1 ? 
HETATM 1096 O  O2  . NO3 M 5 .   ? 9.041   -1.233  12.849  0.800 27.392 0 212 NO3 AAA O2  1 ? 
HETATM 1097 O  O3  . NO3 M 5 .   ? 9.552   -0.349  14.707  0.800 34.039 0 212 NO3 AAA O3  1 ? 
HETATM 1098 O  O   B HOH N 6 .   ? 9.423   2.365   14.139  0.500 34.077 0 301 HOH AAA O   1 ? 
HETATM 1099 O  O   . HOH N 6 .   ? -16.719 4.022   -9.147  1.000 49.497 0 302 HOH AAA O   1 ? 
HETATM 1100 O  O   . HOH N 6 .   ? -0.728  -14.773 6.509   1.000 56.232 0 303 HOH AAA O   1 ? 
HETATM 1101 O  O   . HOH N 6 .   ? 4.536   9.268   -5.386  1.000 28.278 0 304 HOH AAA O   1 ? 
HETATM 1102 O  O   . HOH N 6 .   ? -5.607  -4.382  -17.554 1.000 45.760 0 305 HOH AAA O   1 ? 
HETATM 1103 O  O   . HOH N 6 .   ? -4.109  -5.932  -1.566  1.000 27.277 0 306 HOH AAA O   1 ? 
HETATM 1104 O  O   . HOH N 6 .   ? -6.126  6.558   -21.240 0.500 32.551 0 307 HOH AAA O   1 ? 
HETATM 1105 O  O   . HOH N 6 .   ? -5.749  13.466  -9.488  1.000 45.022 0 308 HOH AAA O   1 ? 
HETATM 1106 O  O   . HOH N 6 .   ? -7.743  5.858   4.264   1.000 38.367 0 309 HOH AAA O   1 ? 
HETATM 1107 O  O   . HOH N 6 .   ? -6.140  8.349   -3.424  1.000 41.819 0 310 HOH AAA O   1 ? 
HETATM 1108 O  O   . HOH N 6 .   ? 9.087   -15.849 0.900   1.000 54.429 0 311 HOH AAA O   1 ? 
HETATM 1109 O  O   . HOH N 6 .   ? 6.993   -2.562  -13.865 1.000 57.514 0 312 HOH AAA O   1 ? 
HETATM 1110 O  O   . HOH N 6 .   ? 5.020   -3.827  -9.853  1.000 39.215 0 313 HOH AAA O   1 ? 
HETATM 1111 O  O   . HOH N 6 .   ? 7.484   -7.441  17.274  1.000 35.993 0 314 HOH AAA O   1 ? 
HETATM 1112 O  O   . HOH N 6 .   ? 7.546   8.355   13.177  1.000 27.042 0 315 HOH AAA O   1 ? 
HETATM 1113 O  O   . HOH N 6 .   ? 10.214  4.571   -8.529  1.000 38.750 0 316 HOH AAA O   1 ? 
HETATM 1114 O  O   . HOH N 6 .   ? -1.067  15.938  4.837   1.000 32.617 0 317 HOH AAA O   1 ? 
HETATM 1115 O  O   . HOH N 6 .   ? -7.507  -7.365  11.223  1.000 29.222 0 318 HOH AAA O   1 ? 
HETATM 1116 O  O   . HOH N 6 .   ? 13.369  -5.414  -1.648  1.000 50.740 0 319 HOH AAA O   1 ? 
HETATM 1117 O  O   . HOH N 6 .   ? -1.819  -14.254 2.112   1.000 47.749 0 320 HOH AAA O   1 ? 
HETATM 1118 O  O   . HOH N 6 .   ? -2.535  7.934   14.526  1.000 23.819 0 321 HOH AAA O   1 ? 
HETATM 1119 O  O   . HOH N 6 .   ? 8.125   -14.668 9.822   1.000 43.025 0 322 HOH AAA O   1 ? 
HETATM 1120 O  O   . HOH N 6 .   ? 10.552  -6.689  -4.441  1.000 50.209 0 323 HOH AAA O   1 ? 
HETATM 1121 O  O   . HOH N 6 .   ? -6.039  6.675   0.160   1.000 29.016 0 324 HOH AAA O   1 ? 
HETATM 1122 O  O   . HOH N 6 .   ? -6.255  -13.454 7.957   1.000 40.990 0 325 HOH AAA O   1 ? 
HETATM 1123 O  O   . HOH N 6 .   ? -3.322  2.570   -16.996 1.000 26.879 0 326 HOH AAA O   1 ? 
HETATM 1124 O  O   . HOH N 6 .   ? -14.737 0.555   -5.814  0.500 24.008 0 327 HOH AAA O   1 ? 
HETATM 1125 O  O   . HOH N 6 .   ? -0.777  16.014  8.061   1.000 50.074 0 328 HOH AAA O   1 ? 
HETATM 1126 O  O   . HOH N 6 .   ? -11.175 4.042   -11.766 1.000 19.436 0 329 HOH AAA O   1 ? 
HETATM 1127 O  O   . HOH N 6 .   ? -5.444  -6.605  13.680  1.000 48.249 0 330 HOH AAA O   1 ? 
HETATM 1128 O  O   . HOH N 6 .   ? 14.258  -5.048  1.267   1.000 47.512 0 331 HOH AAA O   1 ? 
HETATM 1129 O  O   . HOH N 6 .   ? 5.868   -0.432  21.544  1.000 63.241 0 332 HOH AAA O   1 ? 
HETATM 1130 O  O   . HOH N 6 .   ? 11.384  7.484   15.461  1.000 56.624 0 333 HOH AAA O   1 ? 
HETATM 1131 O  O   . HOH N 6 .   ? 9.355   -3.090  -7.269  1.000 37.113 0 334 HOH AAA O   1 ? 
HETATM 1132 O  O   . HOH N 6 .   ? 1.231   -12.950 -6.242  1.000 56.136 0 335 HOH AAA O   1 ? 
HETATM 1133 O  O   . HOH N 6 .   ? 15.440  4.930   8.703   1.000 33.683 0 336 HOH AAA O   1 ? 
HETATM 1134 O  O   . HOH N 6 .   ? -2.762  -8.082  -1.793  1.000 24.840 0 337 HOH AAA O   1 ? 
HETATM 1135 O  O   . HOH N 6 .   ? 4.503   -6.121  -14.017 1.000 56.863 0 338 HOH AAA O   1 ? 
HETATM 1136 O  O   . HOH N 6 .   ? 1.525   15.055  8.683   1.000 42.254 0 339 HOH AAA O   1 ? 
HETATM 1137 O  O   . HOH N 6 .   ? -3.736  5.772   -1.373  1.000 48.602 0 340 HOH AAA O   1 ? 
HETATM 1138 O  O   . HOH N 6 .   ? -8.808  -11.426 -2.707  1.000 37.821 0 341 HOH AAA O   1 ? 
HETATM 1139 O  O   . HOH N 6 .   ? -1.092  10.699  -3.302  1.000 48.913 0 342 HOH AAA O   1 ? 
HETATM 1140 O  O   . HOH N 6 .   ? -11.220 -9.640  2.200   1.000 19.551 0 343 HOH AAA O   1 ? 
HETATM 1141 O  O   . HOH N 6 .   ? 11.425  4.543   9.945   1.000 22.775 0 344 HOH AAA O   1 ? 
HETATM 1142 O  O   . HOH N 6 .   ? -12.812 7.548   -14.919 1.000 43.557 0 345 HOH AAA O   1 ? 
HETATM 1143 O  O   . HOH N 6 .   ? 0.180   -10.752 -5.466  1.000 26.075 0 346 HOH AAA O   1 ? 
HETATM 1144 O  O   . HOH N 6 .   ? -8.417  5.208   -0.411  1.000 23.767 0 347 HOH AAA O   1 ? 
HETATM 1145 O  O   A HOH N 6 .   ? -2.907  8.754   -0.915  0.500 22.991 0 348 HOH AAA O   1 ? 
HETATM 1146 O  O   B HOH N 6 .   ? -3.386  7.608   -0.578  0.500 20.621 0 348 HOH AAA O   1 ? 
HETATM 1147 O  O   . HOH N 6 .   ? -12.777 -0.750  -10.403 1.000 17.606 0 349 HOH AAA O   1 ? 
HETATM 1148 O  O   . HOH N 6 .   ? 11.860  -6.728  5.308   1.000 28.696 0 350 HOH AAA O   1 ? 
HETATM 1149 O  O   . HOH N 6 .   ? 1.372   4.670   17.767  1.000 36.755 0 351 HOH AAA O   1 ? 
HETATM 1150 O  O   . HOH N 6 .   ? 6.083   8.412   -3.361  1.000 23.362 0 352 HOH AAA O   1 ? 
HETATM 1151 O  O   . HOH N 6 .   ? 14.982  9.763   -4.340  1.000 50.069 0 353 HOH AAA O   1 ? 
HETATM 1152 O  O   . HOH N 6 .   ? 4.336   16.420  7.020   1.000 29.084 0 354 HOH AAA O   1 ? 
HETATM 1153 O  O   . HOH N 6 .   ? -6.901  0.639   -20.446 1.000 48.836 0 355 HOH AAA O   1 ? 
HETATM 1154 O  O   . HOH N 6 .   ? -8.949  -5.148  10.267  1.000 34.437 0 356 HOH AAA O   1 ? 
HETATM 1155 O  O   A HOH N 6 .   ? -8.845  -12.847 -0.499  0.500 25.839 0 357 HOH AAA O   1 ? 
HETATM 1156 O  O   B HOH N 6 .   ? -10.253 -13.361 0.467   0.500 32.358 0 357 HOH AAA O   1 ? 
HETATM 1157 O  O   . HOH N 6 .   ? -9.741  6.976   -2.163  1.000 35.528 0 358 HOH AAA O   1 ? 
HETATM 1158 O  O   . HOH N 6 .   ? -2.479  -2.255  -2.511  1.000 16.318 0 359 HOH AAA O   1 ? 
HETATM 1159 O  O   . HOH N 6 .   ? 3.183   -5.291  -8.828  1.000 28.292 0 360 HOH AAA O   1 ? 
HETATM 1160 O  O   . HOH N 6 .   ? -7.472  7.233   6.879   1.000 25.787 0 361 HOH AAA O   1 ? 
HETATM 1161 O  O   . HOH N 6 .   ? 13.808  -2.969  -4.697  1.000 51.008 0 362 HOH AAA O   1 ? 
HETATM 1162 O  O   . HOH N 6 .   ? -6.009  13.648  -11.774 1.000 54.161 0 363 HOH AAA O   1 ? 
HETATM 1163 O  O   . HOH N 6 .   ? 0.924   5.133   15.149  1.000 24.124 0 364 HOH AAA O   1 ? 
HETATM 1164 O  O   . HOH N 6 .   ? 11.617  9.069   1.432   1.000 22.046 0 365 HOH AAA O   1 ? 
HETATM 1165 O  O   . HOH N 6 .   ? -1.540  -10.577 -7.541  1.000 28.947 0 366 HOH AAA O   1 ? 
HETATM 1166 O  O   . HOH N 6 .   ? 2.581   13.456  13.824  1.000 36.501 0 367 HOH AAA O   1 ? 
HETATM 1167 O  O   . HOH N 6 .   ? 13.922  3.135   10.736  1.000 47.793 0 368 HOH AAA O   1 ? 
HETATM 1168 O  O   . HOH N 6 .   ? 1.755   -13.731 7.406   1.000 36.626 0 369 HOH AAA O   1 ? 
HETATM 1169 O  O   . HOH N 6 .   ? -10.536 0.752   -21.433 1.000 46.277 0 370 HOH AAA O   1 ? 
HETATM 1170 O  O   . HOH N 6 .   ? 2.563   8.382   18.844  1.000 31.854 0 371 HOH AAA O   1 ? 
HETATM 1171 O  O   . HOH N 6 .   ? 0.432   12.065  11.160  1.000 20.126 0 372 HOH AAA O   1 ? 
HETATM 1172 O  O   . HOH N 6 .   ? 2.321   3.802   -18.006 1.000 39.279 0 373 HOH AAA O   1 ? 
HETATM 1173 O  O   . HOH N 6 .   ? -7.595  -10.443 -7.452  1.000 38.149 0 374 HOH AAA O   1 ? 
HETATM 1174 O  O   . HOH N 6 .   ? -10.491 1.533   2.533   1.000 42.768 0 375 HOH AAA O   1 ? 
HETATM 1175 O  O   . HOH N 6 .   ? -6.771  -13.951 -3.859  1.000 33.837 0 376 HOH AAA O   1 ? 
HETATM 1176 O  O   . HOH N 6 .   ? -1.602  -0.568  -19.333 1.000 32.067 0 377 HOH AAA O   1 ? 
HETATM 1177 O  O   . HOH N 6 .   ? -10.310 13.723  -14.056 1.000 42.694 0 378 HOH AAA O   1 ? 
HETATM 1178 O  O   . HOH N 6 .   ? -10.029 -12.861 5.869   1.000 32.609 0 379 HOH AAA O   1 ? 
HETATM 1179 O  O   . HOH N 6 .   ? -9.156  12.504  -7.210  1.000 50.692 0 380 HOH AAA O   1 ? 
HETATM 1180 O  O   . HOH N 6 .   ? -2.208  -9.481  15.168  1.000 33.725 0 381 HOH AAA O   1 ? 
HETATM 1181 O  O   . HOH N 6 .   ? -8.189  -2.854  -19.282 1.000 28.267 0 382 HOH AAA O   1 ? 
HETATM 1182 O  O   . HOH N 6 .   ? 15.891  0.203   0.789   1.000 35.769 0 383 HOH AAA O   1 ? 
HETATM 1183 O  O   A HOH N 6 .   ? -15.793 4.442   -3.693  0.500 21.306 0 384 HOH AAA O   1 ? 
HETATM 1184 O  O   B HOH N 6 .   ? -15.530 3.081   -4.482  0.500 22.273 0 384 HOH AAA O   1 ? 
HETATM 1185 O  O   . HOH N 6 .   ? -2.064  -11.186 13.354  1.000 30.329 0 385 HOH AAA O   1 ? 
HETATM 1186 O  O   . HOH N 6 .   ? -5.598  -10.008 -11.174 1.000 42.889 0 386 HOH AAA O   1 ? 
HETATM 1187 O  O   . HOH N 6 .   ? 1.291   -7.738  -15.659 1.000 54.012 0 387 HOH AAA O   1 ? 
HETATM 1188 O  O   . HOH N 6 .   ? -11.693 -2.486  4.009   1.000 25.705 0 388 HOH AAA O   1 ? 
HETATM 1189 O  O   . HOH N 6 .   ? -10.614 11.586  -4.074  1.000 44.426 0 389 HOH AAA O   1 ? 
HETATM 1190 O  O   . HOH N 6 .   ? 2.784   -12.739 16.417  1.000 51.674 0 390 HOH AAA O   1 ? 
HETATM 1191 O  O   . HOH N 6 .   ? 6.167   -13.797 -4.180  1.000 49.730 0 391 HOH AAA O   1 ? 
HETATM 1192 O  O   . HOH N 6 .   ? -15.231 5.432   -1.154  1.000 57.051 0 392 HOH AAA O   1 ? 
HETATM 1193 O  O   . HOH N 6 .   ? 5.721   16.158  3.400   1.000 42.637 0 393 HOH AAA O   1 ? 
HETATM 1194 O  O   . HOH N 6 .   ? -17.028 1.214   -14.318 1.000 29.424 0 394 HOH AAA O   1 ? 
HETATM 1195 O  O   . HOH N 6 .   ? -1.698  3.453   -18.971 1.000 44.335 0 395 HOH AAA O   1 ? 
HETATM 1196 O  O   A HOH N 6 .   ? -0.999  -4.400  -16.992 0.500 25.615 0 396 HOH AAA O   1 ? 
HETATM 1197 O  O   B HOH N 6 .   ? -2.915  -4.351  -17.647 0.500 35.272 0 396 HOH AAA O   1 ? 
HETATM 1198 O  O   . HOH N 6 .   ? 8.484   4.646   16.032  1.000 46.191 0 397 HOH AAA O   1 ? 
HETATM 1199 O  O   . HOH N 6 .   ? -4.697  5.381   -19.854 1.000 51.470 0 398 HOH AAA O   1 ? 
HETATM 1200 O  O   . HOH N 6 .   ? -9.040  4.812   2.522   1.000 46.150 0 399 HOH AAA O   1 ? 
HETATM 1201 O  O   . HOH N 6 .   ? -8.881  1.821   9.763   1.000 36.371 0 400 HOH AAA O   1 ? 
HETATM 1202 O  O   . HOH N 6 .   ? -1.322  -7.724  -4.016  1.000 24.156 0 401 HOH AAA O   1 ? 
HETATM 1203 O  O   . HOH N 6 .   ? -10.751 9.234   -14.727 1.000 59.786 0 402 HOH AAA O   1 ? 
HETATM 1204 O  O   . HOH N 6 .   ? -3.235  8.244   -4.336  1.000 44.387 0 403 HOH AAA O   1 ? 
HETATM 1205 O  O   . HOH N 6 .   ? 8.054   -11.037 -6.166  1.000 53.515 0 404 HOH AAA O   1 ? 
HETATM 1206 O  O   . HOH N 6 .   ? 11.974  -12.159 11.483  0.500 46.138 0 405 HOH AAA O   1 ? 
HETATM 1207 O  O   . HOH N 6 .   ? -14.594 1.359   -18.840 1.000 43.183 0 406 HOH AAA O   1 ? 
HETATM 1208 O  O   . HOH N 6 .   ? -3.802  14.695  -0.700  1.000 46.497 0 407 HOH AAA O   1 ? 
HETATM 1209 O  O   . HOH N 6 .   ? 7.605   7.088   -11.045 1.000 53.662 0 408 HOH AAA O   1 ? 
HETATM 1210 O  O   . HOH N 6 .   ? 6.336   10.253  18.230  1.000 54.680 0 409 HOH AAA O   1 ? 
HETATM 1211 O  O   . HOH N 6 .   ? 2.741   3.506   -22.561 1.000 58.259 0 410 HOH AAA O   1 ? 
HETATM 1212 O  O   . HOH N 6 .   ? 9.147   10.339  14.452  1.000 42.194 0 411 HOH AAA O   1 ? 
HETATM 1213 O  O   . HOH N 6 .   ? 13.802  8.572   2.825   1.000 34.409 0 412 HOH AAA O   1 ? 
HETATM 1214 O  O   . HOH N 6 .   ? -1.597  -0.664  17.432  1.000 51.088 0 413 HOH AAA O   1 ? 
HETATM 1215 O  O   . HOH N 6 .   ? 9.494   12.756  12.992  1.000 31.351 0 414 HOH AAA O   1 ? 
HETATM 1216 O  O   . HOH N 6 .   ? -6.720  7.866   2.658   1.000 36.315 0 415 HOH AAA O   1 ? 
HETATM 1217 O  O   . HOH N 6 .   ? -10.295 4.591   -20.151 1.000 54.906 0 416 HOH AAA O   1 ? 
HETATM 1218 O  O   . HOH N 6 .   ? 9.105   7.040   17.310  1.000 51.105 0 417 HOH AAA O   1 ? 
HETATM 1219 O  O   . HOH N 6 .   ? 6.072   14.256  11.435  1.000 24.918 0 418 HOH AAA O   1 ? 
HETATM 1220 O  O   . HOH N 6 .   ? 17.524  3.295   8.301   1.000 47.950 0 419 HOH AAA O   1 ? 
HETATM 1221 O  O   . HOH N 6 .   ? 9.326   -11.841 -1.371  1.000 59.176 0 420 HOH AAA O   1 ? 
HETATM 1222 O  O   . HOH N 6 .   ? -15.764 9.153   -10.056 1.000 52.767 0 421 HOH AAA O   1 ? 
HETATM 1223 O  O   . HOH N 6 .   ? 11.707  -8.863  -4.074  1.000 67.422 0 422 HOH AAA O   1 ? 
HETATM 1224 O  O   . HOH N 6 .   ? 2.463   9.710   -21.306 1.000 44.119 0 423 HOH AAA O   1 ? 
HETATM 1225 O  O   . HOH N 6 .   ? 2.308   11.078  17.995  1.000 41.600 0 424 HOH AAA O   1 ? 
HETATM 1226 O  O   . HOH N 6 .   ? 11.508  -0.221  -7.376  1.000 46.644 0 425 HOH AAA O   1 ? 
HETATM 1227 O  O   . HOH N 6 .   ? 13.412  2.424   13.693  1.000 59.673 0 426 HOH AAA O   1 ? 
HETATM 1228 O  O   . HOH N 6 .   ? 5.040   -14.967 6.852   0.500 49.542 0 427 HOH AAA O   1 ? 
HETATM 1229 O  O   . HOH N 6 .   ? 3.388   -1.050  22.415  1.000 56.327 0 428 HOH AAA O   1 ? 
HETATM 1230 O  O   . HOH N 6 .   ? 11.577  2.389   -8.638  1.000 63.578 0 429 HOH AAA O   1 ? 
HETATM 1231 O  O   . HOH N 6 .   ? 3.371   15.557  1.100   1.000 52.467 0 430 HOH AAA O   1 ? 
HETATM 1232 O  O   . HOH N 6 .   ? -6.652  14.210  -14.167 1.000 57.581 0 431 HOH AAA O   1 ? 
HETATM 1233 O  O   . HOH N 6 .   ? 8.443   -11.388 -3.711  1.000 64.221 0 432 HOH AAA O   1 ? 
HETATM 1234 O  O   . HOH N 6 .   ? -3.160  -11.697 -9.140  1.000 57.502 0 433 HOH AAA O   1 ? 
HETATM 1235 O  O   . HOH N 6 .   ? 10.158  -16.288 17.467  1.000 53.891 0 434 HOH AAA O   1 ? 
HETATM 1236 O  O   . HOH N 6 .   ? 0.383   7.349   18.388  1.000 38.065 0 435 HOH AAA O   1 ? 
HETATM 1237 O  O   . HOH N 6 .   ? -17.174 8.554   -5.948  1.000 60.825 0 436 HOH AAA O   1 ? 
HETATM 1238 O  O   . HOH N 6 .   ? 0.676   -15.448 20.230  1.000 68.442 0 437 HOH AAA O   1 ? 
HETATM 1239 O  O   . HOH N 6 .   ? 15.754  -2.502  1.471   1.000 50.361 0 438 HOH AAA O   1 ? 
HETATM 1240 O  O   . HOH N 6 .   ? -8.440  -1.276  -21.482 1.000 42.929 0 439 HOH AAA O   1 ? 
HETATM 1241 O  O   . HOH N 6 .   ? 4.100   15.584  9.903   1.000 29.824 0 440 HOH AAA O   1 ? 
HETATM 1242 O  O   . HOH N 6 .   ? 4.390   -8.113  -12.511 1.000 53.238 0 441 HOH AAA O   1 ? 
HETATM 1243 O  O   . HOH N 6 .   ? 7.692   18.356  -4.739  1.000 55.806 0 442 HOH AAA O   1 ? 
HETATM 1244 O  O   . HOH N 6 .   ? -0.243  2.954   18.831  1.000 54.227 0 443 HOH AAA O   1 ? 
HETATM 1245 O  O   . HOH N 6 .   ? 3.588   -7.648  -9.879  1.000 41.156 0 444 HOH AAA O   1 ? 
HETATM 1246 O  O   . HOH N 6 .   ? -0.220  -10.684 -9.846  1.000 50.911 0 445 HOH AAA O   1 ? 
HETATM 1247 O  O   . HOH N 6 .   ? -17.915 6.155   -4.449  0.500 38.006 0 446 HOH AAA O   1 ? 
HETATM 1248 O  O   . HOH N 6 .   ? -1.552  -11.212 17.259  1.000 64.160 0 447 HOH AAA O   1 ? 
# 
